data_2WV0
#
_entry.id   2WV0
#
_cell.length_a   208.410
_cell.length_b   137.080
_cell.length_c   120.190
_cell.angle_alpha   90.00
_cell.angle_beta   94.97
_cell.angle_gamma   90.00
#
_symmetry.space_group_name_H-M   'C 1 2 1'
#
loop_
_entity.id
_entity.type
_entity.pdbx_description
1 polymer 'HTH-TYPE TRANSCRIPTIONAL REPRESSOR YVOA'
2 non-polymer 'SULFATE ION'
3 water water
#
_entity_poly.entity_id   1
_entity_poly.type   'polypeptide(L)'
_entity_poly.pdbx_seq_one_letter_code
;MNINKQSPIPIYYQIMEQLKTQIKNGELQPDMPLPSEREYAEQFGISRMTVRQALSNLVNEGLLYRLKGRGTFVSKPKME
QALQGLTSFTEDMKSRGMTPGSRLIDYQLIDSTEELAAILGCGHPSSIHKITRVRLANDIPMAIESSHIPFELAGELNES
HFQSSIYDHIERYNSIPISRAKQELEPSAATTEEANILGIQKGAPVLLIKRTTYLQNGTAFEHAKSVYRGDRYTFVHYMD
RLS
;
_entity_poly.pdbx_strand_id   A,B,C,D,E,F,G,H,I,J
#
# COMPACT_ATOMS: atom_id res chain seq x y z
N MET A 1 -13.71 -9.43 -45.93
CA MET A 1 -12.51 -8.57 -46.13
C MET A 1 -12.92 -7.13 -46.39
N ASN A 2 -12.27 -6.20 -45.70
CA ASN A 2 -12.72 -4.82 -45.65
C ASN A 2 -11.61 -3.80 -45.94
N ILE A 3 -11.83 -3.00 -46.97
CA ILE A 3 -10.91 -1.93 -47.33
C ILE A 3 -11.49 -0.57 -46.93
N ASN A 4 -10.66 0.24 -46.30
CA ASN A 4 -11.02 1.59 -45.92
C ASN A 4 -10.17 2.58 -46.71
N LYS A 5 -10.77 3.15 -47.74
CA LYS A 5 -10.05 3.95 -48.73
C LYS A 5 -9.55 5.27 -48.15
N GLN A 6 -10.20 5.72 -47.09
CA GLN A 6 -9.92 7.04 -46.52
C GLN A 6 -8.86 6.99 -45.43
N SER A 7 -8.47 5.78 -45.05
CA SER A 7 -7.45 5.57 -44.03
C SER A 7 -6.04 5.94 -44.50
N PRO A 8 -5.19 6.52 -43.60
CA PRO A 8 -3.77 6.77 -43.88
C PRO A 8 -3.00 5.55 -44.38
N ILE A 9 -3.39 4.36 -43.91
CA ILE A 9 -2.77 3.11 -44.31
C ILE A 9 -3.09 2.81 -45.77
N PRO A 10 -2.04 2.62 -46.61
CA PRO A 10 -2.21 2.38 -48.07
C PRO A 10 -3.08 1.18 -48.36
N ILE A 11 -3.86 1.27 -49.43
CA ILE A 11 -4.78 0.20 -49.75
C ILE A 11 -4.08 -1.16 -49.85
N TYR A 12 -2.92 -1.18 -50.51
CA TYR A 12 -2.23 -2.44 -50.79
C TYR A 12 -1.86 -3.13 -49.46
N TYR A 13 -1.46 -2.32 -48.48
CA TYR A 13 -1.03 -2.77 -47.14
C TYR A 13 -2.21 -3.30 -46.35
N GLN A 14 -3.36 -2.63 -46.45
CA GLN A 14 -4.63 -3.14 -45.92
C GLN A 14 -4.93 -4.56 -46.44
N ILE A 15 -4.69 -4.79 -47.73
CA ILE A 15 -4.95 -6.08 -48.38
C ILE A 15 -3.98 -7.17 -47.90
N MET A 16 -2.68 -6.90 -47.91
CA MET A 16 -1.66 -7.82 -47.42
C MET A 16 -2.00 -8.29 -46.01
N GLU A 17 -2.31 -7.33 -45.12
CA GLU A 17 -2.54 -7.64 -43.72
C GLU A 17 -3.73 -8.55 -43.54
N GLN A 18 -4.76 -8.36 -44.36
CA GLN A 18 -6.00 -9.12 -44.20
C GLN A 18 -5.89 -10.50 -44.78
N LEU A 19 -5.21 -10.60 -45.91
CA LEU A 19 -4.90 -11.85 -46.54
C LEU A 19 -4.04 -12.71 -45.62
N LYS A 20 -3.04 -12.10 -44.99
CA LYS A 20 -2.23 -12.75 -43.95
C LYS A 20 -3.04 -13.33 -42.79
N THR A 21 -4.07 -12.60 -42.37
CA THR A 21 -5.01 -13.04 -41.35
C THR A 21 -5.85 -14.21 -41.86
N GLN A 22 -6.34 -14.11 -43.10
CA GLN A 22 -7.14 -15.16 -43.72
C GLN A 22 -6.35 -16.47 -43.86
N ILE A 23 -5.05 -16.36 -44.07
CA ILE A 23 -4.19 -17.54 -44.13
C ILE A 23 -4.06 -18.23 -42.76
N LYS A 24 -3.93 -17.45 -41.69
CA LYS A 24 -3.89 -18.00 -40.33
C LYS A 24 -5.28 -18.39 -39.81
N ASN A 25 -6.30 -17.67 -40.29
CA ASN A 25 -7.69 -18.05 -40.05
C ASN A 25 -7.94 -19.44 -40.62
N GLY A 26 -7.38 -19.70 -41.80
CA GLY A 26 -7.66 -20.92 -42.54
C GLY A 26 -8.84 -20.70 -43.46
N GLU A 27 -9.11 -19.44 -43.76
CA GLU A 27 -10.12 -19.08 -44.75
C GLU A 27 -9.50 -19.21 -46.14
N LEU A 28 -8.18 -19.04 -46.20
CA LEU A 28 -7.38 -19.41 -47.36
C LEU A 28 -6.49 -20.57 -46.96
N GLN A 29 -6.78 -21.74 -47.52
CA GLN A 29 -6.06 -22.95 -47.15
CA GLN A 29 -6.09 -22.99 -47.18
C GLN A 29 -4.86 -23.20 -48.07
N PRO A 30 -3.82 -23.92 -47.55
CA PRO A 30 -2.61 -24.16 -48.33
C PRO A 30 -2.84 -24.83 -49.68
N ASP A 31 -2.00 -24.49 -50.65
CA ASP A 31 -2.03 -25.05 -52.02
C ASP A 31 -3.34 -24.79 -52.76
N MET A 32 -4.13 -23.85 -52.25
CA MET A 32 -5.42 -23.53 -52.87
C MET A 32 -5.39 -22.15 -53.51
N PRO A 33 -5.92 -22.04 -54.76
CA PRO A 33 -5.93 -20.81 -55.56
C PRO A 33 -6.56 -19.63 -54.85
N LEU A 34 -6.01 -18.45 -55.15
CA LEU A 34 -6.60 -17.20 -54.68
C LEU A 34 -7.47 -16.62 -55.79
N PRO A 35 -8.50 -15.81 -55.41
CA PRO A 35 -9.24 -15.02 -56.38
C PRO A 35 -8.28 -14.32 -57.33
N SER A 36 -8.72 -14.06 -58.56
CA SER A 36 -7.89 -13.37 -59.51
C SER A 36 -7.74 -11.92 -59.11
N GLU A 37 -6.74 -11.29 -59.72
CA GLU A 37 -6.41 -9.88 -59.55
C GLU A 37 -7.60 -8.96 -59.90
N ARG A 38 -8.28 -9.26 -61.01
CA ARG A 38 -9.48 -8.51 -61.42
C ARG A 38 -10.69 -8.71 -60.48
N GLU A 39 -10.88 -9.93 -59.98
CA GLU A 39 -11.96 -10.23 -59.02
C GLU A 39 -11.79 -9.38 -57.77
N TYR A 40 -10.59 -9.37 -57.21
CA TYR A 40 -10.27 -8.52 -56.07
C TYR A 40 -10.49 -7.05 -56.40
N ALA A 41 -9.98 -6.63 -57.57
CA ALA A 41 -10.15 -5.25 -58.04
C ALA A 41 -11.63 -4.83 -58.06
N GLU A 42 -12.47 -5.75 -58.55
CA GLU A 42 -13.91 -5.53 -58.68
C GLU A 42 -14.62 -5.58 -57.33
N GLN A 43 -14.22 -6.53 -56.48
CA GLN A 43 -14.83 -6.69 -55.16
C GLN A 43 -14.61 -5.49 -54.22
N PHE A 44 -13.56 -4.71 -54.43
CA PHE A 44 -13.31 -3.54 -53.58
C PHE A 44 -13.47 -2.19 -54.28
N GLY A 45 -13.67 -2.24 -55.60
CA GLY A 45 -13.66 -1.03 -56.41
C GLY A 45 -12.33 -0.31 -56.29
N ILE A 46 -11.25 -1.02 -56.58
CA ILE A 46 -9.90 -0.42 -56.59
C ILE A 46 -9.15 -0.77 -57.87
N SER A 47 -8.03 -0.08 -58.07
CA SER A 47 -7.12 -0.34 -59.18
C SER A 47 -6.58 -1.77 -59.10
N ARG A 48 -6.51 -2.42 -60.26
CA ARG A 48 -5.96 -3.78 -60.36
C ARG A 48 -4.48 -3.80 -59.99
N MET A 49 -3.80 -2.67 -60.25
CA MET A 49 -2.40 -2.50 -59.95
C MET A 49 -2.10 -2.47 -58.45
N THR A 50 -3.09 -2.04 -57.66
CA THR A 50 -2.99 -2.03 -56.21
C THR A 50 -3.11 -3.46 -55.70
N VAL A 51 -4.01 -4.23 -56.30
CA VAL A 51 -4.10 -5.64 -55.95
C VAL A 51 -2.79 -6.35 -56.28
N ARG A 52 -2.24 -6.06 -57.46
CA ARG A 52 -0.99 -6.64 -57.91
C ARG A 52 0.14 -6.36 -56.94
N GLN A 53 0.22 -5.11 -56.48
CA GLN A 53 1.21 -4.69 -55.50
C GLN A 53 1.10 -5.53 -54.23
N ALA A 54 -0.12 -5.74 -53.73
CA ALA A 54 -0.30 -6.56 -52.51
C ALA A 54 0.16 -7.99 -52.73
N LEU A 55 -0.36 -8.61 -53.80
CA LEU A 55 -0.10 -10.03 -54.09
C LEU A 55 1.36 -10.29 -54.41
N SER A 56 1.93 -9.39 -55.19
CA SER A 56 3.32 -9.46 -55.57
C SER A 56 4.22 -9.36 -54.34
N ASN A 57 3.88 -8.45 -53.42
CA ASN A 57 4.63 -8.36 -52.17
C ASN A 57 4.61 -9.65 -51.34
N LEU A 58 3.46 -10.32 -51.28
CA LEU A 58 3.31 -11.55 -50.51
C LEU A 58 4.05 -12.73 -51.13
N VAL A 59 4.06 -12.78 -52.47
CA VAL A 59 4.88 -13.72 -53.24
C VAL A 59 6.36 -13.50 -52.92
N ASN A 60 6.85 -12.27 -53.02
CA ASN A 60 8.25 -11.96 -52.72
C ASN A 60 8.68 -12.26 -51.29
N GLU A 61 7.72 -12.26 -50.36
CA GLU A 61 7.94 -12.66 -48.97
C GLU A 61 7.85 -14.16 -48.78
N GLY A 62 7.42 -14.87 -49.82
CA GLY A 62 7.29 -16.30 -49.71
C GLY A 62 5.98 -16.79 -49.12
N LEU A 63 5.06 -15.87 -48.83
CA LEU A 63 3.75 -16.26 -48.30
C LEU A 63 2.80 -16.81 -49.37
N LEU A 64 2.99 -16.37 -50.61
CA LEU A 64 2.21 -16.89 -51.72
C LEU A 64 3.18 -17.37 -52.78
N TYR A 65 2.71 -18.20 -53.69
CA TYR A 65 3.48 -18.45 -54.90
C TYR A 65 2.61 -18.33 -56.14
N ARG A 66 3.26 -18.17 -57.28
CA ARG A 66 2.57 -17.97 -58.56
C ARG A 66 3.01 -19.06 -59.53
N LEU A 67 2.04 -19.60 -60.26
CA LEU A 67 2.30 -20.54 -61.35
C LEU A 67 1.95 -19.84 -62.66
N LYS A 68 2.94 -19.65 -63.53
CA LYS A 68 2.75 -18.88 -64.76
C LYS A 68 1.52 -19.30 -65.54
N GLY A 69 0.60 -18.35 -65.72
CA GLY A 69 -0.63 -18.56 -66.49
C GLY A 69 -1.68 -19.38 -65.76
N ARG A 70 -1.56 -19.50 -64.44
CA ARG A 70 -2.46 -20.35 -63.66
C ARG A 70 -2.78 -19.80 -62.25
N GLY A 71 -2.36 -18.56 -61.97
CA GLY A 71 -2.79 -17.86 -60.75
C GLY A 71 -1.83 -17.88 -59.56
N THR A 72 -2.32 -17.40 -58.42
CA THR A 72 -1.55 -17.29 -57.20
C THR A 72 -2.09 -18.25 -56.12
N PHE A 73 -1.18 -18.84 -55.33
CA PHE A 73 -1.55 -19.85 -54.33
C PHE A 73 -0.89 -19.61 -52.97
N VAL A 74 -1.48 -20.19 -51.92
CA VAL A 74 -0.93 -20.11 -50.57
C VAL A 74 0.22 -21.11 -50.45
N SER A 75 1.33 -20.65 -49.87
CA SER A 75 2.51 -21.49 -49.68
C SER A 75 2.45 -22.32 -48.39
N LYS A 76 2.86 -23.59 -48.47
CA LYS A 76 3.02 -24.42 -47.28
C LYS A 76 4.18 -23.90 -46.43
N PRO A 77 3.98 -23.80 -45.10
CA PRO A 77 5.04 -23.26 -44.28
C PRO A 77 6.21 -24.23 -44.05
N LYS A 78 7.24 -23.73 -43.38
CA LYS A 78 8.47 -24.45 -43.11
C LYS A 78 8.54 -24.55 -41.60
N MET A 79 8.43 -25.76 -41.05
CA MET A 79 8.15 -25.93 -39.61
C MET A 79 9.14 -26.74 -38.77
N GLU A 80 10.08 -27.43 -39.42
CA GLU A 80 11.03 -28.30 -38.73
C GLU A 80 11.75 -27.56 -37.61
N GLN A 81 12.35 -26.42 -37.95
CA GLN A 81 13.12 -25.60 -37.01
C GLN A 81 12.23 -24.98 -35.91
N ALA A 82 11.01 -24.59 -36.28
CA ALA A 82 10.07 -23.98 -35.31
C ALA A 82 9.58 -24.96 -34.25
N LEU A 83 9.20 -26.16 -34.65
CA LEU A 83 8.61 -27.09 -33.68
C LEU A 83 9.64 -28.06 -33.08
N GLN A 84 10.64 -28.40 -33.86
CA GLN A 84 11.61 -29.42 -33.47
C GLN A 84 13.00 -28.87 -33.16
N GLY A 85 13.24 -27.60 -33.53
CA GLY A 85 14.56 -27.00 -33.39
C GLY A 85 14.66 -25.82 -32.44
N LEU A 86 15.41 -24.80 -32.89
CA LEU A 86 15.61 -23.54 -32.20
C LEU A 86 15.61 -22.42 -33.23
N THR A 87 14.74 -21.44 -33.05
CA THR A 87 14.64 -20.30 -33.96
C THR A 87 15.05 -19.01 -33.27
N SER A 88 15.57 -18.08 -34.07
CA SER A 88 15.69 -16.67 -33.68
C SER A 88 14.29 -16.07 -33.71
N PHE A 89 14.13 -14.88 -33.15
CA PHE A 89 12.87 -14.16 -33.28
C PHE A 89 12.48 -14.03 -34.76
N THR A 90 13.45 -13.72 -35.61
CA THR A 90 13.24 -13.50 -37.03
C THR A 90 12.64 -14.74 -37.73
N GLU A 91 13.23 -15.91 -37.51
CA GLU A 91 12.72 -17.17 -38.07
C GLU A 91 11.39 -17.56 -37.44
N ASP A 92 11.28 -17.33 -36.13
CA ASP A 92 10.05 -17.59 -35.38
C ASP A 92 8.84 -16.87 -36.01
N MET A 93 8.96 -15.58 -36.25
CA MET A 93 7.87 -14.82 -36.90
C MET A 93 7.51 -15.33 -38.31
N LYS A 94 8.53 -15.62 -39.12
CA LYS A 94 8.33 -16.23 -40.44
C LYS A 94 7.65 -17.61 -40.40
N SER A 95 7.95 -18.44 -39.38
CA SER A 95 7.25 -19.72 -39.25
C SER A 95 5.75 -19.53 -39.02
N ARG A 96 5.39 -18.37 -38.48
CA ARG A 96 4.00 -18.03 -38.15
C ARG A 96 3.31 -17.20 -39.25
N GLY A 97 4.01 -16.97 -40.36
CA GLY A 97 3.50 -16.14 -41.46
C GLY A 97 3.49 -14.64 -41.15
N MET A 98 4.37 -14.22 -40.24
CA MET A 98 4.43 -12.82 -39.80
C MET A 98 5.72 -12.14 -40.30
N THR A 99 5.69 -10.82 -40.49
CA THR A 99 6.88 -10.09 -40.95
C THR A 99 7.65 -9.50 -39.75
N PRO A 100 8.89 -9.99 -39.49
CA PRO A 100 9.64 -9.52 -38.32
C PRO A 100 10.30 -8.19 -38.57
N GLY A 101 10.45 -7.40 -37.52
CA GLY A 101 11.28 -6.21 -37.51
C GLY A 101 11.74 -5.90 -36.10
N SER A 102 12.52 -4.83 -35.97
CA SER A 102 13.08 -4.44 -34.69
C SER A 102 13.35 -2.95 -34.62
N ARG A 103 13.11 -2.39 -33.44
CA ARG A 103 13.43 -1.00 -33.16
CA ARG A 103 13.39 -0.99 -33.16
C ARG A 103 14.20 -0.89 -31.86
N LEU A 104 15.29 -0.14 -31.89
CA LEU A 104 16.17 -0.01 -30.75
C LEU A 104 15.55 0.89 -29.70
N ILE A 105 15.58 0.42 -28.46
CA ILE A 105 15.15 1.17 -27.28
C ILE A 105 16.39 1.71 -26.55
N ASP A 106 17.42 0.86 -26.41
CA ASP A 106 18.65 1.25 -25.73
C ASP A 106 19.80 0.37 -26.18
N TYR A 107 20.97 0.97 -26.35
CA TYR A 107 22.22 0.23 -26.53
C TYR A 107 23.29 0.73 -25.53
N GLN A 108 23.92 -0.20 -24.82
CA GLN A 108 25.03 0.10 -23.94
C GLN A 108 26.12 -0.97 -24.07
N LEU A 109 27.38 -0.54 -24.02
CA LEU A 109 28.47 -1.49 -23.94
C LEU A 109 28.92 -1.43 -22.49
N ILE A 110 28.65 -2.49 -21.75
CA ILE A 110 28.79 -2.48 -20.30
C ILE A 110 29.97 -3.33 -19.80
N ASP A 111 30.40 -3.09 -18.57
CA ASP A 111 31.44 -3.92 -17.98
C ASP A 111 30.86 -5.20 -17.42
N SER A 112 31.60 -6.28 -17.57
CA SER A 112 31.18 -7.58 -17.02
C SER A 112 31.06 -7.52 -15.51
N THR A 113 30.05 -8.23 -15.01
CA THR A 113 29.92 -8.51 -13.57
C THR A 113 30.20 -9.98 -13.37
N GLU A 114 30.50 -10.37 -12.13
CA GLU A 114 30.69 -11.76 -11.81
C GLU A 114 29.47 -12.61 -12.18
N GLU A 115 28.28 -12.04 -11.99
CA GLU A 115 27.02 -12.74 -12.26
C GLU A 115 26.82 -13.02 -13.75
N LEU A 116 27.01 -12.00 -14.59
CA LEU A 116 26.94 -12.16 -16.04
C LEU A 116 28.09 -13.02 -16.60
N ALA A 117 29.28 -12.81 -16.05
CA ALA A 117 30.43 -13.64 -16.37
C ALA A 117 30.11 -15.11 -16.13
N ALA A 118 29.48 -15.41 -14.99
CA ALA A 118 29.09 -16.79 -14.64
C ALA A 118 28.10 -17.37 -15.63
N ILE A 119 27.11 -16.57 -16.00
CA ILE A 119 26.06 -17.01 -16.92
C ILE A 119 26.62 -17.26 -18.33
N LEU A 120 27.42 -16.33 -18.83
CA LEU A 120 27.99 -16.46 -20.15
C LEU A 120 29.25 -17.32 -20.17
N GLY A 121 29.86 -17.49 -18.99
CA GLY A 121 31.12 -18.20 -18.91
C GLY A 121 32.16 -17.44 -19.72
N CYS A 122 31.98 -16.13 -19.83
CA CYS A 122 32.97 -15.25 -20.46
C CYS A 122 34.00 -14.76 -19.46
N GLY A 123 34.95 -13.96 -19.96
CA GLY A 123 36.03 -13.43 -19.12
C GLY A 123 35.54 -12.32 -18.22
N HIS A 124 36.23 -12.18 -17.09
CA HIS A 124 35.96 -11.09 -16.16
C HIS A 124 37.30 -10.57 -15.66
N PRO A 125 37.54 -9.25 -15.79
CA PRO A 125 36.64 -8.29 -16.41
C PRO A 125 36.62 -8.40 -17.94
N SER A 126 35.51 -7.97 -18.55
CA SER A 126 35.39 -7.87 -20.01
C SER A 126 34.27 -6.91 -20.42
N SER A 127 34.05 -6.77 -21.72
CA SER A 127 32.96 -5.92 -22.23
C SER A 127 31.83 -6.74 -22.81
N ILE A 128 30.61 -6.34 -22.46
CA ILE A 128 29.40 -7.04 -22.89
C ILE A 128 28.44 -6.05 -23.57
N HIS A 129 27.97 -6.38 -24.77
CA HIS A 129 26.90 -5.62 -25.40
C HIS A 129 25.60 -5.80 -24.60
N LYS A 130 24.84 -4.70 -24.40
CA LYS A 130 23.50 -4.75 -23.83
C LYS A 130 22.52 -4.10 -24.80
N ILE A 131 21.76 -4.94 -25.50
CA ILE A 131 20.90 -4.49 -26.57
C ILE A 131 19.44 -4.64 -26.16
N THR A 132 18.75 -3.50 -26.03
CA THR A 132 17.33 -3.51 -25.73
C THR A 132 16.52 -3.08 -26.95
N ARG A 133 15.70 -4.01 -27.46
CA ARG A 133 14.86 -3.76 -28.64
C ARG A 133 13.40 -4.11 -28.42
N VAL A 134 12.54 -3.38 -29.13
CA VAL A 134 11.17 -3.84 -29.38
C VAL A 134 11.22 -4.72 -30.63
N ARG A 135 10.75 -5.95 -30.49
CA ARG A 135 10.61 -6.85 -31.62
C ARG A 135 9.21 -6.71 -32.17
N LEU A 136 9.10 -6.47 -33.48
CA LEU A 136 7.78 -6.30 -34.08
C LEU A 136 7.43 -7.48 -34.98
N ALA A 137 6.13 -7.73 -35.13
CA ALA A 137 5.58 -8.64 -36.13
C ALA A 137 4.46 -7.89 -36.83
N ASN A 138 4.54 -7.79 -38.15
CA ASN A 138 3.59 -6.98 -38.95
C ASN A 138 3.48 -5.52 -38.47
N ASP A 139 4.63 -4.93 -38.17
CA ASP A 139 4.74 -3.54 -37.75
C ASP A 139 4.09 -3.26 -36.40
N ILE A 140 3.79 -4.31 -35.63
CA ILE A 140 3.08 -4.20 -34.37
C ILE A 140 3.97 -4.84 -33.28
N PRO A 141 4.19 -4.13 -32.15
CA PRO A 141 5.04 -4.67 -31.09
C PRO A 141 4.64 -6.07 -30.66
N MET A 142 5.63 -6.95 -30.53
CA MET A 142 5.40 -8.31 -30.12
C MET A 142 6.12 -8.64 -28.82
N ALA A 143 7.36 -8.15 -28.66
CA ALA A 143 8.15 -8.41 -27.46
C ALA A 143 9.11 -7.26 -27.16
N ILE A 144 9.52 -7.14 -25.90
CA ILE A 144 10.67 -6.32 -25.50
C ILE A 144 11.82 -7.23 -25.08
N GLU A 145 12.95 -7.10 -25.76
CA GLU A 145 14.04 -8.03 -25.56
C GLU A 145 15.26 -7.28 -25.06
N SER A 146 15.83 -7.77 -23.97
CA SER A 146 17.12 -7.26 -23.47
C SER A 146 18.16 -8.35 -23.61
N SER A 147 19.20 -8.06 -24.38
CA SER A 147 20.12 -9.10 -24.82
C SER A 147 21.55 -8.76 -24.44
N HIS A 148 22.25 -9.71 -23.81
CA HIS A 148 23.66 -9.54 -23.43
C HIS A 148 24.58 -10.42 -24.27
N ILE A 149 25.58 -9.82 -24.91
CA ILE A 149 26.53 -10.55 -25.77
C ILE A 149 27.99 -10.09 -25.54
N PRO A 150 28.88 -11.05 -25.20
CA PRO A 150 30.31 -10.77 -25.10
C PRO A 150 30.82 -10.05 -26.34
N PHE A 151 31.47 -8.91 -26.13
CA PHE A 151 31.93 -8.11 -27.24
C PHE A 151 32.73 -8.91 -28.28
N GLU A 152 33.61 -9.80 -27.81
CA GLU A 152 34.51 -10.54 -28.70
C GLU A 152 33.76 -11.41 -29.70
N LEU A 153 32.52 -11.80 -29.35
CA LEU A 153 31.72 -12.71 -30.14
C LEU A 153 30.89 -12.02 -31.22
N ALA A 154 30.91 -10.69 -31.20
CA ALA A 154 30.09 -9.89 -32.11
C ALA A 154 30.81 -8.69 -32.74
N GLY A 155 31.91 -8.24 -32.12
CA GLY A 155 32.65 -7.07 -32.57
C GLY A 155 31.84 -5.80 -32.45
N GLU A 156 32.15 -4.79 -33.24
CA GLU A 156 31.38 -3.54 -33.20
C GLU A 156 30.02 -3.64 -33.86
N LEU A 157 29.01 -3.21 -33.10
CA LEU A 157 27.61 -3.24 -33.53
C LEU A 157 27.05 -1.86 -33.77
N ASN A 158 26.08 -1.78 -34.68
CA ASN A 158 25.41 -0.53 -35.04
C ASN A 158 23.97 -0.77 -35.53
N GLU A 159 23.29 0.31 -35.92
CA GLU A 159 21.88 0.26 -36.32
C GLU A 159 21.55 -0.85 -37.34
N SER A 160 22.48 -1.14 -38.25
CA SER A 160 22.24 -2.15 -39.27
C SER A 160 22.12 -3.57 -38.69
N HIS A 161 22.78 -3.79 -37.56
CA HIS A 161 22.63 -5.06 -36.85
C HIS A 161 21.36 -5.09 -36.02
N PHE A 162 21.01 -3.97 -35.40
CA PHE A 162 19.87 -3.94 -34.51
C PHE A 162 18.54 -4.17 -35.24
N GLN A 163 18.49 -3.74 -36.51
CA GLN A 163 17.25 -3.79 -37.30
C GLN A 163 17.12 -5.09 -38.09
N SER A 164 18.07 -5.99 -37.91
CA SER A 164 17.94 -7.34 -38.47
C SER A 164 18.21 -8.45 -37.42
N SER A 165 18.58 -9.65 -37.90
CA SER A 165 18.80 -10.80 -37.03
C SER A 165 20.17 -10.71 -36.41
N ILE A 166 20.22 -10.73 -35.08
CA ILE A 166 21.48 -10.88 -34.35
C ILE A 166 22.08 -12.30 -34.46
N TYR A 167 21.23 -13.33 -34.45
CA TYR A 167 21.65 -14.72 -34.73
C TYR A 167 22.39 -14.84 -36.06
N ASP A 168 21.87 -14.20 -37.12
CA ASP A 168 22.57 -14.22 -38.41
C ASP A 168 23.95 -13.56 -38.34
N HIS A 169 24.04 -12.42 -37.68
CA HIS A 169 25.32 -11.79 -37.46
C HIS A 169 26.31 -12.70 -36.73
N ILE A 170 25.86 -13.29 -35.62
CA ILE A 170 26.70 -14.13 -34.77
C ILE A 170 27.34 -15.25 -35.56
N GLU A 171 26.54 -15.99 -36.33
CA GLU A 171 27.05 -17.08 -37.17
C GLU A 171 28.04 -16.60 -38.25
N ARG A 172 27.79 -15.43 -38.82
CA ARG A 172 28.69 -14.92 -39.88
C ARG A 172 29.97 -14.34 -39.31
N TYR A 173 29.87 -13.62 -38.20
CA TYR A 173 31.03 -13.02 -37.57
C TYR A 173 32.01 -14.08 -37.06
N ASN A 174 31.48 -15.17 -36.54
CA ASN A 174 32.29 -16.21 -35.91
C ASN A 174 32.57 -17.39 -36.81
N SER A 175 31.82 -17.49 -37.93
CA SER A 175 31.86 -18.63 -38.84
C SER A 175 31.75 -19.99 -38.12
N ILE A 176 30.79 -20.04 -37.21
CA ILE A 176 30.48 -21.24 -36.44
CA ILE A 176 30.48 -21.23 -36.43
C ILE A 176 28.95 -21.30 -36.27
N PRO A 177 28.37 -22.51 -36.41
CA PRO A 177 26.94 -22.59 -36.22
C PRO A 177 26.49 -22.31 -34.77
N ILE A 178 25.27 -21.82 -34.64
CA ILE A 178 24.54 -21.80 -33.37
C ILE A 178 24.02 -23.23 -33.16
N SER A 179 24.15 -23.77 -31.95
CA SER A 179 23.81 -25.17 -31.75
C SER A 179 22.66 -25.48 -30.79
N ARG A 180 22.54 -24.71 -29.70
CA ARG A 180 21.53 -25.00 -28.68
C ARG A 180 21.26 -23.83 -27.75
N ALA A 181 20.16 -23.93 -27.00
CA ALA A 181 19.76 -22.91 -26.03
C ALA A 181 19.09 -23.53 -24.82
N LYS A 182 19.35 -22.94 -23.65
CA LYS A 182 18.54 -23.19 -22.50
C LYS A 182 17.48 -22.06 -22.46
N GLN A 183 16.23 -22.43 -22.23
CA GLN A 183 15.17 -21.45 -22.16
C GLN A 183 14.30 -21.72 -20.95
N GLU A 184 13.90 -20.65 -20.27
CA GLU A 184 12.93 -20.71 -19.16
C GLU A 184 11.77 -19.79 -19.44
N LEU A 185 10.55 -20.29 -19.21
CA LEU A 185 9.32 -19.54 -19.41
C LEU A 185 8.55 -19.33 -18.11
N GLU A 186 8.13 -18.09 -17.89
CA GLU A 186 7.38 -17.71 -16.70
C GLU A 186 6.23 -16.78 -17.11
N PRO A 187 5.03 -16.99 -16.56
CA PRO A 187 3.99 -16.03 -16.84
C PRO A 187 4.09 -14.81 -15.92
N SER A 188 3.61 -13.67 -16.37
CA SER A 188 3.69 -12.46 -15.58
C SER A 188 2.62 -11.46 -15.97
N ALA A 189 2.64 -10.30 -15.33
CA ALA A 189 1.73 -9.20 -15.65
C ALA A 189 2.59 -8.05 -16.13
N ALA A 190 2.17 -7.41 -17.22
CA ALA A 190 2.91 -6.30 -17.82
C ALA A 190 3.00 -5.12 -16.86
N THR A 191 4.22 -4.64 -16.65
CA THR A 191 4.44 -3.38 -15.94
C THR A 191 3.89 -2.25 -16.82
N THR A 192 3.71 -1.08 -16.21
CA THR A 192 3.23 0.09 -16.91
C THR A 192 4.03 0.37 -18.17
N GLU A 193 5.36 0.38 -18.05
CA GLU A 193 6.21 0.70 -19.20
C GLU A 193 6.25 -0.40 -20.25
N GLU A 194 6.25 -1.66 -19.82
CA GLU A 194 6.17 -2.77 -20.79
C GLU A 194 4.84 -2.70 -21.54
N ALA A 195 3.73 -2.55 -20.82
CA ALA A 195 2.39 -2.41 -21.40
C ALA A 195 2.28 -1.30 -22.45
N ASN A 196 2.83 -0.12 -22.13
CA ASN A 196 2.74 1.09 -22.97
C ASN A 196 3.46 0.91 -24.30
N ILE A 197 4.64 0.29 -24.24
CA ILE A 197 5.46 0.00 -25.41
C ILE A 197 4.83 -1.14 -26.23
N LEU A 198 4.20 -2.08 -25.54
CA LEU A 198 3.70 -3.30 -26.15
C LEU A 198 2.33 -3.13 -26.80
N GLY A 199 1.54 -2.15 -26.34
CA GLY A 199 0.23 -1.85 -26.94
C GLY A 199 -0.90 -2.62 -26.28
N ILE A 200 -0.73 -2.90 -24.98
CA ILE A 200 -1.68 -3.68 -24.17
C ILE A 200 -1.91 -2.94 -22.86
N GLN A 201 -2.93 -3.34 -22.10
CA GLN A 201 -3.19 -2.73 -20.78
C GLN A 201 -2.15 -3.11 -19.71
N LYS A 202 -1.97 -2.20 -18.76
CA LYS A 202 -1.15 -2.47 -17.58
C LYS A 202 -1.71 -3.73 -16.90
N GLY A 203 -0.82 -4.67 -16.60
CA GLY A 203 -1.22 -5.87 -15.86
C GLY A 203 -1.67 -7.01 -16.76
N ALA A 204 -1.73 -6.78 -18.08
CA ALA A 204 -2.12 -7.82 -19.04
C ALA A 204 -1.13 -9.00 -19.05
N PRO A 205 -1.63 -10.21 -19.31
CA PRO A 205 -0.79 -11.41 -19.42
C PRO A 205 0.41 -11.24 -20.32
N VAL A 206 1.55 -11.75 -19.87
CA VAL A 206 2.81 -11.57 -20.57
C VAL A 206 3.68 -12.79 -20.28
N LEU A 207 4.49 -13.19 -21.27
CA LEU A 207 5.37 -14.35 -21.16
C LEU A 207 6.80 -13.87 -21.06
N LEU A 208 7.45 -14.29 -19.99
CA LEU A 208 8.82 -13.96 -19.70
C LEU A 208 9.66 -15.13 -20.15
N ILE A 209 10.56 -14.84 -21.06
CA ILE A 209 11.40 -15.83 -21.69
C ILE A 209 12.84 -15.44 -21.45
N LYS A 210 13.55 -16.33 -20.75
CA LYS A 210 14.98 -16.19 -20.46
C LYS A 210 15.71 -17.24 -21.30
N ARG A 211 16.68 -16.81 -22.09
CA ARG A 211 17.38 -17.73 -22.99
C ARG A 211 18.88 -17.53 -22.96
N THR A 212 19.61 -18.62 -22.75
CA THR A 212 21.06 -18.67 -23.00
C THR A 212 21.35 -19.52 -24.25
N THR A 213 21.94 -18.90 -25.27
CA THR A 213 22.17 -19.58 -26.52
C THR A 213 23.65 -19.86 -26.73
N TYR A 214 23.94 -21.00 -27.35
CA TYR A 214 25.31 -21.53 -27.49
C TYR A 214 25.77 -21.74 -28.94
N LEU A 215 27.05 -21.49 -29.16
CA LEU A 215 27.73 -21.85 -30.39
C LEU A 215 28.07 -23.33 -30.37
N GLN A 216 28.32 -23.90 -31.55
CA GLN A 216 28.72 -25.30 -31.71
C GLN A 216 29.97 -25.60 -30.86
N ASN A 217 30.74 -24.53 -30.68
CA ASN A 217 31.85 -24.38 -29.73
C ASN A 217 31.60 -24.87 -28.31
N GLY A 218 30.37 -24.67 -27.85
CA GLY A 218 30.01 -24.82 -26.46
C GLY A 218 30.13 -23.49 -25.75
N THR A 219 30.48 -22.45 -26.49
CA THR A 219 30.59 -21.09 -25.96
C THR A 219 29.24 -20.40 -25.99
N ALA A 220 28.77 -19.94 -24.82
CA ALA A 220 27.60 -19.04 -24.73
C ALA A 220 27.91 -17.70 -25.42
N PHE A 221 27.02 -17.27 -26.32
CA PHE A 221 27.18 -15.99 -27.00
C PHE A 221 26.11 -15.00 -26.60
N GLU A 222 25.05 -15.48 -25.95
CA GLU A 222 23.96 -14.61 -25.56
C GLU A 222 23.17 -15.08 -24.36
N HIS A 223 22.87 -14.13 -23.48
CA HIS A 223 21.86 -14.28 -22.48
C HIS A 223 20.82 -13.19 -22.73
N ALA A 224 19.57 -13.59 -22.93
CA ALA A 224 18.47 -12.65 -23.22
C ALA A 224 17.26 -12.82 -22.31
N LYS A 225 16.63 -11.69 -21.97
CA LYS A 225 15.36 -11.66 -21.28
C LYS A 225 14.34 -10.88 -22.08
N SER A 226 13.19 -11.51 -22.29
CA SER A 226 12.12 -10.96 -23.10
C SER A 226 10.80 -11.02 -22.36
N VAL A 227 9.94 -10.06 -22.71
CA VAL A 227 8.54 -10.02 -22.32
C VAL A 227 7.75 -10.10 -23.63
N TYR A 228 7.00 -11.18 -23.82
CA TYR A 228 6.15 -11.33 -25.02
C TYR A 228 4.69 -11.05 -24.69
N ARG A 229 3.99 -10.37 -25.59
CA ARG A 229 2.55 -10.16 -25.44
C ARG A 229 1.81 -11.50 -25.34
N GLY A 230 0.96 -11.62 -24.34
CA GLY A 230 0.16 -12.83 -24.16
C GLY A 230 -0.97 -12.97 -25.17
N ASP A 231 -1.54 -11.85 -25.61
CA ASP A 231 -2.63 -11.90 -26.60
C ASP A 231 -2.21 -12.34 -28.01
N ARG A 232 -0.92 -12.26 -28.31
CA ARG A 232 -0.43 -12.54 -29.66
C ARG A 232 0.54 -13.72 -29.73
N TYR A 233 1.10 -14.13 -28.61
CA TYR A 233 2.15 -15.15 -28.64
C TYR A 233 1.91 -16.41 -27.81
N THR A 234 2.04 -17.56 -28.44
CA THR A 234 2.11 -18.79 -27.68
C THR A 234 3.34 -19.58 -28.10
N PHE A 235 3.98 -20.19 -27.12
CA PHE A 235 5.19 -20.91 -27.32
C PHE A 235 4.82 -22.36 -27.67
N VAL A 236 5.40 -22.90 -28.73
CA VAL A 236 5.08 -24.27 -29.19
C VAL A 236 6.33 -25.09 -29.47
N HIS A 237 6.36 -26.34 -29.00
CA HIS A 237 7.50 -27.20 -29.26
C HIS A 237 7.22 -28.68 -29.05
N TYR A 238 8.04 -29.52 -29.66
CA TYR A 238 8.00 -30.96 -29.40
C TYR A 238 9.04 -31.36 -28.37
N MET A 239 8.76 -32.45 -27.66
CA MET A 239 9.64 -33.02 -26.67
C MET A 239 9.69 -34.51 -26.95
N ASP A 240 10.88 -35.09 -26.88
CA ASP A 240 11.04 -36.53 -27.09
C ASP A 240 11.46 -37.20 -25.78
N ARG A 241 10.86 -38.34 -25.50
CA ARG A 241 11.30 -39.12 -24.34
C ARG A 241 12.65 -39.75 -24.63
N LEU A 242 13.60 -39.55 -23.72
CA LEU A 242 14.91 -40.18 -23.81
C LEU A 242 14.88 -41.57 -23.21
N SER A 243 15.61 -42.49 -23.84
CA SER A 243 15.71 -43.87 -23.38
C SER A 243 17.11 -44.41 -23.65
N MET B 1 16.88 -22.65 10.52
CA MET B 1 15.58 -23.37 10.56
C MET B 1 14.83 -23.06 11.85
N ASN B 2 13.52 -22.88 11.75
CA ASN B 2 12.66 -22.72 12.93
C ASN B 2 11.62 -23.84 13.04
N ILE B 3 11.25 -24.18 14.28
CA ILE B 3 10.26 -25.23 14.52
C ILE B 3 9.15 -24.71 15.43
N ASN B 4 7.89 -24.89 15.02
CA ASN B 4 6.73 -24.54 15.83
CA ASN B 4 6.75 -24.55 15.87
C ASN B 4 6.07 -25.81 16.40
N LYS B 5 6.31 -26.08 17.67
CA LYS B 5 5.84 -27.30 18.33
C LYS B 5 4.33 -27.28 18.60
N GLN B 6 3.78 -26.09 18.75
CA GLN B 6 2.36 -25.90 19.00
C GLN B 6 1.48 -26.03 17.75
N SER B 7 2.13 -26.15 16.59
CA SER B 7 1.42 -26.26 15.31
C SER B 7 0.87 -27.68 15.12
N PRO B 8 -0.31 -27.81 14.50
CA PRO B 8 -0.82 -29.14 14.12
C PRO B 8 0.08 -29.92 13.16
N ILE B 9 0.91 -29.22 12.40
CA ILE B 9 1.84 -29.85 11.49
C ILE B 9 2.92 -30.57 12.32
N PRO B 10 3.08 -31.90 12.12
CA PRO B 10 4.10 -32.69 12.82
C PRO B 10 5.50 -32.10 12.68
N ILE B 11 6.28 -32.22 13.75
CA ILE B 11 7.63 -31.67 13.81
C ILE B 11 8.51 -32.23 12.68
N TYR B 12 8.54 -33.56 12.56
CA TYR B 12 9.34 -34.21 11.53
C TYR B 12 8.95 -33.69 10.13
N TYR B 13 7.70 -33.28 9.96
CA TYR B 13 7.21 -32.73 8.69
C TYR B 13 7.77 -31.33 8.46
N GLN B 14 7.78 -30.53 9.54
CA GLN B 14 8.34 -29.19 9.53
C GLN B 14 9.83 -29.21 9.21
N ILE B 15 10.50 -30.29 9.65
CA ILE B 15 11.91 -30.48 9.40
C ILE B 15 12.12 -30.87 7.94
N MET B 16 11.40 -31.90 7.49
CA MET B 16 11.48 -32.34 6.09
C MET B 16 11.42 -31.16 5.14
N GLU B 17 10.43 -30.29 5.33
CA GLU B 17 10.14 -29.20 4.39
C GLU B 17 11.18 -28.08 4.42
N GLN B 18 11.83 -27.88 5.56
CA GLN B 18 12.84 -26.82 5.64
C GLN B 18 14.20 -27.29 5.13
N LEU B 19 14.42 -28.60 5.21
CA LEU B 19 15.57 -29.24 4.59
C LEU B 19 15.42 -29.21 3.07
N LYS B 20 14.20 -29.49 2.58
CA LYS B 20 13.89 -29.38 1.15
C LYS B 20 14.18 -27.97 0.62
N THR B 21 13.86 -26.96 1.43
CA THR B 21 14.11 -25.56 1.08
C THR B 21 15.61 -25.28 1.02
N GLN B 22 16.34 -25.72 2.04
CA GLN B 22 17.80 -25.58 2.09
C GLN B 22 18.46 -26.12 0.82
N ILE B 23 18.02 -27.29 0.36
CA ILE B 23 18.51 -27.90 -0.87
C ILE B 23 18.14 -27.02 -2.08
N LYS B 24 16.85 -26.71 -2.21
CA LYS B 24 16.34 -25.92 -3.33
C LYS B 24 17.05 -24.58 -3.56
N ASN B 25 17.69 -24.04 -2.51
CA ASN B 25 18.49 -22.81 -2.67
C ASN B 25 20.00 -22.99 -2.48
N GLY B 26 20.43 -24.23 -2.27
CA GLY B 26 21.85 -24.54 -2.17
C GLY B 26 22.48 -24.06 -0.88
N GLU B 27 21.70 -24.12 0.21
CA GLU B 27 22.24 -23.99 1.55
C GLU B 27 22.72 -25.38 1.96
N LEU B 28 22.23 -26.40 1.27
CA LEU B 28 22.78 -27.74 1.29
C LEU B 28 23.17 -28.12 -0.14
N GLN B 29 24.45 -28.41 -0.34
CA GLN B 29 25.00 -28.71 -1.67
C GLN B 29 24.89 -30.20 -2.00
N PRO B 30 24.69 -30.55 -3.29
CA PRO B 30 24.58 -31.95 -3.67
C PRO B 30 25.80 -32.75 -3.22
N ASP B 31 25.56 -33.94 -2.69
CA ASP B 31 26.62 -34.89 -2.30
C ASP B 31 27.45 -34.46 -1.08
N MET B 32 27.01 -33.40 -0.41
CA MET B 32 27.64 -32.96 0.83
C MET B 32 26.90 -33.56 2.03
N PRO B 33 27.66 -34.05 3.03
CA PRO B 33 27.05 -34.61 4.25
C PRO B 33 26.15 -33.61 4.99
N LEU B 34 25.08 -34.12 5.56
CA LEU B 34 24.23 -33.32 6.44
C LEU B 34 24.70 -33.52 7.89
N PRO B 35 24.23 -32.66 8.81
CA PRO B 35 24.39 -32.97 10.22
C PRO B 35 23.74 -34.31 10.60
N SER B 36 24.26 -34.93 11.66
CA SER B 36 23.71 -36.16 12.21
C SER B 36 22.43 -35.90 13.01
N GLU B 37 21.82 -36.99 13.48
CA GLU B 37 20.62 -36.93 14.32
C GLU B 37 20.84 -36.12 15.61
N ARG B 38 21.93 -36.41 16.31
CA ARG B 38 22.26 -35.74 17.58
C ARG B 38 22.37 -34.22 17.45
N GLU B 39 23.03 -33.77 16.39
CA GLU B 39 23.21 -32.34 16.11
C GLU B 39 21.88 -31.63 15.86
N TYR B 40 21.06 -32.20 14.98
CA TYR B 40 19.71 -31.70 14.71
C TYR B 40 18.84 -31.76 15.97
N ALA B 41 18.85 -32.91 16.65
CA ALA B 41 18.15 -33.11 17.91
C ALA B 41 18.47 -31.99 18.91
N GLU B 42 19.76 -31.69 19.07
CA GLU B 42 20.22 -30.62 19.96
C GLU B 42 19.82 -29.23 19.44
N GLN B 43 19.84 -29.07 18.12
CA GLN B 43 19.55 -27.79 17.47
C GLN B 43 18.12 -27.30 17.75
N PHE B 44 17.16 -28.23 17.75
CA PHE B 44 15.74 -27.90 17.90
C PHE B 44 15.19 -28.22 19.28
N GLY B 45 15.97 -28.97 20.07
CA GLY B 45 15.53 -29.41 21.39
C GLY B 45 14.46 -30.48 21.31
N ILE B 46 14.67 -31.45 20.42
CA ILE B 46 13.69 -32.52 20.21
C ILE B 46 14.31 -33.91 20.21
N SER B 47 13.44 -34.92 20.20
CA SER B 47 13.83 -36.32 20.12
C SER B 47 14.72 -36.60 18.90
N ARG B 48 15.65 -37.54 19.06
CA ARG B 48 16.52 -37.96 17.98
C ARG B 48 15.73 -38.78 16.95
N MET B 49 14.74 -39.51 17.45
CA MET B 49 13.90 -40.37 16.63
C MET B 49 13.02 -39.56 15.68
N THR B 50 12.76 -38.30 16.04
CA THR B 50 11.98 -37.39 15.19
C THR B 50 12.81 -36.89 14.03
N VAL B 51 14.08 -36.58 14.30
CA VAL B 51 15.02 -36.21 13.24
C VAL B 51 15.23 -37.37 12.28
N ARG B 52 15.47 -38.57 12.84
CA ARG B 52 15.62 -39.81 12.08
C ARG B 52 14.42 -40.06 11.15
N GLN B 53 13.23 -39.82 11.67
CA GLN B 53 11.99 -39.96 10.91
C GLN B 53 11.94 -39.02 9.71
N ALA B 54 12.44 -37.79 9.89
CA ALA B 54 12.49 -36.83 8.80
C ALA B 54 13.52 -37.23 7.76
N LEU B 55 14.72 -37.61 8.23
CA LEU B 55 15.81 -38.02 7.34
C LEU B 55 15.50 -39.30 6.55
N SER B 56 14.95 -40.31 7.23
CA SER B 56 14.66 -41.59 6.60
C SER B 56 13.57 -41.51 5.53
N ASN B 57 12.57 -40.65 5.75
CA ASN B 57 11.55 -40.40 4.74
C ASN B 57 12.12 -39.70 3.50
N LEU B 58 13.07 -38.79 3.72
CA LEU B 58 13.76 -38.10 2.63
C LEU B 58 14.68 -39.03 1.83
N VAL B 59 15.30 -39.99 2.51
CA VAL B 59 16.08 -41.04 1.86
C VAL B 59 15.17 -41.87 0.93
N ASN B 60 14.00 -42.27 1.44
CA ASN B 60 13.05 -43.09 0.68
C ASN B 60 12.50 -42.38 -0.57
N GLU B 61 12.48 -41.05 -0.53
CA GLU B 61 12.01 -40.24 -1.66
C GLU B 61 13.12 -39.97 -2.67
N GLY B 62 14.35 -40.38 -2.31
CA GLY B 62 15.50 -40.16 -3.18
C GLY B 62 15.99 -38.73 -3.14
N LEU B 63 15.53 -37.97 -2.15
CA LEU B 63 16.03 -36.62 -1.92
C LEU B 63 17.39 -36.64 -1.21
N LEU B 64 17.64 -37.71 -0.45
CA LEU B 64 18.91 -37.97 0.22
C LEU B 64 19.27 -39.43 0.03
N TYR B 65 20.55 -39.75 0.21
CA TYR B 65 20.97 -41.15 0.26
C TYR B 65 21.83 -41.40 1.49
N ARG B 66 22.07 -42.68 1.77
CA ARG B 66 23.10 -43.07 2.73
C ARG B 66 24.20 -43.86 2.01
N LEU B 67 25.26 -44.20 2.75
CA LEU B 67 26.32 -45.07 2.21
C LEU B 67 26.73 -46.11 3.25
N LYS B 68 26.76 -45.69 4.52
CA LYS B 68 27.12 -46.53 5.66
C LYS B 68 26.80 -45.77 6.95
N GLY B 69 26.17 -46.45 7.90
CA GLY B 69 25.64 -45.80 9.10
C GLY B 69 24.39 -45.00 8.75
N ARG B 70 23.81 -44.34 9.75
CA ARG B 70 22.62 -43.52 9.57
C ARG B 70 22.91 -42.18 8.88
N GLY B 71 24.19 -41.81 8.81
CA GLY B 71 24.65 -40.55 8.20
C GLY B 71 24.12 -40.32 6.80
N THR B 72 23.82 -39.06 6.49
CA THR B 72 23.01 -38.74 5.31
C THR B 72 23.65 -37.69 4.39
N PHE B 73 23.43 -37.85 3.08
CA PHE B 73 24.02 -36.98 2.05
C PHE B 73 22.95 -36.47 1.09
N VAL B 74 23.11 -35.23 0.62
CA VAL B 74 22.18 -34.64 -0.36
C VAL B 74 22.32 -35.34 -1.70
N SER B 75 21.19 -35.78 -2.26
CA SER B 75 21.20 -36.46 -3.55
C SER B 75 21.37 -35.47 -4.70
N LYS B 76 22.06 -35.94 -5.74
CA LYS B 76 22.26 -35.16 -6.95
C LYS B 76 21.31 -35.68 -8.02
N PRO B 77 20.19 -34.98 -8.24
CA PRO B 77 19.05 -35.43 -9.07
C PRO B 77 19.36 -35.52 -10.58
N LYS B 78 18.77 -36.53 -11.22
CA LYS B 78 18.84 -36.71 -12.67
C LYS B 78 18.01 -35.64 -13.39
N MET B 79 18.70 -34.82 -14.20
CA MET B 79 18.06 -33.67 -14.85
C MET B 79 17.88 -33.85 -16.36
N GLU B 80 18.52 -34.88 -16.93
CA GLU B 80 18.52 -35.14 -18.36
C GLU B 80 17.10 -35.19 -18.97
N GLN B 81 16.22 -36.01 -18.40
CA GLN B 81 14.87 -36.15 -18.92
C GLN B 81 14.06 -34.85 -18.74
N ALA B 82 14.22 -34.20 -17.60
CA ALA B 82 13.52 -32.96 -17.31
C ALA B 82 13.89 -31.85 -18.28
N LEU B 83 15.17 -31.74 -18.59
CA LEU B 83 15.68 -30.60 -19.34
C LEU B 83 15.79 -30.83 -20.84
N GLN B 84 15.82 -32.09 -21.25
CA GLN B 84 16.12 -32.42 -22.65
C GLN B 84 15.14 -33.41 -23.25
N GLY B 85 14.31 -34.01 -22.40
CA GLY B 85 13.36 -35.01 -22.82
C GLY B 85 11.93 -34.69 -22.52
N LEU B 86 11.22 -35.65 -21.92
CA LEU B 86 9.80 -35.55 -21.69
C LEU B 86 9.49 -36.28 -20.39
N THR B 87 8.93 -35.54 -19.45
CA THR B 87 8.61 -36.04 -18.14
C THR B 87 7.10 -35.93 -17.89
N SER B 88 6.57 -36.84 -17.08
CA SER B 88 5.26 -36.68 -16.46
C SER B 88 5.34 -35.59 -15.41
N PHE B 89 4.21 -35.20 -14.84
CA PHE B 89 4.20 -34.27 -13.70
C PHE B 89 5.00 -34.84 -12.51
N THR B 90 4.78 -36.13 -12.23
CA THR B 90 5.46 -36.87 -11.19
C THR B 90 7.00 -36.75 -11.23
N GLU B 91 7.59 -37.02 -12.41
CA GLU B 91 9.04 -36.87 -12.66
C GLU B 91 9.49 -35.42 -12.67
N ASP B 92 8.64 -34.55 -13.21
CA ASP B 92 8.92 -33.12 -13.27
C ASP B 92 9.12 -32.59 -11.83
N MET B 93 8.16 -32.88 -10.94
CA MET B 93 8.25 -32.46 -9.53
C MET B 93 9.49 -33.00 -8.80
N LYS B 94 9.82 -34.27 -9.08
CA LYS B 94 11.01 -34.88 -8.51
C LYS B 94 12.30 -34.23 -8.98
N SER B 95 12.38 -33.86 -10.25
CA SER B 95 13.58 -33.16 -10.78
C SER B 95 13.78 -31.81 -10.06
N ARG B 96 12.70 -31.27 -9.51
CA ARG B 96 12.75 -30.02 -8.76
C ARG B 96 12.94 -30.27 -7.25
N GLY B 97 13.11 -31.54 -6.87
CA GLY B 97 13.15 -31.91 -5.45
C GLY B 97 11.85 -31.66 -4.69
N MET B 98 10.72 -31.85 -5.36
CA MET B 98 9.40 -31.71 -4.75
C MET B 98 8.68 -33.06 -4.75
N THR B 99 7.71 -33.21 -3.84
CA THR B 99 6.96 -34.47 -3.67
C THR B 99 5.63 -34.27 -4.39
N PRO B 100 5.40 -35.02 -5.48
CA PRO B 100 4.16 -34.86 -6.22
C PRO B 100 2.97 -35.54 -5.54
N GLY B 101 1.77 -35.00 -5.73
CA GLY B 101 0.54 -35.66 -5.29
C GLY B 101 -0.61 -35.32 -6.22
N SER B 102 -1.71 -36.04 -6.11
CA SER B 102 -2.88 -35.71 -6.91
C SER B 102 -4.14 -35.88 -6.12
N ARG B 103 -5.09 -34.98 -6.36
CA ARG B 103 -6.45 -35.11 -5.84
C ARG B 103 -7.41 -34.95 -7.02
N LEU B 104 -8.41 -35.81 -7.07
CA LEU B 104 -9.46 -35.71 -8.08
C LEU B 104 -10.45 -34.55 -7.80
N ILE B 105 -10.60 -33.66 -8.77
CA ILE B 105 -11.68 -32.68 -8.78
C ILE B 105 -12.92 -33.33 -9.40
N ASP B 106 -12.72 -34.01 -10.54
CA ASP B 106 -13.81 -34.59 -11.32
C ASP B 106 -13.35 -35.73 -12.23
N TYR B 107 -14.21 -36.72 -12.41
CA TYR B 107 -14.02 -37.76 -13.40
C TYR B 107 -15.32 -37.95 -14.15
N GLN B 108 -15.22 -38.08 -15.47
CA GLN B 108 -16.34 -38.48 -16.32
C GLN B 108 -15.83 -39.40 -17.43
N LEU B 109 -16.63 -40.38 -17.80
CA LEU B 109 -16.40 -41.14 -19.02
C LEU B 109 -17.33 -40.57 -20.06
N ILE B 110 -16.75 -39.88 -21.04
CA ILE B 110 -17.53 -39.12 -22.01
C ILE B 110 -17.48 -39.70 -23.43
N ASP B 111 -18.45 -39.30 -24.26
CA ASP B 111 -18.52 -39.73 -25.64
C ASP B 111 -17.63 -38.88 -26.54
N SER B 112 -17.07 -39.52 -27.57
CA SER B 112 -16.16 -38.85 -28.49
C SER B 112 -16.85 -37.70 -29.21
N THR B 113 -16.13 -36.59 -29.34
CA THR B 113 -16.60 -35.43 -30.10
C THR B 113 -15.72 -35.32 -31.34
N GLU B 114 -16.24 -34.68 -32.40
CA GLU B 114 -15.49 -34.53 -33.66
C GLU B 114 -14.10 -33.91 -33.44
N GLU B 115 -14.06 -32.79 -32.72
CA GLU B 115 -12.81 -32.10 -32.38
C GLU B 115 -11.81 -33.01 -31.63
N LEU B 116 -12.29 -33.71 -30.60
CA LEU B 116 -11.45 -34.62 -29.82
C LEU B 116 -10.97 -35.85 -30.60
N ALA B 117 -11.82 -36.37 -31.48
CA ALA B 117 -11.42 -37.43 -32.39
C ALA B 117 -10.20 -36.97 -33.20
N ALA B 118 -10.30 -35.81 -33.84
CA ALA B 118 -9.23 -35.25 -34.66
C ALA B 118 -7.94 -35.00 -33.87
N ILE B 119 -8.08 -34.56 -32.63
CA ILE B 119 -6.91 -34.31 -31.80
C ILE B 119 -6.18 -35.63 -31.50
N LEU B 120 -6.84 -36.53 -30.77
CA LEU B 120 -6.24 -37.78 -30.33
C LEU B 120 -6.09 -38.77 -31.47
N GLY B 121 -6.71 -38.47 -32.61
CA GLY B 121 -6.72 -39.37 -33.75
C GLY B 121 -7.44 -40.67 -33.46
N CYS B 122 -8.35 -40.64 -32.49
CA CYS B 122 -9.04 -41.85 -32.05
C CYS B 122 -10.33 -42.10 -32.84
N GLY B 123 -11.03 -43.18 -32.48
CA GLY B 123 -12.30 -43.52 -33.11
C GLY B 123 -13.41 -42.58 -32.69
N HIS B 124 -14.46 -42.53 -33.51
CA HIS B 124 -15.66 -41.74 -33.24
C HIS B 124 -16.83 -42.42 -33.96
N PRO B 125 -17.82 -42.93 -33.20
CA PRO B 125 -18.03 -42.77 -31.75
C PRO B 125 -17.17 -43.70 -30.88
N SER B 126 -16.70 -43.16 -29.75
CA SER B 126 -15.93 -43.94 -28.77
C SER B 126 -16.03 -43.29 -27.39
N SER B 127 -15.56 -44.00 -26.36
CA SER B 127 -15.53 -43.46 -25.01
C SER B 127 -14.21 -42.82 -24.66
N ILE B 128 -14.24 -41.72 -23.92
CA ILE B 128 -13.03 -41.01 -23.49
C ILE B 128 -13.08 -40.67 -22.00
N HIS B 129 -12.02 -41.04 -21.28
CA HIS B 129 -11.83 -40.63 -19.90
C HIS B 129 -11.63 -39.13 -19.89
N LYS B 130 -12.32 -38.44 -18.99
CA LYS B 130 -12.07 -37.02 -18.74
C LYS B 130 -11.73 -36.82 -17.26
N ILE B 131 -10.43 -36.61 -16.99
CA ILE B 131 -9.93 -36.61 -15.63
C ILE B 131 -9.41 -35.22 -15.26
N THR B 132 -10.04 -34.60 -14.26
CA THR B 132 -9.60 -33.31 -13.74
C THR B 132 -9.01 -33.50 -12.35
N ARG B 133 -7.72 -33.17 -12.21
CA ARG B 133 -7.06 -33.25 -10.91
C ARG B 133 -6.42 -31.94 -10.48
N VAL B 134 -6.33 -31.75 -9.17
CA VAL B 134 -5.39 -30.80 -8.64
C VAL B 134 -4.07 -31.53 -8.43
N ARG B 135 -3.04 -31.07 -9.13
CA ARG B 135 -1.70 -31.63 -9.02
C ARG B 135 -1.01 -30.88 -7.89
N LEU B 136 -0.44 -31.64 -6.95
CA LEU B 136 0.14 -31.11 -5.72
C LEU B 136 1.66 -31.25 -5.76
N ALA B 137 2.37 -30.27 -5.20
CA ALA B 137 3.80 -30.42 -4.91
C ALA B 137 4.01 -30.04 -3.44
N ASN B 138 4.55 -30.98 -2.66
CA ASN B 138 4.70 -30.83 -1.22
C ASN B 138 3.38 -30.48 -0.53
N ASP B 139 2.29 -31.19 -0.87
CA ASP B 139 0.95 -31.00 -0.28
C ASP B 139 0.27 -29.64 -0.57
N ILE B 140 0.85 -28.90 -1.50
CA ILE B 140 0.37 -27.58 -1.89
C ILE B 140 -0.03 -27.59 -3.37
N PRO B 141 -1.24 -27.08 -3.69
CA PRO B 141 -1.68 -26.93 -5.08
C PRO B 141 -0.60 -26.38 -6.03
N MET B 142 -0.39 -27.03 -7.17
CA MET B 142 0.57 -26.57 -8.18
C MET B 142 -0.09 -26.29 -9.54
N ALA B 143 -0.93 -27.22 -9.97
CA ALA B 143 -1.66 -27.12 -11.23
C ALA B 143 -3.05 -27.71 -11.15
N ILE B 144 -3.93 -27.25 -12.04
CA ILE B 144 -5.18 -27.93 -12.33
C ILE B 144 -5.03 -28.53 -13.72
N GLU B 145 -5.25 -29.84 -13.81
CA GLU B 145 -5.08 -30.59 -15.05
C GLU B 145 -6.38 -31.27 -15.48
N SER B 146 -6.73 -31.11 -16.74
CA SER B 146 -7.86 -31.78 -17.34
C SER B 146 -7.34 -32.65 -18.46
N SER B 147 -7.42 -33.96 -18.34
CA SER B 147 -6.92 -34.79 -19.43
C SER B 147 -7.94 -35.73 -20.06
N HIS B 148 -7.88 -35.84 -21.39
CA HIS B 148 -8.73 -36.75 -22.14
C HIS B 148 -7.90 -37.95 -22.59
N ILE B 149 -8.39 -39.15 -22.27
CA ILE B 149 -7.69 -40.39 -22.61
C ILE B 149 -8.68 -41.42 -23.16
N PRO B 150 -8.48 -41.87 -24.42
CA PRO B 150 -9.37 -42.90 -24.98
C PRO B 150 -9.48 -44.11 -24.02
N PHE B 151 -10.70 -44.58 -23.78
CA PHE B 151 -10.88 -45.69 -22.85
C PHE B 151 -9.95 -46.86 -23.13
N GLU B 152 -9.84 -47.25 -24.41
CA GLU B 152 -9.13 -48.47 -24.80
C GLU B 152 -7.65 -48.46 -24.45
N LEU B 153 -7.09 -47.27 -24.31
CA LEU B 153 -5.66 -47.14 -24.03
C LEU B 153 -5.36 -47.09 -22.53
N ALA B 154 -6.40 -47.12 -21.70
CA ALA B 154 -6.22 -47.06 -20.26
C ALA B 154 -7.01 -48.14 -19.52
N GLY B 155 -8.10 -48.59 -20.14
CA GLY B 155 -9.06 -49.48 -19.48
C GLY B 155 -9.75 -48.77 -18.33
N GLU B 156 -10.22 -49.55 -17.36
CA GLU B 156 -10.89 -49.05 -16.18
C GLU B 156 -9.94 -48.31 -15.21
N LEU B 157 -10.37 -47.13 -14.78
CA LEU B 157 -9.59 -46.25 -13.91
C LEU B 157 -10.31 -46.00 -12.58
N ASN B 158 -9.56 -46.02 -11.49
CA ASN B 158 -10.10 -45.70 -10.16
C ASN B 158 -9.17 -44.76 -9.40
N GLU B 159 -9.48 -44.51 -8.13
CA GLU B 159 -8.70 -43.59 -7.28
C GLU B 159 -7.21 -43.93 -7.21
N SER B 160 -6.89 -45.24 -7.22
CA SER B 160 -5.49 -45.68 -7.13
C SER B 160 -4.69 -45.18 -8.33
N HIS B 161 -5.36 -45.01 -9.47
CA HIS B 161 -4.72 -44.48 -10.67
C HIS B 161 -4.60 -42.97 -10.61
N PHE B 162 -5.68 -42.30 -10.19
CA PHE B 162 -5.72 -40.85 -10.13
C PHE B 162 -4.70 -40.26 -9.14
N GLN B 163 -4.51 -40.95 -8.03
CA GLN B 163 -3.62 -40.49 -6.96
C GLN B 163 -2.16 -40.86 -7.22
N SER B 164 -1.91 -41.47 -8.39
CA SER B 164 -0.57 -41.81 -8.85
C SER B 164 -0.29 -41.29 -10.27
N SER B 165 0.69 -41.87 -10.95
CA SER B 165 1.13 -41.44 -12.29
C SER B 165 0.39 -42.13 -13.46
N ILE B 166 -0.42 -41.34 -14.17
CA ILE B 166 -1.17 -41.83 -15.33
C ILE B 166 -0.23 -42.35 -16.43
N TYR B 167 0.85 -41.59 -16.65
CA TYR B 167 1.87 -41.93 -17.63
C TYR B 167 2.39 -43.35 -17.42
N ASP B 168 2.69 -43.70 -16.16
CA ASP B 168 3.18 -45.04 -15.81
C ASP B 168 2.15 -46.14 -16.02
N HIS B 169 0.89 -45.85 -15.72
CA HIS B 169 -0.20 -46.80 -15.94
C HIS B 169 -0.38 -47.12 -17.42
N ILE B 170 -0.35 -46.07 -18.24
CA ILE B 170 -0.52 -46.20 -19.68
C ILE B 170 0.61 -46.97 -20.35
N GLU B 171 1.83 -46.83 -19.84
CA GLU B 171 2.95 -47.67 -20.27
C GLU B 171 2.83 -49.12 -19.81
N ARG B 172 2.44 -49.31 -18.55
CA ARG B 172 2.22 -50.67 -18.01
C ARG B 172 1.04 -51.37 -18.67
N TYR B 173 -0.05 -50.64 -18.86
CA TYR B 173 -1.26 -51.15 -19.52
C TYR B 173 -1.02 -51.55 -20.97
N ASN B 174 -0.16 -50.80 -21.66
CA ASN B 174 0.06 -50.95 -23.10
C ASN B 174 1.34 -51.70 -23.49
N SER B 175 2.29 -51.82 -22.57
CA SER B 175 3.60 -52.44 -22.84
C SER B 175 4.39 -51.73 -23.97
N ILE B 176 4.05 -50.47 -24.21
CA ILE B 176 4.67 -49.65 -25.23
C ILE B 176 5.09 -48.35 -24.52
N PRO B 177 6.35 -47.89 -24.74
CA PRO B 177 6.84 -46.67 -24.11
C PRO B 177 6.18 -45.40 -24.64
N ILE B 178 6.09 -44.40 -23.77
CA ILE B 178 5.73 -43.05 -24.18
C ILE B 178 6.89 -42.48 -25.00
N SER B 179 6.56 -41.84 -26.11
CA SER B 179 7.54 -41.47 -27.13
C SER B 179 7.84 -39.97 -27.21
N ARG B 180 6.78 -39.15 -27.34
CA ARG B 180 6.94 -37.71 -27.53
C ARG B 180 5.67 -36.92 -27.24
N ALA B 181 5.83 -35.61 -27.07
CA ALA B 181 4.69 -34.73 -26.86
C ALA B 181 4.80 -33.47 -27.71
N LYS B 182 3.66 -32.89 -28.02
CA LYS B 182 3.60 -31.52 -28.55
C LYS B 182 2.98 -30.62 -27.45
N GLN B 183 3.74 -29.62 -27.00
CA GLN B 183 3.28 -28.68 -25.98
C GLN B 183 3.13 -27.25 -26.47
N GLU B 184 2.04 -26.62 -26.03
CA GLU B 184 1.84 -25.18 -26.22
CA GLU B 184 1.82 -25.19 -26.24
C GLU B 184 1.70 -24.50 -24.86
N LEU B 185 2.39 -23.37 -24.71
CA LEU B 185 2.39 -22.57 -23.49
C LEU B 185 2.00 -21.13 -23.79
N GLU B 186 1.11 -20.61 -22.95
CA GLU B 186 0.52 -19.30 -23.09
C GLU B 186 0.34 -18.75 -21.67
N PRO B 187 0.68 -17.46 -21.44
CA PRO B 187 0.46 -16.85 -20.11
C PRO B 187 -1.00 -16.46 -19.94
N SER B 188 -1.48 -16.41 -18.71
CA SER B 188 -2.84 -15.96 -18.47
C SER B 188 -3.04 -15.45 -17.06
N ALA B 189 -4.29 -15.14 -16.72
CA ALA B 189 -4.68 -14.73 -15.38
C ALA B 189 -5.71 -15.71 -14.80
N ALA B 190 -5.52 -16.11 -13.54
CA ALA B 190 -6.36 -17.11 -12.91
C ALA B 190 -7.83 -16.64 -12.83
N THR B 191 -8.75 -17.51 -13.24
CA THR B 191 -10.16 -17.26 -12.99
C THR B 191 -10.39 -17.38 -11.48
N THR B 192 -11.56 -16.95 -11.03
CA THR B 192 -11.97 -17.07 -9.64
C THR B 192 -11.89 -18.53 -9.13
N GLU B 193 -12.48 -19.47 -9.88
CA GLU B 193 -12.47 -20.88 -9.53
C GLU B 193 -11.07 -21.45 -9.44
N GLU B 194 -10.25 -21.16 -10.45
CA GLU B 194 -8.86 -21.62 -10.52
C GLU B 194 -8.04 -21.07 -9.35
N ALA B 195 -8.15 -19.76 -9.13
CA ALA B 195 -7.41 -19.09 -8.06
C ALA B 195 -7.74 -19.67 -6.69
N ASN B 196 -9.04 -19.84 -6.42
CA ASN B 196 -9.48 -20.43 -5.18
C ASN B 196 -8.84 -21.80 -4.91
N ILE B 197 -8.93 -22.69 -5.89
CA ILE B 197 -8.44 -24.05 -5.76
C ILE B 197 -6.91 -24.05 -5.65
N LEU B 198 -6.25 -23.18 -6.42
CA LEU B 198 -4.79 -23.09 -6.41
C LEU B 198 -4.21 -22.39 -5.18
N GLY B 199 -4.98 -21.58 -4.48
CA GLY B 199 -4.47 -20.84 -3.33
C GLY B 199 -3.76 -19.57 -3.75
N ILE B 200 -4.23 -18.95 -4.83
CA ILE B 200 -3.64 -17.69 -5.30
C ILE B 200 -4.76 -16.68 -5.42
N GLN B 201 -4.41 -15.41 -5.67
CA GLN B 201 -5.39 -14.35 -5.85
C GLN B 201 -6.03 -14.52 -7.23
N LYS B 202 -7.32 -14.21 -7.31
CA LYS B 202 -8.03 -14.08 -8.59
C LYS B 202 -7.19 -13.18 -9.51
N GLY B 203 -6.95 -13.63 -10.74
CA GLY B 203 -6.22 -12.80 -11.72
C GLY B 203 -4.70 -12.87 -11.63
N ALA B 204 -4.17 -13.70 -10.72
CA ALA B 204 -2.73 -13.89 -10.60
C ALA B 204 -2.16 -14.63 -11.83
N PRO B 205 -0.89 -14.35 -12.18
CA PRO B 205 -0.31 -15.01 -13.35
C PRO B 205 -0.35 -16.54 -13.23
N VAL B 206 -0.77 -17.17 -14.32
CA VAL B 206 -0.71 -18.62 -14.49
C VAL B 206 -0.16 -18.93 -15.88
N LEU B 207 0.29 -20.16 -16.04
CA LEU B 207 0.76 -20.66 -17.30
C LEU B 207 -0.24 -21.71 -17.75
N LEU B 208 -0.80 -21.50 -18.94
CA LEU B 208 -1.63 -22.48 -19.62
C LEU B 208 -0.74 -23.41 -20.42
N ILE B 209 -0.84 -24.70 -20.13
CA ILE B 209 -0.09 -25.73 -20.83
C ILE B 209 -1.05 -26.74 -21.47
N LYS B 210 -0.98 -26.88 -22.79
CA LYS B 210 -1.74 -27.84 -23.57
C LYS B 210 -0.77 -28.89 -24.11
N ARG B 211 -0.98 -30.16 -23.79
CA ARG B 211 -0.09 -31.22 -24.22
C ARG B 211 -0.84 -32.36 -24.88
N THR B 212 -0.34 -32.80 -26.03
CA THR B 212 -0.76 -34.05 -26.67
C THR B 212 0.43 -35.01 -26.60
N THR B 213 0.20 -36.20 -26.07
CA THR B 213 1.30 -37.15 -25.87
C THR B 213 1.07 -38.46 -26.63
N TYR B 214 2.14 -38.95 -27.25
CA TYR B 214 2.05 -40.11 -28.14
C TYR B 214 2.85 -41.31 -27.62
N LEU B 215 2.38 -42.51 -27.96
CA LEU B 215 3.14 -43.75 -27.71
C LEU B 215 4.17 -43.98 -28.80
N GLN B 216 5.16 -44.82 -28.51
CA GLN B 216 6.25 -45.13 -29.45
C GLN B 216 5.73 -45.53 -30.85
N ASN B 217 4.54 -46.12 -30.87
CA ASN B 217 3.90 -46.58 -32.11
C ASN B 217 3.17 -45.49 -32.90
N GLY B 218 3.08 -44.28 -32.34
CA GLY B 218 2.46 -43.14 -33.02
C GLY B 218 1.08 -42.73 -32.53
N THR B 219 0.43 -43.61 -31.77
CA THR B 219 -0.89 -43.38 -31.20
C THR B 219 -0.86 -42.30 -30.11
N ALA B 220 -1.74 -41.30 -30.24
CA ALA B 220 -1.92 -40.30 -29.18
C ALA B 220 -2.75 -40.90 -28.06
N PHE B 221 -2.25 -40.84 -26.84
CA PHE B 221 -2.98 -41.41 -25.72
C PHE B 221 -3.58 -40.36 -24.77
N GLU B 222 -3.06 -39.14 -24.82
CA GLU B 222 -3.49 -38.07 -23.94
C GLU B 222 -3.53 -36.70 -24.63
N HIS B 223 -4.61 -35.97 -24.39
CA HIS B 223 -4.68 -34.54 -24.65
C HIS B 223 -5.02 -33.83 -23.35
N ALA B 224 -4.09 -33.02 -22.87
CA ALA B 224 -4.21 -32.38 -21.56
C ALA B 224 -4.17 -30.85 -21.62
N LYS B 225 -5.05 -30.21 -20.87
CA LYS B 225 -4.95 -28.78 -20.61
C LYS B 225 -4.73 -28.49 -19.12
N SER B 226 -3.76 -27.64 -18.84
CA SER B 226 -3.39 -27.35 -17.47
C SER B 226 -3.24 -25.88 -17.19
N VAL B 227 -3.48 -25.53 -15.93
CA VAL B 227 -3.21 -24.21 -15.41
C VAL B 227 -2.19 -24.38 -14.28
N TYR B 228 -1.02 -23.76 -14.45
CA TYR B 228 0.07 -23.79 -13.46
C TYR B 228 0.27 -22.46 -12.75
N ARG B 229 0.40 -22.51 -11.43
CA ARG B 229 0.78 -21.34 -10.61
C ARG B 229 2.04 -20.66 -11.11
N GLY B 230 1.88 -19.40 -11.52
CA GLY B 230 3.00 -18.57 -11.96
C GLY B 230 4.03 -18.30 -10.87
N ASP B 231 3.62 -18.35 -9.60
CA ASP B 231 4.54 -18.10 -8.48
C ASP B 231 5.38 -19.32 -8.08
N ARG B 232 4.98 -20.52 -8.50
CA ARG B 232 5.74 -21.72 -8.11
C ARG B 232 6.40 -22.42 -9.29
N TYR B 233 5.93 -22.12 -10.50
CA TYR B 233 6.34 -22.89 -11.67
C TYR B 233 7.03 -22.07 -12.76
N THR B 234 8.20 -22.54 -13.16
CA THR B 234 8.90 -22.06 -14.34
C THR B 234 9.07 -23.27 -15.24
N PHE B 235 8.82 -23.07 -16.53
CA PHE B 235 9.06 -24.08 -17.53
C PHE B 235 10.50 -23.96 -18.02
N VAL B 236 11.25 -25.07 -18.00
CA VAL B 236 12.65 -25.09 -18.41
C VAL B 236 12.91 -26.22 -19.39
N HIS B 237 13.54 -25.90 -20.51
CA HIS B 237 13.89 -26.91 -21.48
C HIS B 237 14.99 -26.40 -22.41
N TYR B 238 15.90 -27.30 -22.76
CA TYR B 238 16.89 -27.11 -23.81
C TYR B 238 16.33 -27.38 -25.20
N MET B 239 16.73 -26.57 -26.19
CA MET B 239 16.33 -26.73 -27.59
CA MET B 239 16.35 -26.78 -27.58
C MET B 239 17.57 -26.81 -28.46
N ASP B 240 17.63 -27.79 -29.35
CA ASP B 240 18.75 -27.93 -30.25
C ASP B 240 18.45 -27.35 -31.61
N ARG B 241 19.39 -26.60 -32.17
CA ARG B 241 19.21 -26.08 -33.50
C ARG B 241 19.52 -27.17 -34.56
N LEU B 242 18.51 -27.45 -35.39
CA LEU B 242 18.60 -28.40 -36.49
C LEU B 242 19.44 -27.86 -37.66
N MET C 1 9.13 -13.81 45.95
CA MET C 1 8.13 -12.74 46.19
C MET C 1 8.75 -11.58 46.99
N ASN C 2 8.69 -10.37 46.43
CA ASN C 2 9.33 -9.19 47.02
C ASN C 2 8.69 -7.88 46.52
N ILE C 3 8.58 -6.90 47.43
CA ILE C 3 7.94 -5.60 47.14
C ILE C 3 8.93 -4.43 47.02
N ASN C 4 8.61 -3.43 46.20
CA ASN C 4 9.45 -2.24 46.02
C ASN C 4 8.83 -1.02 46.70
N LYS C 5 9.48 -0.54 47.76
CA LYS C 5 8.94 0.55 48.58
C LYS C 5 8.97 1.93 47.95
N GLN C 6 9.89 2.16 47.01
CA GLN C 6 10.03 3.46 46.36
C GLN C 6 9.17 3.62 45.10
N SER C 7 8.42 2.55 44.79
CA SER C 7 7.52 2.52 43.65
C SER C 7 6.26 3.30 44.00
N PRO C 8 5.77 4.15 43.06
CA PRO C 8 4.48 4.84 43.27
C PRO C 8 3.28 3.90 43.33
N ILE C 9 3.49 2.60 43.07
CA ILE C 9 2.43 1.62 43.22
C ILE C 9 2.38 1.23 44.70
N PRO C 10 1.22 1.42 45.38
CA PRO C 10 1.15 1.22 46.83
C PRO C 10 1.57 -0.19 47.23
N ILE C 11 2.10 -0.31 48.43
CA ILE C 11 2.62 -1.60 48.89
C ILE C 11 1.51 -2.65 48.91
N TYR C 12 0.36 -2.30 49.49
CA TYR C 12 -0.74 -3.26 49.57
C TYR C 12 -1.08 -3.74 48.18
N TYR C 13 -1.07 -2.83 47.21
CA TYR C 13 -1.40 -3.16 45.82
C TYR C 13 -0.38 -4.11 45.21
N GLN C 14 0.89 -3.92 45.54
CA GLN C 14 1.97 -4.77 45.05
C GLN C 14 1.81 -6.18 45.62
N ILE C 15 1.31 -6.25 46.85
CA ILE C 15 1.12 -7.52 47.55
C ILE C 15 0.02 -8.30 46.87
N MET C 16 -1.11 -7.64 46.67
CA MET C 16 -2.26 -8.23 46.03
C MET C 16 -1.83 -8.92 44.74
N GLU C 17 -1.07 -8.20 43.89
CA GLU C 17 -0.66 -8.70 42.56
C GLU C 17 0.25 -9.93 42.60
N GLN C 18 1.15 -9.98 43.58
CA GLN C 18 2.07 -11.10 43.70
C GLN C 18 1.41 -12.33 44.28
N LEU C 19 0.44 -12.12 45.17
CA LEU C 19 -0.39 -13.19 45.68
C LEU C 19 -1.24 -13.85 44.57
N LYS C 20 -1.83 -13.02 43.72
CA LYS C 20 -2.60 -13.51 42.57
C LYS C 20 -1.75 -14.28 41.57
N THR C 21 -0.50 -13.87 41.41
CA THR C 21 0.42 -14.61 40.54
C THR C 21 0.76 -15.96 41.16
N GLN C 22 0.96 -15.98 42.48
CA GLN C 22 1.16 -17.20 43.23
C GLN C 22 -0.03 -18.17 43.15
N ILE C 23 -1.25 -17.62 43.25
CA ILE C 23 -2.48 -18.40 43.08
C ILE C 23 -2.53 -18.99 41.67
N LYS C 24 -2.19 -18.17 40.66
CA LYS C 24 -2.18 -18.64 39.26
C LYS C 24 -1.04 -19.64 38.96
N ASN C 25 0.08 -19.48 39.67
CA ASN C 25 1.23 -20.39 39.61
C ASN C 25 0.88 -21.80 40.09
N GLY C 26 0.17 -21.85 41.21
CA GLY C 26 0.01 -23.10 41.95
C GLY C 26 0.79 -23.02 43.24
N GLU C 27 1.64 -22.01 43.36
CA GLU C 27 2.40 -21.76 44.59
C GLU C 27 1.48 -21.62 45.79
N LEU C 28 0.34 -20.96 45.59
CA LEU C 28 -0.76 -21.00 46.55
C LEU C 28 -1.84 -21.93 46.02
N GLN C 29 -2.15 -22.95 46.81
CA GLN C 29 -3.01 -24.07 46.39
C GLN C 29 -4.45 -23.83 46.85
N PRO C 30 -5.45 -24.26 46.04
CA PRO C 30 -6.87 -24.11 46.42
C PRO C 30 -7.19 -24.66 47.80
N ASP C 31 -7.89 -23.85 48.60
CA ASP C 31 -8.34 -24.18 49.96
C ASP C 31 -7.25 -24.33 51.01
N MET C 32 -6.05 -23.89 50.68
CA MET C 32 -4.92 -23.97 51.60
C MET C 32 -4.67 -22.63 52.29
N PRO C 33 -4.32 -22.66 53.59
CA PRO C 33 -4.16 -21.40 54.32
C PRO C 33 -2.94 -20.65 53.82
N LEU C 34 -3.03 -19.34 53.82
CA LEU C 34 -1.92 -18.49 53.49
C LEU C 34 -1.16 -18.23 54.77
N PRO C 35 0.12 -17.79 54.66
CA PRO C 35 0.80 -17.36 55.89
C PRO C 35 -0.01 -16.24 56.55
N SER C 36 0.23 -16.03 57.85
CA SER C 36 -0.53 -15.05 58.63
C SER C 36 -0.09 -13.63 58.30
N GLU C 37 -0.77 -12.64 58.88
CA GLU C 37 -0.39 -11.24 58.73
C GLU C 37 1.02 -10.95 59.26
N ARG C 38 1.32 -11.46 60.46
CA ARG C 38 2.64 -11.32 61.09
C ARG C 38 3.76 -11.88 60.21
N GLU C 39 3.54 -13.07 59.65
CA GLU C 39 4.53 -13.72 58.78
C GLU C 39 4.84 -12.90 57.52
N TYR C 40 3.80 -12.50 56.79
CA TYR C 40 3.98 -11.61 55.65
C TYR C 40 4.65 -10.30 56.07
N ALA C 41 4.17 -9.71 57.16
CA ALA C 41 4.72 -8.47 57.70
C ALA C 41 6.22 -8.59 58.01
N GLU C 42 6.62 -9.69 58.64
CA GLU C 42 8.01 -9.90 58.96
C GLU C 42 8.83 -10.13 57.69
N GLN C 43 8.26 -10.87 56.74
CA GLN C 43 8.91 -11.13 55.46
C GLN C 43 9.30 -9.83 54.77
N PHE C 44 8.30 -9.00 54.48
CA PHE C 44 8.50 -7.74 53.76
C PHE C 44 9.04 -6.60 54.62
N GLY C 45 8.88 -6.72 55.94
CA GLY C 45 9.23 -5.62 56.84
C GLY C 45 8.28 -4.44 56.65
N ILE C 46 6.97 -4.73 56.72
CA ILE C 46 5.94 -3.70 56.66
C ILE C 46 4.93 -3.89 57.78
N SER C 47 4.14 -2.85 58.04
CA SER C 47 3.08 -2.91 59.04
C SER C 47 2.09 -4.04 58.74
N ARG C 48 1.60 -4.69 59.80
CA ARG C 48 0.60 -5.74 59.67
C ARG C 48 -0.65 -5.17 59.01
N MET C 49 -0.98 -3.92 59.32
CA MET C 49 -2.16 -3.27 58.74
C MET C 49 -2.11 -3.15 57.22
N THR C 50 -0.91 -3.07 56.64
CA THR C 50 -0.75 -3.03 55.18
C THR C 50 -1.03 -4.39 54.56
N VAL C 51 -0.61 -5.46 55.25
CA VAL C 51 -0.88 -6.83 54.81
C VAL C 51 -2.37 -7.11 54.87
N ARG C 52 -3.00 -6.69 55.97
CA ARG C 52 -4.44 -6.86 56.16
C ARG C 52 -5.26 -6.20 55.05
N GLN C 53 -4.85 -5.00 54.64
CA GLN C 53 -5.52 -4.26 53.55
C GLN C 53 -5.51 -5.09 52.26
N ALA C 54 -4.38 -5.76 52.00
CA ALA C 54 -4.21 -6.58 50.81
C ALA C 54 -5.09 -7.82 50.86
N LEU C 55 -4.98 -8.58 51.96
CA LEU C 55 -5.76 -9.79 52.19
C LEU C 55 -7.25 -9.53 52.22
N SER C 56 -7.66 -8.46 52.90
CA SER C 56 -9.06 -8.07 52.98
C SER C 56 -9.65 -7.78 51.59
N ASN C 57 -8.94 -7.00 50.78
CA ASN C 57 -9.38 -6.72 49.42
C ASN C 57 -9.56 -7.99 48.58
N LEU C 58 -8.65 -8.95 48.74
CA LEU C 58 -8.71 -10.20 47.99
C LEU C 58 -9.86 -11.11 48.43
N VAL C 59 -10.17 -11.08 49.74
CA VAL C 59 -11.37 -11.73 50.30
C VAL C 59 -12.63 -11.11 49.70
N ASN C 60 -12.70 -9.78 49.68
CA ASN C 60 -13.87 -9.06 49.13
C ASN C 60 -14.09 -9.40 47.65
N GLU C 61 -12.99 -9.68 46.97
CA GLU C 61 -12.99 -9.99 45.54
C GLU C 61 -13.38 -11.44 45.28
N GLY C 62 -13.30 -12.29 46.30
CA GLY C 62 -13.67 -13.68 46.16
C GLY C 62 -12.51 -14.56 45.76
N LEU C 63 -11.31 -13.98 45.69
CA LEU C 63 -10.09 -14.75 45.42
C LEU C 63 -9.57 -15.44 46.70
N LEU C 64 -9.81 -14.82 47.85
CA LEU C 64 -9.54 -15.43 49.15
C LEU C 64 -10.84 -15.57 49.92
N TYR C 65 -10.86 -16.42 50.94
CA TYR C 65 -11.94 -16.42 51.92
C TYR C 65 -11.40 -16.55 53.34
N ARG C 66 -12.27 -16.33 54.31
CA ARG C 66 -11.95 -16.51 55.71
C ARG C 66 -12.95 -17.46 56.35
N LEU C 67 -12.58 -17.99 57.52
CA LEU C 67 -13.42 -18.87 58.33
C LEU C 67 -13.67 -18.26 59.71
N LYS C 68 -12.79 -18.53 60.66
CA LYS C 68 -12.96 -18.02 62.01
C LYS C 68 -11.98 -16.91 62.36
N GLY C 69 -10.71 -17.11 62.00
CA GLY C 69 -9.66 -16.16 62.38
C GLY C 69 -9.53 -15.04 61.38
N ARG C 70 -8.45 -14.27 61.53
CA ARG C 70 -8.03 -13.33 60.50
C ARG C 70 -7.41 -14.09 59.30
N GLY C 71 -7.31 -15.42 59.45
CA GLY C 71 -6.64 -16.30 58.50
C GLY C 71 -7.35 -16.45 57.18
N THR C 72 -6.59 -16.41 56.09
CA THR C 72 -7.15 -16.55 54.75
C THR C 72 -6.80 -17.89 54.10
N PHE C 73 -7.62 -18.24 53.11
CA PHE C 73 -7.46 -19.45 52.29
C PHE C 73 -7.75 -19.07 50.86
N VAL C 74 -7.12 -19.78 49.93
CA VAL C 74 -7.35 -19.59 48.50
C VAL C 74 -8.72 -20.15 48.12
N SER C 75 -9.53 -19.30 47.47
CA SER C 75 -10.80 -19.74 46.91
C SER C 75 -10.63 -20.70 45.74
N LYS C 76 -11.40 -21.79 45.74
CA LYS C 76 -11.51 -22.65 44.57
C LYS C 76 -12.40 -21.93 43.56
N PRO C 77 -11.87 -21.59 42.38
CA PRO C 77 -12.69 -20.81 41.44
C PRO C 77 -13.90 -21.62 40.96
N LYS C 78 -15.04 -20.94 40.83
CA LYS C 78 -16.26 -21.56 40.37
C LYS C 78 -16.26 -21.49 38.85
N MET C 79 -16.29 -22.64 38.19
CA MET C 79 -15.99 -22.68 36.75
C MET C 79 -17.19 -23.03 35.89
N GLU C 80 -18.32 -23.29 36.51
CA GLU C 80 -19.50 -23.81 35.82
C GLU C 80 -20.12 -22.83 34.85
N GLN C 81 -20.38 -21.62 35.31
CA GLN C 81 -20.94 -20.59 34.46
C GLN C 81 -19.95 -20.29 33.36
N ALA C 82 -18.67 -20.35 33.70
CA ALA C 82 -17.62 -19.99 32.75
C ALA C 82 -17.49 -21.04 31.65
N LEU C 83 -17.59 -22.32 32.00
CA LEU C 83 -17.32 -23.39 31.05
C LEU C 83 -18.57 -23.96 30.40
N GLN C 84 -19.67 -23.84 31.12
CA GLN C 84 -20.93 -24.46 30.73
C GLN C 84 -22.03 -23.44 30.43
N GLY C 85 -21.91 -22.23 30.99
CA GLY C 85 -23.01 -21.28 30.96
C GLY C 85 -22.74 -20.00 30.21
N LEU C 86 -23.24 -18.90 30.74
CA LEU C 86 -23.07 -17.61 30.12
C LEU C 86 -22.55 -16.60 31.15
N THR C 87 -21.37 -16.05 30.92
CA THR C 87 -20.73 -15.11 31.84
C THR C 87 -20.64 -13.71 31.25
N SER C 88 -20.62 -12.70 32.13
CA SER C 88 -20.23 -11.35 31.75
C SER C 88 -18.71 -11.31 31.69
N PHE C 89 -18.15 -10.17 31.28
CA PHE C 89 -16.71 -9.95 31.32
C PHE C 89 -16.20 -10.09 32.76
N THR C 90 -16.96 -9.53 33.69
CA THR C 90 -16.57 -9.46 35.10
C THR C 90 -16.40 -10.85 35.71
N GLU C 91 -17.35 -11.73 35.40
CA GLU C 91 -17.34 -13.13 35.88
C GLU C 91 -16.26 -13.93 35.17
N ASP C 92 -16.09 -13.60 33.88
CA ASP C 92 -15.11 -14.21 32.99
C ASP C 92 -13.72 -14.00 33.59
N MET C 93 -13.38 -12.75 33.87
CA MET C 93 -12.13 -12.40 34.53
C MET C 93 -11.96 -13.04 35.91
N LYS C 94 -13.04 -13.07 36.71
CA LYS C 94 -12.97 -13.68 38.02
C LYS C 94 -12.68 -15.18 37.94
N SER C 95 -13.29 -15.88 36.99
CA SER C 95 -13.04 -17.32 36.82
C SER C 95 -11.60 -17.62 36.37
N ARG C 96 -10.91 -16.59 35.91
CA ARG C 96 -9.49 -16.69 35.52
C ARG C 96 -8.57 -16.17 36.65
N GLY C 97 -9.15 -15.81 37.80
CA GLY C 97 -8.37 -15.28 38.92
C GLY C 97 -7.82 -13.87 38.68
N MET C 98 -8.53 -13.06 37.89
CA MET C 98 -8.08 -11.73 37.55
C MET C 98 -9.11 -10.70 38.01
N THR C 99 -8.66 -9.47 38.22
CA THR C 99 -9.53 -8.40 38.69
C THR C 99 -10.05 -7.60 37.51
N PRO C 100 -11.36 -7.70 37.21
CA PRO C 100 -11.92 -6.91 36.12
C PRO C 100 -12.11 -5.45 36.49
N GLY C 101 -12.00 -4.58 35.48
CA GLY C 101 -12.44 -3.20 35.57
C GLY C 101 -12.79 -2.72 34.18
N SER C 102 -13.14 -1.44 34.07
CA SER C 102 -13.46 -0.82 32.80
C SER C 102 -13.17 0.67 32.86
N ARG C 103 -12.91 1.26 31.70
CA ARG C 103 -12.81 2.71 31.65
C ARG C 103 -13.52 3.20 30.39
N LEU C 104 -14.33 4.23 30.56
CA LEU C 104 -15.11 4.78 29.46
C LEU C 104 -14.22 5.38 28.39
N ILE C 105 -14.42 4.95 27.15
CA ILE C 105 -13.85 5.68 26.00
C ILE C 105 -14.88 6.67 25.47
N ASP C 106 -16.12 6.21 25.29
CA ASP C 106 -17.17 7.07 24.78
C ASP C 106 -18.55 6.59 25.20
N TYR C 107 -19.42 7.52 25.55
CA TYR C 107 -20.83 7.24 25.75
C TYR C 107 -21.69 8.20 24.92
N GLN C 108 -22.66 7.66 24.20
CA GLN C 108 -23.63 8.44 23.45
C GLN C 108 -25.02 7.82 23.59
N LEU C 109 -26.04 8.65 23.72
CA LEU C 109 -27.44 8.21 23.60
C LEU C 109 -27.87 8.52 22.18
N ILE C 110 -28.11 7.47 21.40
CA ILE C 110 -28.29 7.62 19.97
C ILE C 110 -29.68 7.22 19.52
N ASP C 111 -30.10 7.79 18.39
CA ASP C 111 -31.30 7.38 17.71
C ASP C 111 -31.12 5.97 17.18
N SER C 112 -32.19 5.19 17.23
CA SER C 112 -32.22 3.86 16.62
C SER C 112 -32.16 3.97 15.10
N THR C 113 -31.50 2.99 14.48
CA THR C 113 -31.51 2.81 13.03
C THR C 113 -32.29 1.54 12.69
N GLU C 114 -32.64 1.38 11.42
CA GLU C 114 -33.33 0.16 10.95
C GLU C 114 -32.51 -1.10 11.22
N GLU C 115 -31.21 -1.02 10.95
CA GLU C 115 -30.28 -2.12 11.15
C GLU C 115 -30.19 -2.60 12.61
N LEU C 116 -30.09 -1.65 13.55
CA LEU C 116 -29.97 -1.97 14.98
C LEU C 116 -31.29 -2.43 15.61
N ALA C 117 -32.40 -1.97 15.04
CA ALA C 117 -33.72 -2.33 15.56
C ALA C 117 -34.07 -3.77 15.24
N ALA C 118 -33.62 -4.26 14.08
CA ALA C 118 -33.79 -5.66 13.71
C ALA C 118 -32.93 -6.56 14.59
N ILE C 119 -31.70 -6.13 14.87
CA ILE C 119 -30.75 -6.91 15.66
C ILE C 119 -31.28 -7.10 17.09
N LEU C 120 -31.81 -6.02 17.67
CA LEU C 120 -32.24 -5.96 19.06
C LEU C 120 -33.75 -6.19 19.22
N GLY C 121 -34.49 -6.13 18.11
CA GLY C 121 -35.95 -6.21 18.14
C GLY C 121 -36.57 -5.15 19.05
N CYS C 122 -35.95 -3.97 19.08
CA CYS C 122 -36.32 -2.93 20.05
C CYS C 122 -37.37 -1.93 19.56
N GLY C 123 -37.49 -1.76 18.25
CA GLY C 123 -38.49 -0.83 17.72
C GLY C 123 -37.97 0.57 17.44
N HIS C 124 -38.39 1.11 16.30
CA HIS C 124 -37.73 2.24 15.66
C HIS C 124 -38.76 3.20 15.06
N PRO C 125 -38.66 4.51 15.35
CA PRO C 125 -37.63 5.24 16.14
C PRO C 125 -37.63 4.97 17.65
N SER C 126 -36.42 4.94 18.24
CA SER C 126 -36.22 4.81 19.68
C SER C 126 -34.81 5.28 20.10
N SER C 127 -34.54 5.24 21.41
CA SER C 127 -33.23 5.63 21.96
C SER C 127 -32.38 4.43 22.34
N ILE C 128 -31.08 4.51 22.05
CA ILE C 128 -30.17 3.43 22.37
C ILE C 128 -28.88 3.95 23.02
N HIS C 129 -28.49 3.33 24.13
CA HIS C 129 -27.17 3.54 24.71
C HIS C 129 -26.12 2.97 23.78
N LYS C 130 -25.11 3.78 23.45
CA LYS C 130 -23.88 3.29 22.82
C LYS C 130 -22.70 3.51 23.77
N ILE C 131 -22.19 2.42 24.35
CA ILE C 131 -21.12 2.47 25.35
C ILE C 131 -19.85 1.77 24.82
N THR C 132 -18.77 2.55 24.75
CA THR C 132 -17.47 2.06 24.34
C THR C 132 -16.53 2.13 25.53
N ARG C 133 -16.01 0.98 25.95
CA ARG C 133 -15.13 0.90 27.11
C ARG C 133 -13.86 0.12 26.81
N VAL C 134 -12.79 0.43 27.53
CA VAL C 134 -11.67 -0.52 27.67
C VAL C 134 -12.02 -1.43 28.84
N ARG C 135 -12.14 -2.72 28.58
CA ARG C 135 -12.29 -3.70 29.63
C ARG C 135 -10.88 -4.05 30.07
N LEU C 136 -10.64 -3.99 31.37
CA LEU C 136 -9.32 -4.20 31.98
C LEU C 136 -9.28 -5.52 32.79
N ALA C 137 -8.10 -6.13 32.88
CA ALA C 137 -7.86 -7.28 33.75
C ALA C 137 -6.58 -6.99 34.52
N ASN C 138 -6.67 -6.86 35.85
CA ASN C 138 -5.53 -6.41 36.65
C ASN C 138 -4.95 -5.08 36.19
N ASP C 139 -5.81 -4.09 35.93
CA ASP C 139 -5.39 -2.74 35.52
C ASP C 139 -4.70 -2.67 34.14
N ILE C 140 -4.80 -3.76 33.39
CA ILE C 140 -4.20 -3.88 32.06
C ILE C 140 -5.32 -4.08 31.02
N PRO C 141 -5.28 -3.33 29.91
CA PRO C 141 -6.28 -3.55 28.84
C PRO C 141 -6.42 -5.01 28.40
N MET C 142 -7.65 -5.49 28.31
CA MET C 142 -7.90 -6.84 27.84
C MET C 142 -8.72 -6.84 26.53
N ALA C 143 -9.63 -5.87 26.40
CA ALA C 143 -10.51 -5.74 25.23
C ALA C 143 -11.00 -4.29 25.04
N ILE C 144 -11.39 -3.97 23.80
CA ILE C 144 -12.19 -2.78 23.50
C ILE C 144 -13.59 -3.26 23.17
N GLU C 145 -14.60 -2.72 23.85
CA GLU C 145 -15.97 -3.22 23.73
C GLU C 145 -16.91 -2.08 23.37
N SER C 146 -17.71 -2.31 22.34
CA SER C 146 -18.73 -1.37 21.89
C SER C 146 -20.10 -1.99 22.03
N SER C 147 -20.91 -1.41 22.89
CA SER C 147 -22.12 -2.07 23.38
C SER C 147 -23.35 -1.19 23.15
N HIS C 148 -24.38 -1.76 22.51
CA HIS C 148 -25.66 -1.08 22.26
C HIS C 148 -26.78 -1.66 23.12
N ILE C 149 -27.45 -0.77 23.85
CA ILE C 149 -28.50 -1.16 24.79
C ILE C 149 -29.71 -0.22 24.64
N PRO C 150 -30.90 -0.78 24.36
CA PRO C 150 -32.12 0.04 24.37
C PRO C 150 -32.26 0.83 25.68
N PHE C 151 -32.53 2.13 25.57
CA PHE C 151 -32.60 2.97 26.75
C PHE C 151 -33.53 2.42 27.83
N GLU C 152 -34.72 1.96 27.42
CA GLU C 152 -35.78 1.57 28.35
C GLU C 152 -35.49 0.30 29.18
N LEU C 153 -34.41 -0.40 28.84
CA LEU C 153 -34.05 -1.62 29.55
C LEU C 153 -32.89 -1.37 30.52
N ALA C 154 -32.38 -0.14 30.53
CA ALA C 154 -31.27 0.23 31.40
C ALA C 154 -31.53 1.53 32.17
N GLY C 155 -32.40 2.40 31.64
CA GLY C 155 -32.63 3.71 32.23
C GLY C 155 -31.38 4.57 32.09
N GLU C 156 -31.27 5.61 32.93
CA GLU C 156 -30.10 6.49 32.89
C GLU C 156 -28.84 5.79 33.37
N LEU C 157 -27.75 6.01 32.65
CA LEU C 157 -26.46 5.37 32.91
C LEU C 157 -25.37 6.41 33.16
N ASN C 158 -24.64 6.25 34.26
CA ASN C 158 -23.54 7.14 34.58
C ASN C 158 -22.26 6.38 34.85
N GLU C 159 -21.23 7.11 35.27
CA GLU C 159 -19.85 6.61 35.42
C GLU C 159 -19.73 5.40 36.34
N SER C 160 -20.63 5.23 37.29
CA SER C 160 -20.62 4.08 38.19
C SER C 160 -21.16 2.82 37.52
N HIS C 161 -22.01 2.97 36.51
CA HIS C 161 -22.42 1.81 35.70
C HIS C 161 -21.28 1.39 34.78
N PHE C 162 -20.59 2.35 34.15
CA PHE C 162 -19.52 2.04 33.19
C PHE C 162 -18.32 1.36 33.84
N GLN C 163 -18.06 1.71 35.10
CA GLN C 163 -16.90 1.17 35.78
C GLN C 163 -17.18 -0.14 36.51
N SER C 164 -18.43 -0.60 36.44
CA SER C 164 -18.78 -1.92 36.95
C SER C 164 -19.54 -2.79 35.92
N SER C 165 -20.27 -3.79 36.40
CA SER C 165 -20.90 -4.76 35.51
C SER C 165 -22.26 -4.33 34.97
N ILE C 166 -22.33 -4.19 33.66
CA ILE C 166 -23.56 -3.84 32.96
C ILE C 166 -24.58 -4.98 33.01
N TYR C 167 -24.12 -6.22 32.92
CA TYR C 167 -25.00 -7.36 33.10
C TYR C 167 -25.72 -7.28 34.44
N ASP C 168 -24.99 -6.85 35.45
CA ASP C 168 -25.49 -6.80 36.80
C ASP C 168 -26.59 -5.75 36.91
N HIS C 169 -26.34 -4.59 36.31
CA HIS C 169 -27.31 -3.51 36.30
C HIS C 169 -28.61 -3.95 35.61
N ILE C 170 -28.46 -4.58 34.46
CA ILE C 170 -29.60 -5.05 33.67
C ILE C 170 -30.55 -5.96 34.47
N GLU C 171 -30.00 -6.87 35.25
CA GLU C 171 -30.83 -7.77 36.07
C GLU C 171 -31.49 -7.06 37.26
N ARG C 172 -30.72 -6.19 37.91
CA ARG C 172 -31.24 -5.38 39.00
C ARG C 172 -32.33 -4.44 38.48
N TYR C 173 -32.06 -3.78 37.36
CA TYR C 173 -32.99 -2.80 36.81
C TYR C 173 -34.31 -3.41 36.31
N ASN C 174 -34.23 -4.51 35.56
CA ASN C 174 -35.42 -5.14 35.02
C ASN C 174 -36.10 -6.11 35.97
N SER C 175 -35.37 -6.57 36.98
CA SER C 175 -35.81 -7.68 37.87
C SER C 175 -36.08 -8.98 37.12
N ILE C 176 -35.47 -9.13 35.95
CA ILE C 176 -35.60 -10.34 35.12
C ILE C 176 -34.19 -10.86 34.87
N PRO C 177 -33.98 -12.18 35.02
CA PRO C 177 -32.67 -12.77 34.77
C PRO C 177 -32.27 -12.79 33.30
N ILE C 178 -30.96 -12.63 33.07
CA ILE C 178 -30.34 -12.88 31.77
C ILE C 178 -30.41 -14.38 31.48
N SER C 179 -30.70 -14.76 30.24
CA SER C 179 -30.96 -16.17 29.93
C SER C 179 -30.05 -16.83 28.89
N ARG C 180 -29.83 -16.14 27.77
CA ARG C 180 -28.83 -16.59 26.79
C ARG C 180 -28.26 -15.57 25.82
N ALA C 181 -27.24 -16.03 25.10
CA ALA C 181 -26.49 -15.20 24.17
C ALA C 181 -26.20 -15.95 22.89
N LYS C 182 -26.20 -15.23 21.79
CA LYS C 182 -25.63 -15.72 20.55
C LYS C 182 -24.28 -15.03 20.41
N GLN C 183 -23.24 -15.78 20.04
CA GLN C 183 -21.88 -15.25 20.01
C GLN C 183 -21.09 -15.77 18.83
N GLU C 184 -20.31 -14.88 18.22
CA GLU C 184 -19.52 -15.13 17.02
C GLU C 184 -18.09 -14.65 17.23
N LEU C 185 -17.14 -15.51 16.88
CA LEU C 185 -15.72 -15.30 17.10
C LEU C 185 -14.96 -15.42 15.79
N GLU C 186 -14.07 -14.47 15.55
CA GLU C 186 -13.34 -14.38 14.29
C GLU C 186 -11.95 -13.83 14.63
N PRO C 187 -10.89 -14.45 14.06
CA PRO C 187 -9.54 -13.96 14.32
C PRO C 187 -9.25 -12.76 13.40
N SER C 188 -8.62 -11.73 13.93
CA SER C 188 -8.18 -10.62 13.10
C SER C 188 -6.80 -10.15 13.53
N ALA C 189 -6.39 -9.00 12.97
CA ALA C 189 -5.15 -8.32 13.36
C ALA C 189 -5.50 -6.93 13.90
N ALA C 190 -4.78 -6.47 14.92
CA ALA C 190 -5.09 -5.19 15.55
C ALA C 190 -4.86 -4.04 14.56
N THR C 191 -5.81 -3.10 14.50
CA THR C 191 -5.58 -1.86 13.77
C THR C 191 -4.66 -0.99 14.60
N THR C 192 -4.12 0.06 13.98
CA THR C 192 -3.20 0.96 14.66
C THR C 192 -3.77 1.45 15.99
N GLU C 193 -4.98 1.99 15.97
CA GLU C 193 -5.60 2.58 17.17
C GLU C 193 -6.06 1.55 18.19
N GLU C 194 -6.46 0.36 17.73
CA GLU C 194 -6.83 -0.72 18.63
C GLU C 194 -5.59 -1.21 19.39
N ALA C 195 -4.47 -1.33 18.67
CA ALA C 195 -3.18 -1.74 19.23
C ALA C 195 -2.69 -0.75 20.29
N ASN C 196 -2.86 0.54 19.99
CA ASN C 196 -2.47 1.61 20.89
C ASN C 196 -3.24 1.56 22.20
N ILE C 197 -4.56 1.42 22.12
CA ILE C 197 -5.41 1.38 23.30
C ILE C 197 -5.20 0.06 24.06
N LEU C 198 -5.05 -1.05 23.33
CA LEU C 198 -4.87 -2.38 23.95
C LEU C 198 -3.46 -2.64 24.50
N GLY C 199 -2.50 -1.79 24.13
CA GLY C 199 -1.16 -1.95 24.67
C GLY C 199 -0.39 -3.02 23.94
N ILE C 200 -0.68 -3.17 22.66
CA ILE C 200 -0.03 -4.15 21.84
C ILE C 200 0.51 -3.53 20.54
N GLN C 201 1.28 -4.33 19.79
CA GLN C 201 1.80 -3.95 18.49
C GLN C 201 0.70 -3.98 17.43
N LYS C 202 0.76 -3.00 16.53
CA LYS C 202 -0.11 -2.95 15.35
C LYS C 202 -0.05 -4.26 14.58
N GLY C 203 -1.23 -4.83 14.30
CA GLY C 203 -1.31 -6.06 13.54
C GLY C 203 -1.13 -7.31 14.37
N ALA C 204 -0.98 -7.18 15.68
CA ALA C 204 -0.91 -8.37 16.55
C ALA C 204 -2.25 -9.10 16.54
N PRO C 205 -2.22 -10.43 16.76
CA PRO C 205 -3.44 -11.26 16.80
C PRO C 205 -4.50 -10.78 17.80
N VAL C 206 -5.74 -10.76 17.33
CA VAL C 206 -6.83 -10.20 18.09
C VAL C 206 -8.06 -11.07 17.86
N LEU C 207 -8.92 -11.15 18.86
CA LEU C 207 -10.14 -11.93 18.72
C LEU C 207 -11.34 -11.01 18.68
N LEU C 208 -12.06 -11.08 17.57
CA LEU C 208 -13.28 -10.31 17.33
C LEU C 208 -14.47 -11.09 17.85
N ILE C 209 -15.12 -10.56 18.88
CA ILE C 209 -16.29 -11.20 19.47
C ILE C 209 -17.56 -10.35 19.30
N LYS C 210 -18.54 -10.88 18.58
CA LYS C 210 -19.86 -10.25 18.40
C LYS C 210 -20.88 -11.02 19.23
N ARG C 211 -21.57 -10.35 20.15
CA ARG C 211 -22.53 -11.03 21.03
C ARG C 211 -23.85 -10.27 21.20
N THR C 212 -24.96 -11.00 20.99
CA THR C 212 -26.32 -10.59 21.36
C THR C 212 -26.86 -11.39 22.57
N THR C 213 -27.21 -10.66 23.64
CA THR C 213 -27.63 -11.27 24.90
C THR C 213 -29.11 -10.98 25.18
N TYR C 214 -29.76 -11.94 25.84
CA TYR C 214 -31.21 -11.93 25.97
C TYR C 214 -31.63 -12.13 27.42
N LEU C 215 -32.76 -11.51 27.77
CA LEU C 215 -33.41 -11.73 29.06
C LEU C 215 -34.27 -12.98 28.97
N GLN C 216 -34.66 -13.51 30.13
CA GLN C 216 -35.48 -14.71 30.26
C GLN C 216 -36.80 -14.61 29.50
N ASN C 217 -37.32 -13.39 29.36
CA ASN C 217 -38.53 -13.16 28.57
C ASN C 217 -38.30 -13.15 27.04
N GLY C 218 -37.07 -13.33 26.62
CA GLY C 218 -36.71 -13.32 25.19
C GLY C 218 -36.39 -11.96 24.61
N THR C 219 -36.44 -10.91 25.41
CA THR C 219 -36.06 -9.57 24.97
C THR C 219 -34.54 -9.47 24.91
N ALA C 220 -34.04 -8.99 23.77
CA ALA C 220 -32.64 -8.68 23.55
C ALA C 220 -32.37 -7.35 24.24
N PHE C 221 -31.34 -7.31 25.08
CA PHE C 221 -30.98 -6.07 25.77
C PHE C 221 -29.62 -5.51 25.37
N GLU C 222 -28.78 -6.35 24.75
CA GLU C 222 -27.44 -5.91 24.36
C GLU C 222 -26.95 -6.53 23.07
N HIS C 223 -26.37 -5.70 22.22
CA HIS C 223 -25.54 -6.14 21.10
C HIS C 223 -24.16 -5.53 21.28
N ALA C 224 -23.15 -6.37 21.49
CA ALA C 224 -21.79 -5.88 21.70
C ALA C 224 -20.84 -6.41 20.64
N LYS C 225 -19.86 -5.58 20.27
CA LYS C 225 -18.77 -5.97 19.39
C LYS C 225 -17.47 -5.62 20.11
N SER C 226 -16.61 -6.62 20.27
CA SER C 226 -15.38 -6.50 21.05
C SER C 226 -14.15 -7.00 20.28
N VAL C 227 -13.00 -6.46 20.65
CA VAL C 227 -11.70 -6.87 20.16
C VAL C 227 -10.90 -7.23 21.41
N TYR C 228 -10.56 -8.51 21.57
CA TYR C 228 -9.82 -8.99 22.74
C TYR C 228 -8.41 -9.29 22.31
N ARG C 229 -7.41 -9.02 23.15
CA ARG C 229 -6.04 -9.34 22.76
C ARG C 229 -5.74 -10.83 22.80
N GLY C 230 -5.13 -11.32 21.71
CA GLY C 230 -4.80 -12.72 21.57
C GLY C 230 -3.74 -13.18 22.52
N ASP C 231 -2.80 -12.30 22.87
CA ASP C 231 -1.74 -12.66 23.80
C ASP C 231 -2.22 -12.95 25.24
N ARG C 232 -3.33 -12.36 25.69
CA ARG C 232 -3.86 -12.62 27.04
C ARG C 232 -5.20 -13.36 27.10
N TYR C 233 -5.87 -13.53 25.97
CA TYR C 233 -7.21 -14.12 26.02
C TYR C 233 -7.40 -15.37 25.15
N THR C 234 -8.01 -16.39 25.75
CA THR C 234 -8.40 -17.62 25.07
C THR C 234 -9.87 -17.83 25.45
N PHE C 235 -10.69 -18.21 24.47
CA PHE C 235 -12.09 -18.55 24.68
C PHE C 235 -12.20 -20.04 24.99
N VAL C 236 -12.79 -20.38 26.15
CA VAL C 236 -12.95 -21.79 26.56
C VAL C 236 -14.40 -22.10 26.84
N HIS C 237 -14.93 -23.17 26.28
CA HIS C 237 -16.31 -23.51 26.49
C HIS C 237 -16.64 -24.94 26.09
N TYR C 238 -17.59 -25.53 26.80
CA TYR C 238 -18.11 -26.84 26.46
C TYR C 238 -19.21 -26.72 25.43
N MET C 239 -19.30 -27.70 24.54
CA MET C 239 -20.32 -27.75 23.51
C MET C 239 -20.92 -29.13 23.66
N ASP C 240 -22.24 -29.17 23.78
CA ASP C 240 -22.99 -30.41 24.01
C ASP C 240 -23.60 -30.93 22.72
N ARG C 241 -23.66 -32.24 22.55
CA ARG C 241 -24.25 -32.78 21.35
C ARG C 241 -25.74 -33.11 21.46
N LEU C 242 -26.52 -32.46 20.60
CA LEU C 242 -27.95 -32.72 20.45
C LEU C 242 -28.20 -33.94 19.57
N MET D 1 -22.90 -14.03 -13.30
CA MET D 1 -22.14 -15.31 -13.47
C MET D 1 -21.16 -15.22 -14.62
N ASN D 2 -19.99 -15.80 -14.41
CA ASN D 2 -18.96 -15.84 -15.43
C ASN D 2 -18.56 -17.28 -15.69
N ILE D 3 -18.78 -17.74 -16.93
CA ILE D 3 -18.33 -19.06 -17.36
C ILE D 3 -17.10 -18.96 -18.26
N ASN D 4 -16.08 -19.76 -17.94
CA ASN D 4 -14.83 -19.79 -18.70
C ASN D 4 -14.65 -21.15 -19.38
N LYS D 5 -15.01 -21.21 -20.66
CA LYS D 5 -15.06 -22.45 -21.44
C LYS D 5 -13.69 -23.08 -21.72
N GLN D 6 -12.65 -22.27 -21.88
CA GLN D 6 -11.31 -22.79 -22.12
CA GLN D 6 -11.31 -22.78 -22.13
C GLN D 6 -10.62 -23.29 -20.84
N SER D 7 -11.29 -23.19 -19.70
CA SER D 7 -10.67 -23.57 -18.44
C SER D 7 -10.70 -25.09 -18.22
N PRO D 8 -9.65 -25.66 -17.57
CA PRO D 8 -9.57 -27.09 -17.22
C PRO D 8 -10.69 -27.56 -16.30
N ILE D 9 -11.28 -26.60 -15.57
CA ILE D 9 -12.36 -26.92 -14.63
C ILE D 9 -13.62 -27.08 -15.45
N PRO D 10 -14.33 -28.23 -15.30
CA PRO D 10 -15.55 -28.48 -16.09
C PRO D 10 -16.58 -27.37 -15.93
N ILE D 11 -17.28 -27.06 -17.00
CA ILE D 11 -18.36 -26.07 -16.96
C ILE D 11 -19.43 -26.36 -15.88
N TYR D 12 -19.94 -27.59 -15.82
CA TYR D 12 -20.94 -27.94 -14.81
C TYR D 12 -20.46 -27.54 -13.40
N TYR D 13 -19.18 -27.77 -13.10
CA TYR D 13 -18.55 -27.48 -11.81
C TYR D 13 -18.40 -25.97 -11.55
N GLN D 14 -18.16 -25.19 -12.63
CA GLN D 14 -18.06 -23.73 -12.53
C GLN D 14 -19.43 -23.13 -12.15
N ILE D 15 -20.49 -23.68 -12.74
CA ILE D 15 -21.86 -23.24 -12.43
C ILE D 15 -22.23 -23.50 -10.96
N MET D 16 -21.94 -24.70 -10.48
CA MET D 16 -22.20 -25.09 -9.09
C MET D 16 -21.52 -24.12 -8.15
N GLU D 17 -20.23 -23.87 -8.37
CA GLU D 17 -19.48 -23.04 -7.43
C GLU D 17 -20.04 -21.62 -7.37
N GLN D 18 -20.46 -21.12 -8.53
CA GLN D 18 -20.96 -19.75 -8.62
C GLN D 18 -22.36 -19.61 -8.06
N LEU D 19 -23.18 -20.64 -8.26
CA LEU D 19 -24.51 -20.69 -7.65
C LEU D 19 -24.43 -20.74 -6.13
N LYS D 20 -23.47 -21.49 -5.59
CA LYS D 20 -23.24 -21.56 -4.13
C LYS D 20 -22.86 -20.22 -3.49
N THR D 21 -22.06 -19.43 -4.19
CA THR D 21 -21.66 -18.12 -3.66
C THR D 21 -22.81 -17.14 -3.80
N GLN D 22 -23.62 -17.31 -4.85
CA GLN D 22 -24.85 -16.55 -5.02
C GLN D 22 -25.82 -16.79 -3.87
N ILE D 23 -25.94 -18.04 -3.45
CA ILE D 23 -26.76 -18.40 -2.29
C ILE D 23 -26.18 -17.76 -1.01
N LYS D 24 -24.86 -17.82 -0.82
CA LYS D 24 -24.23 -17.28 0.37
C LYS D 24 -24.38 -15.77 0.48
N ASN D 25 -24.20 -15.05 -0.63
CA ASN D 25 -24.33 -13.59 -0.58
C ASN D 25 -25.75 -13.08 -0.87
N GLY D 26 -26.73 -13.99 -0.77
CA GLY D 26 -28.15 -13.63 -0.80
C GLY D 26 -28.70 -13.26 -2.16
N GLU D 27 -27.84 -13.32 -3.17
CA GLU D 27 -28.20 -13.06 -4.56
C GLU D 27 -29.32 -14.00 -5.03
N LEU D 28 -29.32 -15.23 -4.48
CA LEU D 28 -30.45 -16.14 -4.65
C LEU D 28 -31.11 -16.37 -3.31
N GLN D 29 -32.40 -16.07 -3.27
CA GLN D 29 -33.19 -16.14 -2.04
C GLN D 29 -33.77 -17.55 -1.84
N PRO D 30 -33.83 -18.00 -0.57
CA PRO D 30 -34.44 -19.27 -0.19
C PRO D 30 -35.88 -19.36 -0.65
N ASP D 31 -36.28 -20.54 -1.13
CA ASP D 31 -37.64 -20.80 -1.63
C ASP D 31 -38.06 -19.80 -2.71
N MET D 32 -37.12 -19.52 -3.62
CA MET D 32 -37.32 -18.60 -4.73
C MET D 32 -36.76 -19.23 -6.01
N PRO D 33 -37.51 -19.14 -7.12
CA PRO D 33 -37.25 -19.90 -8.35
C PRO D 33 -35.91 -19.63 -9.00
N LEU D 34 -35.22 -20.70 -9.39
CA LEU D 34 -34.04 -20.55 -10.22
C LEU D 34 -34.48 -20.35 -11.66
N PRO D 35 -33.65 -19.66 -12.47
CA PRO D 35 -33.86 -19.68 -13.91
C PRO D 35 -34.02 -21.10 -14.42
N SER D 36 -34.78 -21.24 -15.50
CA SER D 36 -34.98 -22.50 -16.19
C SER D 36 -33.65 -23.07 -16.67
N GLU D 37 -33.63 -24.38 -16.89
CA GLU D 37 -32.49 -25.08 -17.44
C GLU D 37 -32.05 -24.46 -18.78
N ARG D 38 -33.01 -24.24 -19.67
CA ARG D 38 -32.76 -23.65 -21.00
C ARG D 38 -32.50 -22.14 -20.95
N GLU D 39 -32.92 -21.51 -19.86
CA GLU D 39 -32.61 -20.10 -19.60
C GLU D 39 -31.11 -19.96 -19.38
N TYR D 40 -30.58 -20.72 -18.41
CA TYR D 40 -29.14 -20.82 -18.12
C TYR D 40 -28.31 -21.21 -19.35
N ALA D 41 -28.74 -22.29 -20.02
CA ALA D 41 -28.10 -22.78 -21.23
C ALA D 41 -27.86 -21.68 -22.26
N GLU D 42 -28.93 -21.01 -22.65
CA GLU D 42 -28.87 -19.96 -23.67
C GLU D 42 -28.12 -18.72 -23.19
N GLN D 43 -28.22 -18.43 -21.89
CA GLN D 43 -27.50 -17.33 -21.26
C GLN D 43 -25.98 -17.45 -21.47
N PHE D 44 -25.46 -18.68 -21.39
CA PHE D 44 -24.01 -18.91 -21.52
C PHE D 44 -23.59 -19.53 -22.84
N GLY D 45 -24.57 -19.95 -23.64
CA GLY D 45 -24.27 -20.64 -24.88
C GLY D 45 -23.70 -22.01 -24.59
N ILE D 46 -24.30 -22.71 -23.64
CA ILE D 46 -23.88 -24.06 -23.29
C ILE D 46 -25.01 -25.09 -23.46
N SER D 47 -24.62 -26.36 -23.42
CA SER D 47 -25.55 -27.48 -23.48
C SER D 47 -26.48 -27.47 -22.26
N ARG D 48 -27.77 -27.70 -22.51
CA ARG D 48 -28.75 -27.79 -21.43
C ARG D 48 -28.40 -28.94 -20.46
N MET D 49 -27.79 -30.00 -20.99
CA MET D 49 -27.35 -31.15 -20.20
C MET D 49 -26.24 -30.79 -19.22
N THR D 50 -25.42 -29.80 -19.57
CA THR D 50 -24.37 -29.34 -18.67
C THR D 50 -24.97 -28.59 -17.47
N VAL D 51 -25.96 -27.75 -17.74
CA VAL D 51 -26.73 -27.07 -16.70
C VAL D 51 -27.50 -28.09 -15.86
N ARG D 52 -28.09 -29.08 -16.53
CA ARG D 52 -28.78 -30.16 -15.83
C ARG D 52 -27.87 -30.91 -14.85
N GLN D 53 -26.63 -31.20 -15.26
CA GLN D 53 -25.62 -31.85 -14.40
CA GLN D 53 -25.68 -31.87 -14.36
C GLN D 53 -25.33 -30.97 -13.18
N ALA D 54 -25.21 -29.66 -13.40
CA ALA D 54 -24.96 -28.71 -12.32
C ALA D 54 -26.11 -28.67 -11.32
N LEU D 55 -27.31 -28.47 -11.83
CA LEU D 55 -28.49 -28.31 -10.98
C LEU D 55 -28.85 -29.59 -10.24
N SER D 56 -28.73 -30.72 -10.93
CA SER D 56 -28.95 -32.03 -10.35
C SER D 56 -28.01 -32.33 -9.18
N ASN D 57 -26.70 -32.12 -9.37
CA ASN D 57 -25.74 -32.35 -8.31
C ASN D 57 -26.02 -31.46 -7.09
N LEU D 58 -26.43 -30.23 -7.33
CA LEU D 58 -26.79 -29.32 -6.24
C LEU D 58 -28.04 -29.82 -5.53
N VAL D 59 -28.97 -30.38 -6.29
CA VAL D 59 -30.17 -30.99 -5.68
C VAL D 59 -29.78 -32.17 -4.76
N ASN D 60 -28.92 -33.05 -5.25
CA ASN D 60 -28.50 -34.24 -4.49
C ASN D 60 -27.69 -33.92 -3.23
N GLU D 61 -27.04 -32.77 -3.23
CA GLU D 61 -26.36 -32.25 -2.05
C GLU D 61 -27.34 -31.61 -1.08
N GLY D 62 -28.60 -31.45 -1.49
CA GLY D 62 -29.63 -30.85 -0.64
C GLY D 62 -29.55 -29.34 -0.58
N LEU D 63 -28.89 -28.74 -1.56
CA LEU D 63 -28.68 -27.30 -1.60
C LEU D 63 -29.81 -26.62 -2.36
N LEU D 64 -30.44 -27.38 -3.26
CA LEU D 64 -31.64 -26.99 -3.99
C LEU D 64 -32.66 -28.11 -3.85
N TYR D 65 -33.92 -27.79 -4.12
CA TYR D 65 -34.95 -28.82 -4.26
C TYR D 65 -35.74 -28.58 -5.55
N ARG D 66 -36.46 -29.60 -5.98
CA ARG D 66 -37.28 -29.52 -7.18
C ARG D 66 -38.73 -29.85 -6.84
N LEU D 67 -39.65 -29.16 -7.49
CA LEU D 67 -41.07 -29.46 -7.39
C LEU D 67 -41.54 -29.94 -8.76
N LYS D 68 -42.00 -31.19 -8.86
CA LYS D 68 -42.39 -31.78 -10.15
C LYS D 68 -43.30 -30.86 -10.95
N GLY D 69 -42.79 -30.34 -12.06
CA GLY D 69 -43.57 -29.48 -12.94
C GLY D 69 -43.58 -28.00 -12.57
N ARG D 70 -42.84 -27.63 -11.53
CA ARG D 70 -42.70 -26.21 -11.15
C ARG D 70 -41.32 -25.65 -11.49
N GLY D 71 -40.28 -26.07 -10.75
CA GLY D 71 -38.91 -25.62 -11.01
C GLY D 71 -37.96 -25.95 -9.88
N THR D 72 -36.81 -25.26 -9.84
CA THR D 72 -35.80 -25.48 -8.80
C THR D 72 -35.71 -24.32 -7.79
N PHE D 73 -35.48 -24.64 -6.52
CA PHE D 73 -35.52 -23.64 -5.44
C PHE D 73 -34.47 -23.93 -4.38
N VAL D 74 -34.16 -22.93 -3.55
CA VAL D 74 -33.06 -22.98 -2.60
C VAL D 74 -33.42 -23.58 -1.23
N SER D 75 -32.79 -24.69 -0.89
CA SER D 75 -33.11 -25.45 0.32
C SER D 75 -32.39 -25.00 1.63
N LYS D 76 -33.14 -25.05 2.72
CA LYS D 76 -32.71 -24.51 4.01
C LYS D 76 -32.13 -25.58 4.96
N PRO D 77 -30.93 -25.31 5.52
CA PRO D 77 -30.08 -26.33 6.14
C PRO D 77 -30.14 -26.35 7.69
N LYS D 78 -30.64 -27.46 8.24
CA LYS D 78 -30.74 -27.63 9.69
C LYS D 78 -29.59 -26.97 10.47
N MET D 79 -29.96 -26.18 11.46
CA MET D 79 -29.01 -25.35 12.21
CA MET D 79 -28.99 -25.37 12.20
C MET D 79 -28.97 -25.68 13.70
N GLU D 80 -29.89 -26.52 14.17
CA GLU D 80 -29.96 -26.87 15.59
C GLU D 80 -28.60 -27.33 16.13
N GLN D 81 -28.04 -28.38 15.51
CA GLN D 81 -26.76 -28.95 15.91
C GLN D 81 -25.65 -27.93 15.81
N ALA D 82 -25.57 -27.25 14.66
CA ALA D 82 -24.57 -26.18 14.39
C ALA D 82 -24.54 -25.02 15.38
N LEU D 83 -25.70 -24.52 15.82
CA LEU D 83 -25.76 -23.33 16.66
C LEU D 83 -25.96 -23.66 18.13
N GLN D 84 -26.58 -24.80 18.40
CA GLN D 84 -26.90 -25.18 19.77
C GLN D 84 -26.26 -26.50 20.22
N GLY D 85 -25.56 -27.17 19.30
CA GLY D 85 -24.94 -28.45 19.62
C GLY D 85 -23.43 -28.49 19.40
N LEU D 86 -22.96 -29.69 19.09
CA LEU D 86 -21.57 -29.93 18.74
C LEU D 86 -21.55 -30.54 17.35
N THR D 87 -20.74 -29.98 16.46
CA THR D 87 -20.67 -30.51 15.09
C THR D 87 -19.29 -31.07 14.81
N SER D 88 -19.23 -32.13 14.03
CA SER D 88 -18.01 -32.52 13.33
C SER D 88 -17.71 -31.48 12.27
N PHE D 89 -16.51 -31.58 11.66
CA PHE D 89 -16.15 -30.70 10.51
C PHE D 89 -17.09 -30.95 9.34
N THR D 90 -17.33 -32.21 9.05
CA THR D 90 -18.26 -32.62 8.01
C THR D 90 -19.60 -31.86 8.11
N GLU D 91 -20.21 -31.89 9.31
CA GLU D 91 -21.55 -31.30 9.56
C GLU D 91 -21.49 -29.79 9.65
N ASP D 92 -20.38 -29.25 10.14
CA ASP D 92 -20.14 -27.82 10.23
C ASP D 92 -20.14 -27.21 8.82
N MET D 93 -19.36 -27.79 7.90
CA MET D 93 -19.37 -27.31 6.52
C MET D 93 -20.75 -27.40 5.86
N LYS D 94 -21.43 -28.52 6.02
CA LYS D 94 -22.79 -28.67 5.50
C LYS D 94 -23.72 -27.55 5.98
N SER D 95 -23.64 -27.23 7.27
CA SER D 95 -24.51 -26.22 7.87
C SER D 95 -24.30 -24.83 7.22
N ARG D 96 -23.14 -24.66 6.61
CA ARG D 96 -22.76 -23.43 5.91
C ARG D 96 -22.94 -23.56 4.41
N GLY D 97 -23.58 -24.64 3.96
CA GLY D 97 -23.79 -24.90 2.53
C GLY D 97 -22.56 -25.22 1.69
N MET D 98 -21.50 -25.76 2.32
CA MET D 98 -20.25 -26.12 1.61
C MET D 98 -20.04 -27.63 1.63
N THR D 99 -19.23 -28.13 0.69
CA THR D 99 -18.95 -29.56 0.58
C THR D 99 -17.65 -29.93 1.32
N PRO D 100 -17.77 -30.71 2.42
CA PRO D 100 -16.57 -31.08 3.14
C PRO D 100 -15.75 -32.15 2.40
N GLY D 101 -14.44 -32.13 2.57
CA GLY D 101 -13.56 -33.22 2.14
C GLY D 101 -12.29 -33.15 2.97
N SER D 102 -11.41 -34.14 2.81
CA SER D 102 -10.12 -34.16 3.49
C SER D 102 -9.02 -34.71 2.59
N ARG D 103 -7.81 -34.16 2.77
CA ARG D 103 -6.60 -34.56 2.08
C ARG D 103 -5.67 -34.95 3.24
N LEU D 104 -5.12 -36.15 3.23
CA LEU D 104 -4.21 -36.58 4.31
C LEU D 104 -2.85 -35.91 4.18
N ILE D 105 -2.32 -35.42 5.30
CA ILE D 105 -0.95 -34.90 5.35
C ILE D 105 0.00 -35.96 5.97
N ASP D 106 -0.48 -36.64 7.01
CA ASP D 106 0.33 -37.60 7.76
C ASP D 106 -0.57 -38.51 8.60
N TYR D 107 -0.28 -39.80 8.58
CA TYR D 107 -0.84 -40.74 9.55
C TYR D 107 0.29 -41.48 10.27
N GLN D 108 0.11 -41.66 11.56
CA GLN D 108 1.15 -42.20 12.43
C GLN D 108 0.48 -42.92 13.57
N LEU D 109 0.84 -44.18 13.80
CA LEU D 109 0.38 -44.88 15.00
C LEU D 109 1.51 -44.81 16.02
N ILE D 110 1.23 -44.15 17.15
CA ILE D 110 2.29 -43.84 18.13
C ILE D 110 2.10 -44.49 19.51
N ASP D 111 3.20 -44.55 20.25
CA ASP D 111 3.18 -44.87 21.66
C ASP D 111 2.56 -43.73 22.45
N SER D 112 1.88 -44.08 23.54
CA SER D 112 1.35 -43.09 24.46
C SER D 112 2.43 -42.36 25.25
N THR D 113 2.21 -41.06 25.46
CA THR D 113 2.97 -40.29 26.43
C THR D 113 2.11 -39.99 27.65
N GLU D 114 2.75 -39.76 28.79
CA GLU D 114 2.03 -39.45 30.03
C GLU D 114 1.08 -38.25 29.93
N GLU D 115 1.51 -37.18 29.25
CA GLU D 115 0.66 -36.01 29.04
C GLU D 115 -0.57 -36.35 28.19
N LEU D 116 -0.35 -37.13 27.15
CA LEU D 116 -1.40 -37.52 26.22
C LEU D 116 -2.39 -38.46 26.88
N ALA D 117 -1.87 -39.43 27.64
CA ALA D 117 -2.70 -40.32 28.45
C ALA D 117 -3.50 -39.56 29.51
N ALA D 118 -2.92 -38.50 30.09
CA ALA D 118 -3.64 -37.65 31.03
C ALA D 118 -4.77 -36.83 30.39
N ILE D 119 -4.52 -36.32 29.19
CA ILE D 119 -5.53 -35.56 28.45
C ILE D 119 -6.72 -36.46 28.09
N LEU D 120 -6.40 -37.66 27.59
CA LEU D 120 -7.37 -38.62 27.07
C LEU D 120 -8.01 -39.50 28.16
N GLY D 121 -7.36 -39.59 29.31
CA GLY D 121 -7.74 -40.53 30.35
C GLY D 121 -7.61 -41.97 29.87
N CYS D 122 -6.78 -42.17 28.85
CA CYS D 122 -6.57 -43.49 28.27
C CYS D 122 -5.38 -44.19 28.94
N GLY D 123 -4.91 -45.27 28.32
CA GLY D 123 -3.86 -46.11 28.90
C GLY D 123 -2.44 -45.65 28.67
N HIS D 124 -1.58 -45.87 29.65
CA HIS D 124 -0.15 -45.67 29.51
C HIS D 124 0.55 -46.92 30.07
N PRO D 125 1.16 -47.73 29.19
CA PRO D 125 1.36 -47.49 27.76
C PRO D 125 0.24 -48.02 26.88
N SER D 126 0.03 -47.36 25.74
CA SER D 126 -0.95 -47.82 24.75
C SER D 126 -0.67 -47.24 23.36
N SER D 127 -1.47 -47.64 22.38
CA SER D 127 -1.37 -47.13 21.02
C SER D 127 -2.39 -46.05 20.72
N ILE D 128 -1.93 -44.97 20.08
CA ILE D 128 -2.76 -43.84 19.73
C ILE D 128 -2.59 -43.48 18.25
N HIS D 129 -3.71 -43.33 17.53
CA HIS D 129 -3.68 -42.76 16.18
C HIS D 129 -3.33 -41.29 16.25
N LYS D 130 -2.47 -40.86 15.33
CA LYS D 130 -2.25 -39.44 15.13
C LYS D 130 -2.49 -39.14 13.66
N ILE D 131 -3.55 -38.38 13.41
CA ILE D 131 -4.04 -38.10 12.06
C ILE D 131 -3.96 -36.61 11.72
N THR D 132 -3.15 -36.27 10.72
CA THR D 132 -3.06 -34.90 10.27
C THR D 132 -3.64 -34.75 8.86
N ARG D 133 -4.68 -33.93 8.75
CA ARG D 133 -5.40 -33.74 7.51
C ARG D 133 -5.57 -32.25 7.21
N VAL D 134 -5.55 -31.91 5.93
CA VAL D 134 -6.13 -30.66 5.45
C VAL D 134 -7.63 -30.90 5.30
N ARG D 135 -8.43 -30.07 5.96
CA ARG D 135 -9.88 -30.14 5.87
C ARG D 135 -10.32 -29.18 4.78
N LEU D 136 -11.10 -29.67 3.83
CA LEU D 136 -11.47 -28.93 2.63
C LEU D 136 -12.95 -28.52 2.67
N ALA D 137 -13.25 -27.33 2.16
CA ALA D 137 -14.62 -26.94 1.93
C ALA D 137 -14.69 -26.49 0.48
N ASN D 138 -15.58 -27.10 -0.32
CA ASN D 138 -15.63 -26.83 -1.74
C ASN D 138 -14.28 -27.00 -2.47
N ASP D 139 -13.51 -28.03 -2.05
CA ASP D 139 -12.22 -28.40 -2.69
C ASP D 139 -11.08 -27.39 -2.44
N ILE D 140 -11.31 -26.51 -1.48
CA ILE D 140 -10.43 -25.42 -1.15
C ILE D 140 -10.13 -25.56 0.35
N PRO D 141 -8.82 -25.58 0.70
CA PRO D 141 -8.40 -25.75 2.09
C PRO D 141 -9.13 -24.84 3.05
N MET D 142 -9.56 -25.40 4.18
CA MET D 142 -10.25 -24.62 5.20
C MET D 142 -9.51 -24.66 6.51
N ALA D 143 -8.84 -25.79 6.78
CA ALA D 143 -8.22 -25.99 8.09
C ALA D 143 -7.15 -27.09 8.00
N ILE D 144 -6.22 -27.06 8.94
CA ILE D 144 -5.30 -28.17 9.15
C ILE D 144 -5.57 -28.75 10.53
N GLU D 145 -5.78 -30.05 10.58
CA GLU D 145 -6.26 -30.68 11.80
C GLU D 145 -5.32 -31.81 12.21
N SER D 146 -4.94 -31.81 13.47
CA SER D 146 -4.13 -32.88 14.03
C SER D 146 -4.94 -33.51 15.17
N SER D 147 -5.26 -34.78 15.07
CA SER D 147 -6.05 -35.39 16.14
C SER D 147 -5.45 -36.67 16.67
N HIS D 148 -5.53 -36.84 17.98
CA HIS D 148 -5.12 -38.07 18.66
C HIS D 148 -6.33 -38.88 19.09
N ILE D 149 -6.37 -40.15 18.71
CA ILE D 149 -7.47 -41.04 19.04
C ILE D 149 -6.88 -42.37 19.53
N PRO D 150 -7.24 -42.81 20.76
CA PRO D 150 -6.82 -44.10 21.32
C PRO D 150 -7.18 -45.26 20.38
N PHE D 151 -6.23 -46.13 20.07
CA PHE D 151 -6.48 -47.22 19.11
C PHE D 151 -7.77 -47.98 19.39
N GLU D 152 -7.90 -48.45 20.64
CA GLU D 152 -9.01 -49.31 21.06
C GLU D 152 -10.41 -48.73 20.73
N LEU D 153 -10.46 -47.41 20.56
CA LEU D 153 -11.70 -46.67 20.39
C LEU D 153 -12.05 -46.47 18.91
N ALA D 154 -11.13 -46.86 18.01
CA ALA D 154 -11.31 -46.65 16.57
C ALA D 154 -11.00 -47.89 15.74
N GLY D 155 -10.02 -48.68 16.19
CA GLY D 155 -9.56 -49.85 15.44
C GLY D 155 -8.62 -49.42 14.34
N GLU D 156 -8.47 -50.25 13.31
CA GLU D 156 -7.53 -49.93 12.24
C GLU D 156 -8.15 -48.96 11.28
N LEU D 157 -7.33 -48.00 10.84
CA LEU D 157 -7.80 -46.92 9.99
C LEU D 157 -7.05 -46.91 8.68
N ASN D 158 -7.80 -46.72 7.60
CA ASN D 158 -7.23 -46.64 6.26
C ASN D 158 -7.74 -45.37 5.57
N GLU D 159 -7.45 -45.20 4.29
CA GLU D 159 -7.77 -43.93 3.61
C GLU D 159 -9.27 -43.67 3.48
N SER D 160 -10.09 -44.71 3.56
CA SER D 160 -11.55 -44.55 3.50
C SER D 160 -12.08 -43.85 4.77
N HIS D 161 -11.50 -44.16 5.92
CA HIS D 161 -11.78 -43.41 7.14
C HIS D 161 -11.32 -41.96 7.04
N PHE D 162 -10.08 -41.74 6.58
CA PHE D 162 -9.47 -40.39 6.52
C PHE D 162 -10.20 -39.44 5.57
N GLN D 163 -10.73 -39.96 4.47
CA GLN D 163 -11.39 -39.13 3.46
C GLN D 163 -12.87 -38.92 3.79
N SER D 164 -13.26 -39.42 4.96
CA SER D 164 -14.64 -39.34 5.48
C SER D 164 -14.71 -38.62 6.83
N SER D 165 -15.77 -38.91 7.57
CA SER D 165 -16.00 -38.34 8.88
C SER D 165 -15.54 -39.32 9.96
N ILE D 166 -14.55 -38.91 10.76
CA ILE D 166 -14.06 -39.72 11.86
C ILE D 166 -15.11 -39.86 12.97
N TYR D 167 -15.83 -38.78 13.25
CA TYR D 167 -16.98 -38.81 14.17
C TYR D 167 -17.99 -39.91 13.84
N ASP D 168 -18.36 -40.05 12.55
CA ASP D 168 -19.28 -41.10 12.11
C ASP D 168 -18.69 -42.48 12.38
N HIS D 169 -17.42 -42.67 11.99
CA HIS D 169 -16.74 -43.92 12.26
C HIS D 169 -16.79 -44.27 13.75
N ILE D 170 -16.55 -43.27 14.59
CA ILE D 170 -16.46 -43.43 16.05
C ILE D 170 -17.78 -43.87 16.68
N GLU D 171 -18.89 -43.21 16.31
CA GLU D 171 -20.24 -43.65 16.72
C GLU D 171 -20.55 -45.07 16.21
N ARG D 172 -20.16 -45.41 14.97
CA ARG D 172 -20.42 -46.77 14.43
C ARG D 172 -19.62 -47.82 15.16
N TYR D 173 -18.32 -47.55 15.32
CA TYR D 173 -17.40 -48.51 15.90
C TYR D 173 -17.73 -48.86 17.35
N ASN D 174 -18.09 -47.85 18.14
CA ASN D 174 -18.29 -48.02 19.57
C ASN D 174 -19.75 -48.28 19.95
N SER D 175 -20.66 -48.05 18.99
CA SER D 175 -22.11 -48.13 19.19
C SER D 175 -22.58 -47.25 20.35
N ILE D 176 -22.03 -46.04 20.42
CA ILE D 176 -22.31 -45.11 21.50
CA ILE D 176 -22.30 -45.10 21.51
C ILE D 176 -22.25 -43.69 20.94
N PRO D 177 -23.24 -42.85 21.31
CA PRO D 177 -23.21 -41.51 20.72
C PRO D 177 -22.03 -40.67 21.21
N ILE D 178 -21.68 -39.66 20.42
CA ILE D 178 -20.79 -38.59 20.85
C ILE D 178 -21.61 -37.63 21.71
N SER D 179 -21.03 -37.23 22.83
CA SER D 179 -21.78 -36.56 23.87
C SER D 179 -21.50 -35.07 23.95
N ARG D 180 -20.23 -34.70 24.05
CA ARG D 180 -19.83 -33.30 24.29
C ARG D 180 -18.35 -33.08 24.04
N ALA D 181 -17.96 -31.82 24.03
CA ALA D 181 -16.56 -31.44 23.81
C ALA D 181 -16.21 -30.22 24.62
N LYS D 182 -14.93 -30.13 24.99
CA LYS D 182 -14.34 -28.91 25.48
C LYS D 182 -13.56 -28.24 24.35
N GLN D 183 -13.79 -26.96 24.16
CA GLN D 183 -13.19 -26.24 23.07
C GLN D 183 -12.50 -24.97 23.53
N GLU D 184 -11.31 -24.73 22.99
CA GLU D 184 -10.53 -23.53 23.23
C GLU D 184 -10.27 -22.85 21.91
N LEU D 185 -10.48 -21.53 21.88
CA LEU D 185 -10.29 -20.74 20.66
C LEU D 185 -9.34 -19.61 20.92
N GLU D 186 -8.40 -19.45 20.00
CA GLU D 186 -7.36 -18.48 20.17
C GLU D 186 -6.94 -17.92 18.79
N PRO D 187 -6.84 -16.58 18.69
CA PRO D 187 -6.41 -15.99 17.43
C PRO D 187 -4.91 -16.15 17.28
N SER D 188 -4.44 -16.30 16.05
CA SER D 188 -3.01 -16.37 15.81
C SER D 188 -2.65 -15.84 14.42
N ALA D 189 -1.39 -16.01 14.06
CA ALA D 189 -0.89 -15.61 12.75
C ALA D 189 -0.35 -16.87 12.07
N ALA D 190 -0.76 -17.11 10.83
CA ALA D 190 -0.36 -18.33 10.09
C ALA D 190 1.15 -18.38 9.94
N THR D 191 1.75 -19.49 10.35
CA THR D 191 3.16 -19.75 10.09
C THR D 191 3.32 -20.06 8.61
N THR D 192 4.57 -19.99 8.14
CA THR D 192 4.91 -20.24 6.75
C THR D 192 4.31 -21.52 6.20
N GLU D 193 4.44 -22.61 6.95
CA GLU D 193 3.99 -23.91 6.51
C GLU D 193 2.48 -24.02 6.51
N GLU D 194 1.82 -23.45 7.52
CA GLU D 194 0.36 -23.44 7.60
C GLU D 194 -0.20 -22.62 6.43
N ALA D 195 0.37 -21.43 6.24
CA ALA D 195 -0.04 -20.50 5.19
C ALA D 195 0.06 -21.07 3.78
N ASN D 196 1.17 -21.74 3.48
CA ASN D 196 1.38 -22.41 2.21
C ASN D 196 0.35 -23.51 1.88
N ILE D 197 0.05 -24.35 2.86
CA ILE D 197 -0.89 -25.47 2.71
C ILE D 197 -2.34 -24.96 2.63
N LEU D 198 -2.66 -23.96 3.45
CA LEU D 198 -3.99 -23.36 3.52
C LEU D 198 -4.33 -22.44 2.35
N GLY D 199 -3.33 -21.87 1.69
CA GLY D 199 -3.58 -20.98 0.56
C GLY D 199 -3.76 -19.51 0.90
N ILE D 200 -2.99 -19.02 1.86
CA ILE D 200 -3.10 -17.66 2.37
C ILE D 200 -1.70 -17.10 2.58
N GLN D 201 -1.55 -15.80 2.85
CA GLN D 201 -0.22 -15.24 3.11
C GLN D 201 0.34 -15.69 4.46
N LYS D 202 1.66 -15.86 4.51
CA LYS D 202 2.36 -15.93 5.78
C LYS D 202 1.86 -14.81 6.71
N GLY D 203 1.51 -15.17 7.93
CA GLY D 203 1.13 -14.19 8.95
C GLY D 203 -0.32 -13.76 8.90
N ALA D 204 -1.09 -14.29 7.94
CA ALA D 204 -2.53 -14.02 7.85
C ALA D 204 -3.29 -14.54 9.09
N PRO D 205 -4.38 -13.85 9.50
CA PRO D 205 -5.17 -14.25 10.67
C PRO D 205 -5.66 -15.68 10.62
N VAL D 206 -5.53 -16.38 11.74
CA VAL D 206 -5.82 -17.80 11.76
C VAL D 206 -6.53 -18.09 13.10
N LEU D 207 -7.43 -19.07 13.08
CA LEU D 207 -8.08 -19.48 14.31
C LEU D 207 -7.55 -20.84 14.78
N LEU D 208 -6.97 -20.84 15.99
CA LEU D 208 -6.49 -22.06 16.64
C LEU D 208 -7.59 -22.66 17.48
N ILE D 209 -7.92 -23.90 17.18
CA ILE D 209 -8.96 -24.60 17.91
C ILE D 209 -8.44 -25.89 18.50
N LYS D 210 -8.49 -25.98 19.83
CA LYS D 210 -8.12 -27.17 20.59
C LYS D 210 -9.39 -27.78 21.16
N ARG D 211 -9.57 -29.09 20.94
CA ARG D 211 -10.81 -29.77 21.25
C ARG D 211 -10.60 -31.17 21.80
N THR D 212 -11.17 -31.43 22.99
CA THR D 212 -11.27 -32.78 23.54
C THR D 212 -12.74 -33.23 23.48
N THR D 213 -13.03 -34.25 22.66
CA THR D 213 -14.38 -34.75 22.46
C THR D 213 -14.65 -36.05 23.24
N TYR D 214 -15.85 -36.15 23.85
CA TYR D 214 -16.22 -37.27 24.73
C TYR D 214 -17.36 -38.13 24.20
N LEU D 215 -17.33 -39.42 24.55
CA LEU D 215 -18.45 -40.30 24.24
C LEU D 215 -19.48 -40.17 25.34
N GLN D 216 -20.70 -40.63 25.05
CA GLN D 216 -21.82 -40.59 25.98
C GLN D 216 -21.39 -41.27 27.27
N ASN D 217 -20.49 -42.22 27.07
CA ASN D 217 -19.70 -42.95 28.09
C ASN D 217 -19.08 -42.11 29.20
N GLY D 218 -18.70 -40.89 28.84
CA GLY D 218 -17.81 -40.08 29.63
C GLY D 218 -16.36 -40.22 29.19
N THR D 219 -16.05 -41.14 28.28
CA THR D 219 -14.66 -41.35 27.89
C THR D 219 -14.29 -40.49 26.69
N ALA D 220 -13.16 -39.79 26.82
CA ALA D 220 -12.55 -39.00 25.77
C ALA D 220 -12.08 -39.91 24.65
N PHE D 221 -12.35 -39.53 23.40
CA PHE D 221 -11.89 -40.34 22.28
C PHE D 221 -11.06 -39.55 21.30
N GLU D 222 -10.98 -38.24 21.51
CA GLU D 222 -10.24 -37.39 20.59
C GLU D 222 -9.72 -36.15 21.28
N HIS D 223 -8.44 -35.89 21.06
CA HIS D 223 -7.86 -34.61 21.36
C HIS D 223 -7.30 -34.03 20.06
N ALA D 224 -7.78 -32.86 19.65
CA ALA D 224 -7.48 -32.30 18.34
C ALA D 224 -7.05 -30.85 18.41
N LYS D 225 -6.03 -30.51 17.61
CA LYS D 225 -5.60 -29.14 17.40
C LYS D 225 -5.72 -28.79 15.91
N SER D 226 -6.30 -27.62 15.65
CA SER D 226 -6.62 -27.17 14.32
C SER D 226 -6.26 -25.71 14.12
N VAL D 227 -5.99 -25.40 12.85
CA VAL D 227 -5.74 -24.04 12.40
C VAL D 227 -6.73 -23.78 11.28
N TYR D 228 -7.62 -22.81 11.49
CA TYR D 228 -8.65 -22.48 10.52
C TYR D 228 -8.33 -21.14 9.87
N ARG D 229 -8.55 -21.04 8.57
CA ARG D 229 -8.38 -19.78 7.85
C ARG D 229 -9.30 -18.69 8.38
N GLY D 230 -8.73 -17.57 8.82
CA GLY D 230 -9.54 -16.42 9.21
C GLY D 230 -10.39 -15.77 8.11
N ASP D 231 -10.05 -16.00 6.85
CA ASP D 231 -10.79 -15.35 5.76
C ASP D 231 -12.05 -16.11 5.37
N ARG D 232 -12.22 -17.31 5.92
CA ARG D 232 -13.29 -18.20 5.51
C ARG D 232 -14.14 -18.72 6.67
N TYR D 233 -13.69 -18.48 7.90
CA TYR D 233 -14.31 -19.14 9.03
C TYR D 233 -14.63 -18.23 10.22
N THR D 234 -15.88 -18.32 10.65
CA THR D 234 -16.36 -17.68 11.86
C THR D 234 -16.94 -18.80 12.74
N PHE D 235 -16.63 -18.77 14.03
CA PHE D 235 -17.20 -19.70 14.99
C PHE D 235 -18.43 -19.06 15.58
N VAL D 236 -19.58 -19.74 15.47
CA VAL D 236 -20.89 -19.24 15.95
C VAL D 236 -21.53 -20.22 16.94
N HIS D 237 -21.98 -19.72 18.10
CA HIS D 237 -22.67 -20.56 19.06
CA HIS D 237 -22.57 -20.56 19.14
C HIS D 237 -23.55 -19.79 20.04
N TYR D 238 -24.46 -20.53 20.67
CA TYR D 238 -25.36 -19.99 21.67
C TYR D 238 -24.86 -20.44 23.04
N MET D 239 -25.13 -19.62 24.05
CA MET D 239 -24.81 -19.94 25.45
C MET D 239 -26.05 -19.71 26.29
N ASP D 240 -26.32 -20.62 27.21
CA ASP D 240 -27.43 -20.43 28.13
C ASP D 240 -26.93 -20.17 29.57
N ARG D 241 -27.59 -19.24 30.24
CA ARG D 241 -27.18 -18.83 31.57
C ARG D 241 -27.59 -19.86 32.61
N LEU D 242 -26.63 -20.22 33.46
CA LEU D 242 -26.90 -21.01 34.67
C LEU D 242 -27.08 -20.04 35.83
N ILE E 3 43.28 5.67 58.19
CA ILE E 3 44.41 5.93 57.25
C ILE E 3 45.29 4.70 56.95
N ASN E 4 45.61 4.53 55.67
CA ASN E 4 46.45 3.43 55.19
C ASN E 4 47.75 4.01 54.64
N LYS E 5 48.80 3.95 55.47
CA LYS E 5 50.08 4.58 55.19
C LYS E 5 50.87 3.95 54.04
N GLN E 6 50.62 2.67 53.77
CA GLN E 6 51.33 1.94 52.71
C GLN E 6 50.67 2.08 51.34
N SER E 7 49.47 2.65 51.32
CA SER E 7 48.71 2.84 50.10
C SER E 7 49.42 3.77 49.11
N PRO E 8 49.34 3.46 47.80
CA PRO E 8 49.82 4.36 46.76
C PRO E 8 49.22 5.75 46.91
N ILE E 9 47.96 5.79 47.36
CA ILE E 9 47.22 7.04 47.56
C ILE E 9 47.84 7.90 48.67
N PRO E 10 48.17 9.17 48.36
CA PRO E 10 48.77 10.10 49.31
C PRO E 10 47.94 10.20 50.60
N ILE E 11 48.63 10.42 51.72
CA ILE E 11 47.97 10.56 53.02
C ILE E 11 46.97 11.71 53.03
N TYR E 12 47.44 12.90 52.62
CA TYR E 12 46.60 14.09 52.66
C TYR E 12 45.33 13.88 51.84
N TYR E 13 45.45 13.10 50.77
CA TYR E 13 44.34 12.83 49.86
C TYR E 13 43.33 11.89 50.52
N GLN E 14 43.83 10.88 51.23
CA GLN E 14 43.00 9.96 52.00
C GLN E 14 42.20 10.70 53.06
N ILE E 15 42.80 11.75 53.63
CA ILE E 15 42.14 12.58 54.64
C ILE E 15 41.01 13.39 53.99
N MET E 16 41.31 14.05 52.88
CA MET E 16 40.30 14.82 52.14
C MET E 16 39.05 13.99 51.84
N GLU E 17 39.24 12.79 51.30
CA GLU E 17 38.11 11.92 50.91
C GLU E 17 37.25 11.53 52.09
N GLN E 18 37.89 11.23 53.22
CA GLN E 18 37.16 10.80 54.44
C GLN E 18 36.37 11.92 55.09
N LEU E 19 36.92 13.14 55.06
CA LEU E 19 36.20 14.30 55.59
C LEU E 19 35.05 14.68 54.67
N LYS E 20 35.21 14.45 53.38
CA LYS E 20 34.16 14.67 52.39
C LYS E 20 32.97 13.71 52.57
N THR E 21 33.28 12.44 52.87
CA THR E 21 32.26 11.43 53.15
C THR E 21 31.49 11.78 54.42
N GLN E 22 32.20 12.27 55.44
CA GLN E 22 31.60 12.71 56.70
C GLN E 22 30.66 13.91 56.53
N ILE E 23 31.00 14.81 55.61
CA ILE E 23 30.15 15.94 55.27
C ILE E 23 28.89 15.47 54.52
N LYS E 24 29.06 14.54 53.59
CA LYS E 24 27.93 13.95 52.87
C LYS E 24 27.07 13.08 53.78
N ASN E 25 27.71 12.46 54.78
CA ASN E 25 27.02 11.63 55.76
C ASN E 25 26.23 12.47 56.77
N GLY E 26 26.83 13.57 57.21
CA GLY E 26 26.28 14.38 58.28
C GLY E 26 27.01 14.15 59.59
N GLU E 27 28.12 13.40 59.53
CA GLU E 27 29.02 13.25 60.68
C GLU E 27 29.78 14.56 60.90
N LEU E 28 29.52 15.53 60.03
CA LEU E 28 29.95 16.92 60.18
C LEU E 28 28.91 17.83 59.52
N GLN E 29 28.31 18.72 60.31
CA GLN E 29 27.25 19.62 59.86
C GLN E 29 27.80 21.01 59.47
N PRO E 30 27.01 21.79 58.68
CA PRO E 30 27.41 23.13 58.23
C PRO E 30 27.75 24.11 59.36
N ASP E 31 28.71 24.99 59.09
CA ASP E 31 29.13 26.07 59.99
C ASP E 31 29.73 25.59 61.33
N MET E 32 29.85 24.27 61.49
CA MET E 32 30.39 23.67 62.70
C MET E 32 31.90 23.45 62.59
N PRO E 33 32.65 23.77 63.67
CA PRO E 33 34.12 23.68 63.67
C PRO E 33 34.65 22.25 63.54
N LEU E 34 35.63 22.08 62.66
CA LEU E 34 36.33 20.81 62.53
C LEU E 34 37.31 20.63 63.69
N PRO E 35 37.64 19.37 64.04
CA PRO E 35 38.71 19.13 65.03
C PRO E 35 39.99 19.86 64.65
N SER E 36 40.77 20.23 65.65
CA SER E 36 42.01 20.97 65.46
C SER E 36 43.01 20.21 64.60
N GLU E 37 43.99 20.94 64.07
CA GLU E 37 45.07 20.37 63.26
C GLU E 37 45.90 19.35 64.04
N ARG E 38 46.13 19.61 65.33
CA ARG E 38 46.89 18.73 66.20
C ARG E 38 46.14 17.45 66.57
N GLU E 39 44.83 17.55 66.75
CA GLU E 39 43.99 16.41 67.12
C GLU E 39 43.85 15.38 65.98
N TYR E 40 43.87 15.86 64.74
CA TYR E 40 43.87 14.97 63.56
C TYR E 40 45.21 14.24 63.47
N ALA E 41 46.30 14.98 63.70
CA ALA E 41 47.67 14.44 63.65
C ALA E 41 47.96 13.44 64.77
N GLU E 42 47.17 13.50 65.84
CA GLU E 42 47.29 12.55 66.95
C GLU E 42 46.47 11.30 66.67
N GLN E 43 45.26 11.48 66.12
CA GLN E 43 44.35 10.38 65.80
C GLN E 43 44.91 9.46 64.72
N PHE E 44 45.47 10.07 63.67
CA PHE E 44 46.03 9.31 62.56
C PHE E 44 47.51 8.99 62.73
N GLY E 45 48.20 9.76 63.57
CA GLY E 45 49.62 9.56 63.82
C GLY E 45 50.50 10.02 62.68
N ILE E 46 50.24 11.24 62.19
CA ILE E 46 51.00 11.82 61.08
C ILE E 46 51.51 13.20 61.46
N SER E 47 52.11 13.88 60.47
CA SER E 47 52.60 15.23 60.64
C SER E 47 51.42 16.22 60.62
N ARG E 48 51.60 17.34 61.31
CA ARG E 48 50.62 18.43 61.31
C ARG E 48 50.49 19.05 59.92
N MET E 49 51.61 19.09 59.19
CA MET E 49 51.68 19.74 57.88
C MET E 49 50.95 18.98 56.78
N THR E 50 50.88 17.66 56.90
CA THR E 50 50.07 16.85 55.98
C THR E 50 48.58 16.95 56.28
N VAL E 51 48.25 17.26 57.54
CA VAL E 51 46.88 17.57 57.93
C VAL E 51 46.53 18.98 57.44
N ARG E 52 47.49 19.90 57.57
CA ARG E 52 47.35 21.25 57.05
C ARG E 52 47.21 21.26 55.53
N GLN E 53 47.85 20.28 54.87
CA GLN E 53 47.76 20.14 53.41
C GLN E 53 46.36 19.75 52.97
N ALA E 54 45.73 18.84 53.72
CA ALA E 54 44.38 18.38 53.41
C ALA E 54 43.37 19.49 53.65
N LEU E 55 43.39 20.06 54.86
CA LEU E 55 42.45 21.10 55.25
C LEU E 55 42.49 22.33 54.34
N SER E 56 43.68 22.91 54.15
CA SER E 56 43.85 24.08 53.28
C SER E 56 43.41 23.79 51.85
N ASN E 57 43.69 22.58 51.38
CA ASN E 57 43.20 22.12 50.08
C ASN E 57 41.68 22.12 50.00
N LEU E 58 41.04 21.66 51.08
CA LEU E 58 39.59 21.66 51.18
C LEU E 58 39.04 23.07 51.32
N VAL E 59 39.81 23.92 52.01
CA VAL E 59 39.43 25.31 52.25
C VAL E 59 39.25 26.07 50.93
N ASN E 60 40.32 26.20 50.15
CA ASN E 60 40.25 26.92 48.86
C ASN E 60 39.50 26.17 47.75
N GLU E 61 39.17 24.90 48.01
CA GLU E 61 38.26 24.15 47.17
C GLU E 61 36.83 24.63 47.39
N GLY E 62 36.61 25.37 48.48
CA GLY E 62 35.30 25.91 48.83
C GLY E 62 34.51 25.01 49.77
N LEU E 63 35.10 23.87 50.14
CA LEU E 63 34.47 22.91 51.03
C LEU E 63 34.56 23.32 52.50
N LEU E 64 35.69 23.92 52.88
CA LEU E 64 35.90 24.42 54.23
C LEU E 64 36.38 25.85 54.17
N GLY E 71 41.88 27.14 62.48
CA GLY E 71 40.51 26.64 62.64
C GLY E 71 39.79 26.50 61.31
N THR E 72 39.10 25.37 61.14
CA THR E 72 38.38 25.06 59.91
C THR E 72 36.89 24.83 60.18
N PHE E 73 36.04 25.44 59.35
CA PHE E 73 34.60 25.27 59.47
C PHE E 73 33.98 24.66 58.21
N VAL E 74 32.86 23.97 58.38
CA VAL E 74 32.14 23.36 57.26
C VAL E 74 31.38 24.44 56.49
N SER E 75 31.59 24.50 55.18
CA SER E 75 30.92 25.50 54.34
C SER E 75 29.51 25.07 53.98
N LYS E 76 28.55 25.96 54.21
CA LYS E 76 27.20 25.76 53.70
C LYS E 76 27.25 25.92 52.17
N PRO E 77 26.82 24.89 51.42
CA PRO E 77 26.98 24.90 49.97
C PRO E 77 26.02 25.88 49.28
N LYS E 78 26.55 26.66 48.35
CA LYS E 78 25.75 27.60 47.57
C LYS E 78 24.94 26.82 46.54
N MET E 79 23.62 26.93 46.65
CA MET E 79 22.71 26.12 45.86
C MET E 79 21.90 26.88 44.81
N GLU E 80 21.84 28.21 44.95
CA GLU E 80 20.98 29.06 44.10
C GLU E 80 21.16 28.83 42.59
N GLN E 81 22.41 28.81 42.13
CA GLN E 81 22.70 28.60 40.71
C GLN E 81 22.37 27.17 40.29
N ALA E 82 22.58 26.21 41.19
CA ALA E 82 22.34 24.80 40.89
C ALA E 82 20.85 24.44 40.85
N LEU E 83 20.07 25.13 41.68
CA LEU E 83 18.66 24.79 41.84
C LEU E 83 17.73 25.73 41.07
N GLN E 84 18.19 26.97 40.85
CA GLN E 84 17.34 27.98 40.23
C GLN E 84 17.93 28.55 38.94
N GLY E 85 19.20 28.25 38.69
CA GLY E 85 19.90 28.84 37.55
C GLY E 85 20.43 27.83 36.54
N LEU E 86 21.72 27.93 36.24
CA LEU E 86 22.38 27.11 35.23
C LEU E 86 23.84 26.90 35.61
N THR E 87 24.26 25.63 35.69
CA THR E 87 25.61 25.28 36.11
C THR E 87 26.36 24.48 35.03
N SER E 88 27.67 24.65 35.00
CA SER E 88 28.54 23.74 34.29
C SER E 88 28.60 22.48 35.14
N PHE E 89 29.23 21.44 34.62
CA PHE E 89 29.46 20.21 35.38
C PHE E 89 30.39 20.49 36.59
N THR E 90 31.32 21.42 36.39
CA THR E 90 32.25 21.80 37.43
C THR E 90 31.50 22.39 38.63
N GLU E 91 30.62 23.36 38.36
CA GLU E 91 29.81 24.00 39.38
C GLU E 91 28.78 23.03 39.93
N ASP E 92 28.27 22.17 39.06
CA ASP E 92 27.29 21.14 39.41
C ASP E 92 27.87 20.23 40.48
N MET E 93 29.04 19.65 40.22
CA MET E 93 29.70 18.75 41.15
C MET E 93 30.06 19.41 42.48
N LYS E 94 30.42 20.69 42.43
CA LYS E 94 30.79 21.42 43.64
C LYS E 94 29.59 21.66 44.54
N SER E 95 28.42 21.86 43.95
CA SER E 95 27.20 22.08 44.72
C SER E 95 26.77 20.80 45.46
N ARG E 96 27.29 19.65 45.01
CA ARG E 96 27.04 18.37 45.68
C ARG E 96 28.22 18.00 46.61
N GLY E 97 29.15 18.94 46.80
CA GLY E 97 30.34 18.74 47.62
C GLY E 97 31.33 17.71 47.06
N MET E 98 31.41 17.62 45.73
CA MET E 98 32.27 16.65 45.04
C MET E 98 33.30 17.37 44.17
N THR E 99 34.49 16.78 44.06
CA THR E 99 35.59 17.35 43.28
C THR E 99 35.49 17.03 41.78
N PRO E 100 35.30 18.06 40.93
CA PRO E 100 35.17 17.81 39.48
C PRO E 100 36.52 17.54 38.79
N GLY E 101 36.48 16.69 37.77
CA GLY E 101 37.65 16.39 36.94
C GLY E 101 37.24 15.90 35.57
N SER E 102 38.20 15.84 34.65
CA SER E 102 37.96 15.31 33.29
C SER E 102 39.15 14.52 32.74
N ARG E 103 38.84 13.65 31.78
CA ARG E 103 39.81 12.82 31.08
C ARG E 103 39.38 12.78 29.61
N LEU E 104 40.26 13.23 28.72
CA LEU E 104 39.94 13.33 27.31
C LEU E 104 39.95 11.94 26.66
N ILE E 105 38.83 11.60 26.04
CA ILE E 105 38.67 10.38 25.25
C ILE E 105 39.13 10.62 23.81
N ASP E 106 38.66 11.72 23.23
CA ASP E 106 38.95 12.06 21.84
C ASP E 106 38.80 13.55 21.60
N TYR E 107 39.76 14.11 20.86
CA TYR E 107 39.60 15.45 20.32
C TYR E 107 39.75 15.44 18.80
N GLN E 108 38.82 16.13 18.14
CA GLN E 108 38.86 16.31 16.71
C GLN E 108 38.41 17.72 16.35
N LEU E 109 39.14 18.34 15.44
CA LEU E 109 38.67 19.55 14.79
C LEU E 109 38.13 19.13 13.43
N ILE E 110 36.81 19.19 13.28
CA ILE E 110 36.11 18.63 12.12
C ILE E 110 35.51 19.72 11.24
N ASP E 111 35.19 19.37 9.99
CA ASP E 111 34.44 20.25 9.10
C ASP E 111 32.98 20.30 9.54
N SER E 112 32.37 21.48 9.41
CA SER E 112 30.97 21.68 9.78
C SER E 112 30.02 20.93 8.85
N THR E 113 28.87 20.51 9.39
CA THR E 113 27.80 19.91 8.59
C THR E 113 26.53 20.76 8.70
N GLU E 114 25.58 20.50 7.82
CA GLU E 114 24.37 21.32 7.68
C GLU E 114 23.49 21.31 8.94
N GLU E 115 23.20 20.11 9.44
CA GLU E 115 22.39 19.93 10.67
C GLU E 115 23.09 20.49 11.91
N LEU E 116 24.41 20.35 11.94
CA LEU E 116 25.22 20.82 13.05
C LEU E 116 25.32 22.34 13.05
N ALA E 117 25.49 22.92 11.86
CA ALA E 117 25.49 24.36 11.66
C ALA E 117 24.14 24.98 12.00
N ALA E 118 23.05 24.30 11.62
CA ALA E 118 21.69 24.75 11.90
C ALA E 118 21.33 24.65 13.38
N ILE E 119 21.88 23.64 14.07
CA ILE E 119 21.67 23.49 15.51
C ILE E 119 22.48 24.53 16.28
N LEU E 120 23.68 24.83 15.78
CA LEU E 120 24.58 25.78 16.43
C LEU E 120 24.45 27.21 15.91
N GLY E 121 23.74 27.37 14.78
CA GLY E 121 23.56 28.69 14.18
C GLY E 121 24.85 29.29 13.65
N CYS E 122 25.91 28.48 13.60
CA CYS E 122 27.22 28.94 13.13
C CYS E 122 27.31 28.95 11.60
N GLY E 123 28.48 29.31 11.09
CA GLY E 123 28.71 29.42 9.64
C GLY E 123 29.13 28.12 8.98
N HIS E 124 28.49 27.80 7.87
CA HIS E 124 28.81 26.61 7.07
C HIS E 124 29.36 27.08 5.72
N PRO E 125 30.59 26.66 5.35
CA PRO E 125 31.48 25.73 6.06
C PRO E 125 32.44 26.41 7.06
N SER E 126 32.91 25.62 8.02
CA SER E 126 33.88 26.06 9.02
C SER E 126 34.36 24.86 9.81
N SER E 127 35.20 25.12 10.81
CA SER E 127 35.72 24.07 11.68
C SER E 127 34.97 24.07 13.01
N ILE E 128 34.84 22.89 13.60
CA ILE E 128 34.11 22.71 14.85
C ILE E 128 34.87 21.80 15.80
N HIS E 129 35.03 22.23 17.05
CA HIS E 129 35.59 21.40 18.11
C HIS E 129 34.66 20.23 18.44
N LYS E 130 35.22 19.02 18.43
CA LYS E 130 34.52 17.81 18.86
C LYS E 130 35.30 17.20 20.00
N ILE E 131 34.83 17.47 21.22
CA ILE E 131 35.53 17.10 22.45
C ILE E 131 34.74 16.03 23.19
N THR E 132 35.31 14.83 23.29
CA THR E 132 34.69 13.78 24.09
C THR E 132 35.51 13.55 25.35
N ARG E 133 34.91 13.85 26.51
CA ARG E 133 35.56 13.63 27.80
C ARG E 133 34.73 12.76 28.71
N VAL E 134 35.43 12.03 29.58
CA VAL E 134 34.82 11.46 30.76
C VAL E 134 34.79 12.58 31.79
N ARG E 135 33.60 12.93 32.25
CA ARG E 135 33.50 13.86 33.36
C ARG E 135 33.55 13.05 34.66
N LEU E 136 34.39 13.50 35.59
CA LEU E 136 34.74 12.79 36.81
C LEU E 136 34.27 13.59 38.04
N ALA E 137 33.82 12.88 39.08
CA ALA E 137 33.55 13.50 40.37
C ALA E 137 34.16 12.65 41.47
N ASN E 138 35.02 13.27 42.29
CA ASN E 138 35.83 12.56 43.30
C ASN E 138 36.64 11.41 42.66
N ASP E 139 37.25 11.70 41.52
CA ASP E 139 38.07 10.74 40.75
C ASP E 139 37.36 9.47 40.28
N ILE E 140 36.05 9.56 40.09
CA ILE E 140 35.22 8.44 39.65
C ILE E 140 34.33 8.93 38.52
N PRO E 141 34.24 8.15 37.42
CA PRO E 141 33.43 8.52 36.25
C PRO E 141 32.00 8.90 36.64
N MET E 142 31.53 10.04 36.14
CA MET E 142 30.14 10.45 36.34
C MET E 142 29.35 10.50 35.01
N ALA E 143 30.01 10.99 33.95
CA ALA E 143 29.39 11.16 32.63
C ALA E 143 30.41 10.91 31.52
N ILE E 144 29.94 10.51 30.33
CA ILE E 144 30.71 10.67 29.10
C ILE E 144 30.07 11.82 28.34
N GLU E 145 30.87 12.77 27.89
CA GLU E 145 30.34 13.99 27.29
C GLU E 145 30.89 14.20 25.88
N SER E 146 29.99 14.33 24.91
CA SER E 146 30.40 14.68 23.56
C SER E 146 29.93 16.10 23.23
N SER E 147 30.87 16.99 22.99
CA SER E 147 30.54 18.41 22.90
C SER E 147 31.00 19.03 21.59
N HIS E 148 30.08 19.73 20.91
CA HIS E 148 30.41 20.46 19.68
C HIS E 148 30.52 21.96 19.94
N ILE E 149 31.63 22.55 19.48
CA ILE E 149 31.92 23.97 19.75
C ILE E 149 32.51 24.66 18.52
N PRO E 150 31.81 25.67 17.97
CA PRO E 150 32.31 26.45 16.85
C PRO E 150 33.69 27.01 17.15
N PHE E 151 34.61 26.83 16.20
CA PHE E 151 36.02 27.15 16.42
C PHE E 151 36.22 28.61 16.79
N GLU E 152 35.50 29.50 16.10
CA GLU E 152 35.56 30.95 16.32
C GLU E 152 35.22 31.37 17.75
N LEU E 153 34.47 30.53 18.46
CA LEU E 153 33.99 30.88 19.80
C LEU E 153 34.89 30.35 20.92
N ALA E 154 35.95 29.64 20.56
CA ALA E 154 36.85 29.03 21.53
C ALA E 154 38.34 29.23 21.25
N GLY E 155 38.70 29.31 19.96
CA GLY E 155 40.11 29.35 19.55
C GLY E 155 40.78 27.99 19.70
N GLU E 156 42.10 27.96 19.57
CA GLU E 156 42.84 26.69 19.69
C GLU E 156 42.77 26.19 21.12
N LEU E 157 42.46 24.90 21.26
CA LEU E 157 42.35 24.26 22.56
C LEU E 157 43.41 23.18 22.69
N ASN E 158 43.88 22.98 23.91
CA ASN E 158 44.76 21.85 24.22
C ASN E 158 44.33 21.18 25.52
N GLU E 159 45.24 20.45 26.15
CA GLU E 159 44.90 19.65 27.33
C GLU E 159 44.50 20.48 28.55
N SER E 160 45.13 21.64 28.73
CA SER E 160 44.83 22.53 29.84
C SER E 160 43.35 22.95 29.86
N HIS E 161 42.79 23.22 28.69
CA HIS E 161 41.36 23.53 28.53
C HIS E 161 40.43 22.35 28.85
N PHE E 162 40.83 21.16 28.39
CA PHE E 162 40.00 19.97 28.52
C PHE E 162 39.84 19.50 29.97
N GLN E 163 40.89 19.71 30.76
CA GLN E 163 40.90 19.33 32.17
C GLN E 163 40.29 20.37 33.12
N SER E 164 39.74 21.44 32.55
CA SER E 164 39.10 22.48 33.33
C SER E 164 37.68 22.73 32.83
N SER E 165 37.09 23.85 33.24
CA SER E 165 35.76 24.22 32.81
C SER E 165 35.81 24.85 31.42
N ILE E 166 35.15 24.19 30.47
CA ILE E 166 34.98 24.72 29.11
C ILE E 166 34.12 25.97 29.18
N TYR E 167 33.07 25.94 30.00
CA TYR E 167 32.18 27.07 30.21
C TYR E 167 32.93 28.32 30.60
N ASP E 168 33.80 28.18 31.62
CA ASP E 168 34.49 29.36 32.12
C ASP E 168 35.59 29.85 31.17
N HIS E 169 36.14 28.94 30.36
CA HIS E 169 37.02 29.33 29.26
C HIS E 169 36.25 30.13 28.20
N ILE E 170 35.04 29.66 27.88
CA ILE E 170 34.18 30.31 26.88
C ILE E 170 33.82 31.75 27.28
N GLU E 171 33.53 31.96 28.56
CA GLU E 171 33.29 33.31 29.07
C GLU E 171 34.54 34.20 29.00
N ARG E 172 35.69 33.64 29.37
CA ARG E 172 36.95 34.38 29.31
C ARG E 172 37.29 34.76 27.87
N TYR E 173 37.20 33.77 26.97
CA TYR E 173 37.58 33.93 25.56
C TYR E 173 36.69 34.94 24.84
N ASN E 174 35.40 34.93 25.13
CA ASN E 174 34.46 35.76 24.38
C ASN E 174 34.10 37.08 25.06
N SER E 175 34.49 37.24 26.33
CA SER E 175 34.17 38.42 27.13
C SER E 175 32.67 38.70 27.24
N ILE E 176 31.89 37.63 27.31
CA ILE E 176 30.44 37.72 27.41
C ILE E 176 29.93 36.54 28.25
N PRO E 177 29.03 36.81 29.20
CA PRO E 177 28.55 35.72 30.06
C PRO E 177 27.72 34.67 29.32
N ILE E 178 27.62 33.47 29.91
CA ILE E 178 26.71 32.40 29.50
C ILE E 178 25.29 32.79 29.96
N SER E 179 24.31 32.67 29.07
CA SER E 179 22.97 33.15 29.39
C SER E 179 21.92 32.08 29.71
N ARG E 180 21.82 31.06 28.87
CA ARG E 180 20.77 30.04 29.01
C ARG E 180 21.03 28.75 28.24
N ALA E 181 20.28 27.71 28.59
CA ALA E 181 20.46 26.42 27.96
C ALA E 181 19.12 25.79 27.64
N LYS E 182 19.07 25.11 26.50
CA LYS E 182 17.98 24.21 26.17
C LYS E 182 18.45 22.83 26.64
N GLN E 183 17.74 22.26 27.60
CA GLN E 183 18.12 20.94 28.10
C GLN E 183 17.02 19.85 27.92
N GLU E 184 17.47 18.68 27.50
CA GLU E 184 16.60 17.56 27.15
C GLU E 184 17.06 16.29 27.88
N LEU E 185 16.15 15.68 28.64
CA LEU E 185 16.46 14.49 29.45
C LEU E 185 15.65 13.27 29.02
N GLU E 186 16.34 12.14 28.89
CA GLU E 186 15.74 10.87 28.49
C GLU E 186 16.42 9.71 29.23
N PRO E 187 15.63 8.77 29.81
CA PRO E 187 16.31 7.68 30.52
C PRO E 187 16.81 6.63 29.53
N SER E 188 17.87 5.93 29.89
CA SER E 188 18.38 4.88 29.02
C SER E 188 19.10 3.77 29.77
N ALA E 189 19.62 2.81 29.00
CA ALA E 189 20.42 1.70 29.54
C ALA E 189 21.81 1.77 28.91
N ALA E 190 22.84 1.74 29.76
CA ALA E 190 24.24 1.78 29.32
C ALA E 190 24.61 0.71 28.29
N THR E 191 25.22 1.14 27.19
CA THR E 191 25.78 0.24 26.18
C THR E 191 27.02 -0.41 26.77
N THR E 192 27.50 -1.48 26.14
CA THR E 192 28.72 -2.17 26.57
C THR E 192 29.92 -1.24 26.82
N GLU E 193 30.21 -0.39 25.83
CA GLU E 193 31.38 0.49 25.91
C GLU E 193 31.18 1.62 26.91
N GLU E 194 29.97 2.19 26.95
CA GLU E 194 29.62 3.24 27.93
C GLU E 194 29.72 2.72 29.36
N ALA E 195 29.29 1.48 29.58
CA ALA E 195 29.34 0.87 30.90
C ALA E 195 30.77 0.69 31.39
N ASN E 196 31.65 0.24 30.49
CA ASN E 196 33.07 0.04 30.76
C ASN E 196 33.74 1.33 31.17
N ILE E 197 33.46 2.39 30.41
CA ILE E 197 34.04 3.71 30.64
C ILE E 197 33.49 4.34 31.92
N LEU E 198 32.22 4.07 32.24
CA LEU E 198 31.59 4.67 33.43
C LEU E 198 31.79 3.88 34.71
N GLY E 199 32.24 2.64 34.59
CA GLY E 199 32.50 1.80 35.76
C GLY E 199 31.25 1.10 36.24
N ILE E 200 30.25 1.01 35.38
CA ILE E 200 29.01 0.33 35.74
C ILE E 200 28.82 -0.98 34.96
N GLN E 201 27.65 -1.61 35.17
CA GLN E 201 27.27 -2.84 34.51
C GLN E 201 26.64 -2.52 33.16
N LYS E 202 26.85 -3.36 32.17
CA LYS E 202 26.11 -3.22 30.91
C LYS E 202 24.62 -3.25 31.20
N GLY E 203 23.89 -2.26 30.67
CA GLY E 203 22.44 -2.19 30.81
C GLY E 203 21.95 -1.39 32.01
N ALA E 204 22.86 -0.95 32.87
CA ALA E 204 22.49 -0.14 34.03
C ALA E 204 21.83 1.17 33.57
N PRO E 205 20.92 1.73 34.40
CA PRO E 205 20.23 2.98 34.08
C PRO E 205 21.19 4.15 33.90
N VAL E 206 21.09 4.80 32.76
CA VAL E 206 21.80 6.06 32.58
C VAL E 206 20.79 7.14 32.25
N LEU E 207 21.22 8.38 32.37
CA LEU E 207 20.43 9.52 31.95
C LEU E 207 21.09 10.14 30.73
N LEU E 208 20.31 10.28 29.66
CA LEU E 208 20.75 10.96 28.45
C LEU E 208 20.41 12.45 28.55
N ILE E 209 21.42 13.29 28.40
CA ILE E 209 21.23 14.75 28.48
C ILE E 209 21.75 15.43 27.21
N LYS E 210 20.86 16.18 26.57
CA LYS E 210 21.18 16.94 25.37
C LYS E 210 21.02 18.41 25.74
N ARG E 211 22.09 19.19 25.54
CA ARG E 211 22.10 20.58 25.94
C ARG E 211 22.72 21.48 24.87
N THR E 212 21.97 22.51 24.49
CA THR E 212 22.51 23.61 23.70
C THR E 212 22.61 24.83 24.60
N THR E 213 23.82 25.40 24.69
CA THR E 213 24.06 26.56 25.55
C THR E 213 24.43 27.81 24.75
N TYR E 214 23.74 28.91 25.07
CA TYR E 214 23.91 30.18 24.38
C TYR E 214 24.59 31.25 25.24
N LEU E 215 25.31 32.16 24.59
CA LEU E 215 25.84 33.35 25.26
C LEU E 215 24.74 34.40 25.38
N GLN E 216 25.05 35.47 26.10
CA GLN E 216 24.11 36.59 26.33
C GLN E 216 23.63 37.28 25.04
N ASN E 217 24.50 37.32 24.04
CA ASN E 217 24.14 37.87 22.73
C ASN E 217 23.25 36.97 21.86
N GLY E 218 22.84 35.83 22.43
CA GLY E 218 21.96 34.88 21.75
C GLY E 218 22.70 33.81 20.96
N THR E 219 23.99 34.02 20.72
CA THR E 219 24.81 33.08 19.95
C THR E 219 25.04 31.76 20.70
N ALA E 220 24.66 30.66 20.06
CA ALA E 220 24.92 29.31 20.58
C ALA E 220 26.40 29.00 20.49
N PHE E 221 26.95 28.38 21.52
CA PHE E 221 28.36 28.02 21.51
C PHE E 221 28.61 26.53 21.77
N GLU E 222 27.62 25.85 22.33
CA GLU E 222 27.77 24.43 22.59
C GLU E 222 26.51 23.63 22.32
N HIS E 223 26.69 22.52 21.60
CA HIS E 223 25.71 21.46 21.60
C HIS E 223 26.41 20.22 22.11
N ALA E 224 25.95 19.74 23.27
CA ALA E 224 26.58 18.63 23.98
C ALA E 224 25.59 17.52 24.20
N LYS E 225 26.04 16.29 24.04
CA LYS E 225 25.27 15.14 24.42
C LYS E 225 26.05 14.37 25.47
N SER E 226 25.37 13.90 26.51
CA SER E 226 26.00 13.28 27.67
C SER E 226 25.27 12.05 28.16
N VAL E 227 26.03 11.08 28.66
CA VAL E 227 25.48 9.91 29.37
C VAL E 227 25.93 9.93 30.85
N TYR E 228 24.97 10.00 31.76
CA TYR E 228 25.25 10.10 33.21
C TYR E 228 24.87 8.82 33.93
N ARG E 229 25.74 8.38 34.85
CA ARG E 229 25.47 7.24 35.73
C ARG E 229 24.21 7.47 36.54
N GLY E 230 23.23 6.58 36.37
CA GLY E 230 21.98 6.63 37.13
C GLY E 230 22.17 6.49 38.64
N ASP E 231 23.07 5.59 39.03
CA ASP E 231 23.33 5.32 40.46
C ASP E 231 23.99 6.47 41.21
N ARG E 232 24.58 7.42 40.49
CA ARG E 232 25.29 8.53 41.14
C ARG E 232 24.65 9.90 40.94
N TYR E 233 23.69 10.01 40.03
CA TYR E 233 23.21 11.31 39.58
C TYR E 233 21.69 11.50 39.57
N THR E 234 21.25 12.55 40.24
CA THR E 234 19.88 13.01 40.20
C THR E 234 19.92 14.46 39.72
N PHE E 235 19.16 14.74 38.66
CA PHE E 235 18.94 16.10 38.17
C PHE E 235 17.93 16.76 39.11
N VAL E 236 18.24 17.97 39.58
CA VAL E 236 17.37 18.75 40.45
C VAL E 236 17.22 20.18 39.93
N HIS E 237 16.00 20.70 39.93
CA HIS E 237 15.75 22.06 39.51
C HIS E 237 14.36 22.53 39.92
N TYR E 238 14.23 23.85 40.02
CA TYR E 238 12.97 24.49 40.30
C TYR E 238 12.33 24.96 38.99
N MET E 239 11.00 24.99 38.99
CA MET E 239 10.23 25.45 37.83
C MET E 239 9.28 26.53 38.31
N ASP E 240 9.11 27.58 37.52
CA ASP E 240 8.29 28.72 37.92
C ASP E 240 7.11 28.92 36.97
N ARG E 241 5.91 29.09 37.54
CA ARG E 241 4.73 29.47 36.77
C ARG E 241 4.88 30.83 36.10
N LEU E 242 4.74 30.84 34.78
CA LEU E 242 4.69 32.10 34.01
C LEU E 242 3.29 32.70 34.07
N MET F 1 -4.81 8.70 5.23
CA MET F 1 -5.69 8.18 6.33
C MET F 1 -6.48 6.96 5.90
N ASN F 2 -6.75 6.08 6.87
CA ASN F 2 -7.62 4.93 6.64
C ASN F 2 -8.58 4.78 7.81
N ILE F 3 -9.86 4.57 7.49
CA ILE F 3 -10.90 4.37 8.51
C ILE F 3 -11.41 2.93 8.50
N ASN F 4 -11.72 2.41 9.69
CA ASN F 4 -12.32 1.08 9.80
CA ASN F 4 -12.29 1.08 9.85
C ASN F 4 -13.71 1.15 10.41
N LYS F 5 -14.70 0.98 9.54
CA LYS F 5 -16.11 1.03 9.94
C LYS F 5 -16.52 -0.18 10.79
N GLN F 6 -15.77 -1.27 10.72
CA GLN F 6 -16.07 -2.47 11.50
C GLN F 6 -15.44 -2.47 12.91
N SER F 7 -14.58 -1.50 13.20
CA SER F 7 -13.91 -1.40 14.49
C SER F 7 -14.90 -0.99 15.61
N PRO F 8 -14.74 -1.55 16.83
CA PRO F 8 -15.48 -1.08 18.00
C PRO F 8 -15.26 0.40 18.34
N ILE F 9 -14.18 0.99 17.84
CA ILE F 9 -13.89 2.41 18.11
C ILE F 9 -14.79 3.31 17.25
N PRO F 10 -15.56 4.22 17.89
CA PRO F 10 -16.45 5.14 17.16
C PRO F 10 -15.73 5.79 15.99
N ILE F 11 -16.46 6.05 14.90
CA ILE F 11 -15.89 6.73 13.73
C ILE F 11 -15.27 8.11 14.03
N TYR F 12 -16.02 8.99 14.72
CA TYR F 12 -15.52 10.34 14.99
C TYR F 12 -14.21 10.29 15.78
N TYR F 13 -14.05 9.23 16.58
CA TYR F 13 -12.86 9.01 17.42
C TYR F 13 -11.66 8.61 16.57
N GLN F 14 -11.90 7.76 15.58
CA GLN F 14 -10.86 7.35 14.63
C GLN F 14 -10.35 8.57 13.82
N ILE F 15 -11.28 9.42 13.38
CA ILE F 15 -10.94 10.68 12.69
C ILE F 15 -10.08 11.59 13.56
N MET F 16 -10.52 11.83 14.80
CA MET F 16 -9.79 12.65 15.76
C MET F 16 -8.33 12.17 15.85
N GLU F 17 -8.14 10.88 16.10
CA GLU F 17 -6.83 10.29 16.34
C GLU F 17 -5.86 10.40 15.14
N GLN F 18 -6.40 10.31 13.93
CA GLN F 18 -5.59 10.38 12.72
C GLN F 18 -5.24 11.81 12.32
N LEU F 19 -6.19 12.73 12.45
CA LEU F 19 -5.91 14.16 12.30
C LEU F 19 -4.78 14.63 13.22
N LYS F 20 -4.79 14.16 14.48
CA LYS F 20 -3.72 14.40 15.45
C LYS F 20 -2.36 13.87 14.98
N THR F 21 -2.38 12.74 14.28
CA THR F 21 -1.17 12.14 13.71
C THR F 21 -0.58 13.02 12.61
N GLN F 22 -1.44 13.48 11.69
CA GLN F 22 -1.01 14.36 10.61
C GLN F 22 -0.43 15.66 11.11
N ILE F 23 -1.00 16.17 12.21
CA ILE F 23 -0.45 17.35 12.89
C ILE F 23 0.93 17.03 13.51
N LYS F 24 1.05 15.86 14.13
CA LYS F 24 2.30 15.41 14.73
C LYS F 24 3.39 15.14 13.67
N ASN F 25 2.98 14.57 12.53
CA ASN F 25 3.92 14.22 11.47
C ASN F 25 4.26 15.41 10.56
N GLY F 26 3.39 16.42 10.56
CA GLY F 26 3.61 17.63 9.79
C GLY F 26 2.72 17.80 8.57
N GLU F 27 1.95 16.76 8.25
CA GLU F 27 1.03 16.81 7.11
C GLU F 27 0.05 17.98 7.20
N LEU F 28 -0.26 18.38 8.43
CA LEU F 28 -1.11 19.53 8.69
C LEU F 28 -0.34 20.62 9.45
N GLN F 29 0.39 21.45 8.68
CA GLN F 29 1.20 22.56 9.22
C GLN F 29 0.36 23.60 9.96
N PRO F 30 0.91 24.21 11.04
CA PRO F 30 0.18 25.17 11.88
C PRO F 30 -0.47 26.31 11.11
N ASP F 31 -1.58 26.83 11.64
CA ASP F 31 -2.30 27.98 11.07
C ASP F 31 -2.92 27.73 9.70
N MET F 32 -2.58 26.60 9.09
CA MET F 32 -3.09 26.24 7.77
C MET F 32 -4.51 25.66 7.80
N PRO F 33 -5.29 25.89 6.74
CA PRO F 33 -6.62 25.31 6.62
C PRO F 33 -6.54 23.83 6.32
N LEU F 34 -7.62 23.11 6.64
CA LEU F 34 -7.74 21.70 6.30
C LEU F 34 -8.98 21.46 5.43
N PRO F 35 -9.16 20.22 4.91
CA PRO F 35 -10.34 19.89 4.11
C PRO F 35 -11.66 20.20 4.83
N SER F 36 -12.67 20.54 4.03
CA SER F 36 -14.00 20.88 4.55
C SER F 36 -14.75 19.66 5.10
N GLU F 37 -15.88 19.93 5.74
CA GLU F 37 -16.78 18.92 6.30
C GLU F 37 -17.28 17.95 5.24
N ARG F 38 -17.68 18.50 4.08
CA ARG F 38 -18.12 17.72 2.93
C ARG F 38 -16.97 16.90 2.34
N GLU F 39 -15.82 17.54 2.14
CA GLU F 39 -14.62 16.88 1.60
C GLU F 39 -14.15 15.70 2.46
N TYR F 40 -14.24 15.86 3.78
CA TYR F 40 -13.89 14.78 4.70
C TYR F 40 -14.93 13.67 4.67
N ALA F 41 -16.20 14.04 4.69
CA ALA F 41 -17.30 13.07 4.64
C ALA F 41 -17.26 12.22 3.37
N GLU F 42 -16.94 12.85 2.24
CA GLU F 42 -16.83 12.16 0.95
C GLU F 42 -15.63 11.20 0.89
N GLN F 43 -14.51 11.63 1.50
CA GLN F 43 -13.28 10.84 1.52
C GLN F 43 -13.44 9.52 2.28
N PHE F 44 -13.93 9.59 3.52
CA PHE F 44 -14.11 8.40 4.35
C PHE F 44 -15.34 7.60 3.92
N GLY F 45 -16.29 8.29 3.30
CA GLY F 45 -17.56 7.69 2.90
C GLY F 45 -18.49 7.63 4.09
N ILE F 46 -18.54 8.72 4.84
CA ILE F 46 -19.35 8.80 6.07
C ILE F 46 -20.24 10.04 6.11
N SER F 47 -21.00 10.15 7.20
CA SER F 47 -21.89 11.28 7.45
C SER F 47 -21.12 12.57 7.77
N ARG F 48 -21.67 13.69 7.29
CA ARG F 48 -21.16 15.04 7.60
C ARG F 48 -21.16 15.32 9.10
N MET F 49 -22.18 14.84 9.80
CA MET F 49 -22.38 15.13 11.23
C MET F 49 -21.33 14.46 12.12
N THR F 50 -20.88 13.29 11.70
CA THR F 50 -19.81 12.56 12.40
C THR F 50 -18.49 13.33 12.28
N VAL F 51 -18.23 13.92 11.12
CA VAL F 51 -17.10 14.84 10.94
C VAL F 51 -17.27 16.07 11.86
N ARG F 52 -18.38 16.79 11.72
CA ARG F 52 -18.77 17.88 12.63
C ARG F 52 -18.41 17.54 14.09
N GLN F 53 -18.73 16.32 14.51
CA GLN F 53 -18.48 15.84 15.88
C GLN F 53 -16.97 15.79 16.23
N ALA F 54 -16.18 15.25 15.31
CA ALA F 54 -14.73 15.13 15.48
C ALA F 54 -14.04 16.49 15.51
N LEU F 55 -14.42 17.37 14.58
CA LEU F 55 -13.77 18.68 14.45
C LEU F 55 -14.11 19.59 15.63
N SER F 56 -15.39 19.60 16.02
CA SER F 56 -15.82 20.34 17.20
C SER F 56 -15.09 19.91 18.48
N ASN F 57 -14.96 18.59 18.70
CA ASN F 57 -14.23 18.11 19.87
C ASN F 57 -12.77 18.58 19.88
N LEU F 58 -12.11 18.51 18.71
CA LEU F 58 -10.73 18.96 18.58
C LEU F 58 -10.58 20.46 18.81
N VAL F 59 -11.56 21.25 18.30
CA VAL F 59 -11.66 22.66 18.63
C VAL F 59 -11.73 22.82 20.15
N ASN F 60 -12.69 22.17 20.80
CA ASN F 60 -12.82 22.24 22.27
C ASN F 60 -11.50 21.92 23.01
N GLU F 61 -10.81 20.88 22.54
CA GLU F 61 -9.50 20.46 23.08
C GLU F 61 -8.40 21.52 22.91
N GLY F 62 -8.58 22.40 21.93
CA GLY F 62 -7.58 23.41 21.62
C GLY F 62 -6.63 22.94 20.52
N LEU F 63 -6.94 21.83 19.88
CA LEU F 63 -6.14 21.33 18.77
C LEU F 63 -6.42 22.06 17.44
N LEU F 64 -7.65 22.53 17.27
CA LEU F 64 -8.06 23.34 16.11
C LEU F 64 -8.75 24.64 16.55
N TYR F 65 -9.00 25.52 15.59
CA TYR F 65 -9.77 26.74 15.87
C TYR F 65 -10.68 27.11 14.70
N ARG F 66 -11.92 27.48 15.05
CA ARG F 66 -12.90 28.10 14.14
C ARG F 66 -14.22 28.36 14.88
N THR F 72 -12.07 25.20 9.72
CA THR F 72 -11.17 25.03 10.86
C THR F 72 -9.68 25.05 10.45
N PHE F 73 -8.84 25.42 11.40
CA PHE F 73 -7.40 25.54 11.18
C PHE F 73 -6.66 24.88 12.32
N VAL F 74 -5.49 24.31 12.02
CA VAL F 74 -4.64 23.68 13.01
C VAL F 74 -4.00 24.72 13.92
N SER F 75 -4.22 24.56 15.23
CA SER F 75 -3.79 25.51 16.24
C SER F 75 -2.28 25.59 16.40
N LYS F 76 -1.77 26.81 16.48
CA LYS F 76 -0.38 27.05 16.83
C LYS F 76 -0.20 26.69 18.30
N PRO F 77 0.67 25.70 18.60
CA PRO F 77 0.77 25.24 19.98
C PRO F 77 1.64 26.18 20.81
N LYS F 78 1.21 26.44 22.04
CA LYS F 78 1.91 27.38 22.90
C LYS F 78 2.91 26.64 23.78
N MET F 79 4.18 26.99 23.58
CA MET F 79 5.30 26.29 24.22
C MET F 79 5.92 27.02 25.41
N GLU F 80 5.54 28.28 25.62
CA GLU F 80 6.11 29.10 26.69
C GLU F 80 6.12 28.43 28.05
N GLN F 81 4.93 28.04 28.51
CA GLN F 81 4.77 27.38 29.81
C GLN F 81 5.48 26.02 29.86
N ALA F 82 5.38 25.26 28.77
CA ALA F 82 5.96 23.92 28.72
C ALA F 82 7.48 23.92 28.72
N LEU F 83 8.09 24.83 27.96
CA LEU F 83 9.54 24.88 27.84
C LEU F 83 10.21 25.75 28.89
N GLN F 84 9.48 26.74 29.40
CA GLN F 84 10.10 27.80 30.19
C GLN F 84 9.44 28.01 31.55
N GLY F 85 8.31 27.34 31.78
CA GLY F 85 7.53 27.62 32.98
C GLY F 85 7.31 26.40 33.84
N LEU F 86 6.06 26.22 34.24
CA LEU F 86 5.67 25.06 35.02
C LEU F 86 4.28 24.61 34.55
N THR F 87 4.16 23.36 34.10
CA THR F 87 2.89 22.80 33.63
C THR F 87 2.44 21.60 34.47
N SER F 88 1.13 21.36 34.49
CA SER F 88 0.57 20.08 34.95
C SER F 88 0.79 19.04 33.87
N PHE F 89 0.61 17.76 34.21
CA PHE F 89 0.62 16.69 33.20
C PHE F 89 -0.32 17.02 32.04
N THR F 90 -1.54 17.44 32.39
CA THR F 90 -2.59 17.80 31.42
C THR F 90 -2.10 18.85 30.41
N GLU F 91 -1.52 19.94 30.89
CA GLU F 91 -0.99 20.99 29.99
C GLU F 91 0.27 20.49 29.26
N ASP F 92 1.11 19.72 29.97
CA ASP F 92 2.31 19.10 29.41
C ASP F 92 1.96 18.32 28.14
N MET F 93 0.91 17.52 28.20
CA MET F 93 0.52 16.71 27.04
C MET F 93 -0.10 17.54 25.89
N LYS F 94 -0.84 18.58 26.25
CA LYS F 94 -1.45 19.45 25.25
C LYS F 94 -0.40 20.19 24.42
N SER F 95 0.70 20.59 25.06
CA SER F 95 1.83 21.23 24.39
C SER F 95 2.43 20.29 23.32
N ARG F 96 2.34 18.98 23.61
CA ARG F 96 2.81 17.96 22.68
C ARG F 96 1.70 17.52 21.70
N GLY F 97 0.58 18.27 21.68
CA GLY F 97 -0.57 17.97 20.82
C GLY F 97 -1.22 16.61 21.07
N MET F 98 -1.15 16.12 22.31
CA MET F 98 -1.75 14.85 22.69
C MET F 98 -2.94 15.09 23.61
N THR F 99 -3.88 14.14 23.66
CA THR F 99 -5.04 14.27 24.52
C THR F 99 -4.81 13.56 25.84
N PRO F 100 -4.69 14.32 26.94
CA PRO F 100 -4.38 13.73 28.25
C PRO F 100 -5.60 13.15 28.96
N GLY F 101 -5.35 12.18 29.84
CA GLY F 101 -6.41 11.53 30.60
C GLY F 101 -5.81 10.78 31.76
N SER F 102 -6.67 10.21 32.60
CA SER F 102 -6.25 9.48 33.79
C SER F 102 -7.17 8.30 34.09
N ARG F 103 -6.60 7.28 34.71
CA ARG F 103 -7.33 6.14 35.21
C ARG F 103 -6.95 6.00 36.69
N LEU F 104 -7.92 6.01 37.61
CA LEU F 104 -7.65 5.76 39.04
C LEU F 104 -7.21 4.33 39.28
N ILE F 105 -6.07 4.17 39.96
CA ILE F 105 -5.56 2.85 40.38
C ILE F 105 -5.89 2.59 41.86
N ASP F 106 -5.79 3.64 42.67
CA ASP F 106 -6.09 3.58 44.09
C ASP F 106 -6.29 4.97 44.68
N TYR F 107 -7.32 5.11 45.50
CA TYR F 107 -7.48 6.32 46.33
C TYR F 107 -7.57 5.93 47.79
N GLN F 108 -6.90 6.71 48.65
CA GLN F 108 -7.11 6.60 50.10
C GLN F 108 -6.79 7.87 50.88
N LEU F 109 -7.56 8.09 51.92
CA LEU F 109 -7.35 9.21 52.81
C LEU F 109 -6.58 8.69 54.01
N ILE F 110 -5.32 9.09 54.11
CA ILE F 110 -4.41 8.54 55.11
C ILE F 110 -4.14 9.50 56.26
N ASP F 111 -3.72 8.95 57.39
CA ASP F 111 -3.15 9.75 58.48
C ASP F 111 -1.74 10.17 58.05
N SER F 112 -1.46 11.47 58.19
CA SER F 112 -0.15 12.03 57.91
C SER F 112 0.94 11.37 58.76
N THR F 113 2.14 11.27 58.19
CA THR F 113 3.33 10.91 58.94
C THR F 113 4.21 12.14 59.14
N GLU F 114 5.16 12.03 60.06
CA GLU F 114 6.12 13.10 60.35
C GLU F 114 6.97 13.42 59.13
N GLU F 115 7.40 12.38 58.40
CA GLU F 115 8.14 12.53 57.15
C GLU F 115 7.31 13.27 56.09
N LEU F 116 6.02 12.93 56.03
CA LEU F 116 5.12 13.56 55.06
C LEU F 116 4.76 15.00 55.43
N ALA F 117 4.61 15.25 56.73
CA ALA F 117 4.34 16.56 57.25
C ALA F 117 5.55 17.45 57.04
N ALA F 118 6.75 16.90 57.28
CA ALA F 118 8.01 17.60 57.00
C ALA F 118 8.17 17.98 55.53
N ILE F 119 7.77 17.07 54.64
CA ILE F 119 7.82 17.30 53.18
C ILE F 119 6.84 18.41 52.77
N LEU F 120 5.59 18.31 53.23
CA LEU F 120 4.53 19.22 52.80
C LEU F 120 4.41 20.50 53.63
N GLY F 121 4.93 20.47 54.86
CA GLY F 121 4.74 21.59 55.79
C GLY F 121 3.32 21.65 56.31
N CYS F 122 2.59 20.55 56.14
CA CYS F 122 1.21 20.44 56.63
C CYS F 122 1.21 20.07 58.11
N GLY F 123 0.01 20.00 58.70
CA GLY F 123 -0.12 19.65 60.10
C GLY F 123 0.20 18.19 60.38
N HIS F 124 0.45 17.88 61.65
CA HIS F 124 0.63 16.49 62.10
C HIS F 124 0.13 16.41 63.54
N PRO F 125 -0.90 15.57 63.79
CA PRO F 125 -1.58 14.73 62.80
C PRO F 125 -2.53 15.52 61.89
N SER F 126 -2.78 14.97 60.70
CA SER F 126 -3.71 15.55 59.73
C SER F 126 -4.11 14.50 58.69
N SER F 127 -5.03 14.86 57.80
CA SER F 127 -5.53 13.94 56.77
C SER F 127 -4.98 14.27 55.38
N ILE F 128 -4.38 13.28 54.73
CA ILE F 128 -3.76 13.49 53.44
C ILE F 128 -4.40 12.58 52.42
N HIS F 129 -4.74 13.13 51.26
CA HIS F 129 -5.20 12.38 50.11
C HIS F 129 -3.99 11.65 49.56
N LYS F 130 -4.13 10.34 49.32
CA LYS F 130 -3.13 9.59 48.57
C LYS F 130 -3.78 9.08 47.28
N ILE F 131 -3.43 9.74 46.16
CA ILE F 131 -4.09 9.47 44.89
C ILE F 131 -3.13 8.80 43.91
N THR F 132 -3.48 7.60 43.48
CA THR F 132 -2.64 6.89 42.52
C THR F 132 -3.40 6.68 41.20
N ARG F 133 -2.88 7.29 40.13
CA ARG F 133 -3.46 7.18 38.80
C ARG F 133 -2.45 6.74 37.73
N VAL F 134 -2.93 6.04 36.69
CA VAL F 134 -2.18 5.97 35.44
C VAL F 134 -2.48 7.25 34.68
N ARG F 135 -1.44 7.95 34.26
CA ARG F 135 -1.63 9.14 33.43
C ARG F 135 -1.55 8.72 31.98
N LEU F 136 -2.53 9.15 31.18
CA LEU F 136 -2.65 8.73 29.78
C LEU F 136 -2.41 9.88 28.80
N ALA F 137 -1.92 9.53 27.61
CA ALA F 137 -1.81 10.45 26.48
C ALA F 137 -2.32 9.69 25.26
N ASN F 138 -3.42 10.18 24.69
CA ASN F 138 -4.07 9.51 23.57
C ASN F 138 -4.39 8.05 23.89
N ASP F 139 -4.95 7.83 25.08
CA ASP F 139 -5.37 6.51 25.57
C ASP F 139 -4.24 5.50 25.80
N ILE F 140 -2.99 5.94 25.69
CA ILE F 140 -1.86 5.08 25.97
C ILE F 140 -1.26 5.54 27.30
N PRO F 141 -0.96 4.59 28.21
CA PRO F 141 -0.27 4.92 29.47
C PRO F 141 1.03 5.62 29.22
N MET F 142 1.29 6.67 30.00
CA MET F 142 2.50 7.45 29.89
C MET F 142 3.28 7.40 31.20
N ALA F 143 2.54 7.50 32.31
CA ALA F 143 3.12 7.53 33.65
C ALA F 143 2.20 6.88 34.68
N ILE F 144 2.82 6.37 35.74
CA ILE F 144 2.09 6.01 36.95
C ILE F 144 2.42 7.10 37.97
N GLU F 145 1.41 7.65 38.61
CA GLU F 145 1.60 8.77 39.51
C GLU F 145 0.99 8.51 40.89
N SER F 146 1.77 8.81 41.92
CA SER F 146 1.28 8.73 43.28
C SER F 146 1.41 10.11 43.90
N SER F 147 0.28 10.75 44.22
CA SER F 147 0.37 12.10 44.77
C SER F 147 -0.28 12.27 46.16
N HIS F 148 0.43 12.97 47.04
CA HIS F 148 -0.03 13.31 48.39
C HIS F 148 -0.45 14.77 48.48
N ILE F 149 -1.69 14.97 48.90
CA ILE F 149 -2.31 16.30 48.98
C ILE F 149 -3.05 16.42 50.31
N PRO F 150 -2.66 17.39 51.16
CA PRO F 150 -3.37 17.64 52.42
C PRO F 150 -4.85 17.93 52.18
N PHE F 151 -5.71 17.35 53.00
CA PHE F 151 -7.16 17.40 52.77
C PHE F 151 -7.68 18.82 52.64
N GLU F 152 -7.26 19.70 53.56
CA GLU F 152 -7.73 21.09 53.66
C GLU F 152 -7.48 21.94 52.42
N LEU F 153 -6.43 21.59 51.67
CA LEU F 153 -6.11 22.24 50.39
C LEU F 153 -6.87 21.66 49.16
N ALA F 154 -7.73 20.67 49.39
CA ALA F 154 -8.53 20.09 48.28
C ALA F 154 -10.00 19.82 48.57
N GLY F 155 -10.34 19.51 49.82
CA GLY F 155 -11.70 19.11 50.18
C GLY F 155 -12.00 17.69 49.73
N GLU F 156 -13.28 17.35 49.61
CA GLU F 156 -13.68 16.02 49.14
C GLU F 156 -13.38 15.83 47.65
N LEU F 157 -12.74 14.72 47.32
CA LEU F 157 -12.36 14.42 45.94
C LEU F 157 -13.13 13.22 45.40
N ASN F 158 -13.55 13.30 44.14
CA ASN F 158 -14.25 12.19 43.50
C ASN F 158 -13.70 11.85 42.12
N GLU F 159 -14.39 10.93 41.46
CA GLU F 159 -14.01 10.47 40.14
C GLU F 159 -13.86 11.63 39.12
N SER F 160 -14.73 12.64 39.21
CA SER F 160 -14.63 13.80 38.31
C SER F 160 -13.30 14.57 38.47
N HIS F 161 -12.79 14.68 39.69
CA HIS F 161 -11.46 15.25 39.93
C HIS F 161 -10.33 14.35 39.40
N PHE F 162 -10.42 13.07 39.71
CA PHE F 162 -9.38 12.10 39.32
C PHE F 162 -9.18 11.99 37.81
N GLN F 163 -10.28 12.12 37.05
CA GLN F 163 -10.23 11.95 35.60
C GLN F 163 -9.91 13.24 34.88
N SER F 164 -9.65 14.29 35.65
CA SER F 164 -9.24 15.59 35.10
C SER F 164 -7.99 16.11 35.82
N SER F 165 -7.69 17.39 35.66
CA SER F 165 -6.49 18.03 36.21
C SER F 165 -6.63 18.38 37.68
N ILE F 166 -5.77 17.77 38.48
CA ILE F 166 -5.71 18.08 39.92
C ILE F 166 -5.18 19.50 40.16
N TYR F 167 -4.19 19.92 39.38
CA TYR F 167 -3.72 21.33 39.39
C TYR F 167 -4.87 22.32 39.26
N ASP F 168 -5.76 22.10 38.29
CA ASP F 168 -6.91 22.98 38.09
C ASP F 168 -7.85 23.03 39.29
N HIS F 169 -8.17 21.87 39.87
CA HIS F 169 -8.96 21.81 41.10
C HIS F 169 -8.33 22.58 42.25
N ILE F 170 -7.04 22.39 42.48
CA ILE F 170 -6.36 23.13 43.54
C ILE F 170 -6.55 24.64 43.37
N GLU F 171 -6.20 25.16 42.18
CA GLU F 171 -6.31 26.60 41.89
C GLU F 171 -7.73 27.12 42.07
N ARG F 172 -8.69 26.33 41.61
CA ARG F 172 -10.12 26.64 41.72
C ARG F 172 -10.60 26.60 43.17
N TYR F 173 -10.22 25.54 43.89
CA TYR F 173 -10.71 25.30 45.25
C TYR F 173 -10.19 26.32 46.24
N ASN F 174 -8.96 26.79 46.00
CA ASN F 174 -8.28 27.68 46.94
C ASN F 174 -8.33 29.14 46.55
N SER F 175 -8.65 29.41 45.28
CA SER F 175 -8.54 30.77 44.70
C SER F 175 -7.14 31.37 44.89
N ILE F 176 -6.12 30.54 44.75
CA ILE F 176 -4.73 30.97 44.76
C ILE F 176 -4.02 30.28 43.60
N PRO F 177 -3.25 31.04 42.81
CA PRO F 177 -2.48 30.39 41.75
C PRO F 177 -1.35 29.47 42.26
N ILE F 178 -0.99 28.50 41.43
CA ILE F 178 0.25 27.75 41.58
C ILE F 178 1.41 28.67 41.15
N SER F 179 2.58 28.55 41.79
CA SER F 179 3.68 29.49 41.52
C SER F 179 4.95 28.78 41.08
N ARG F 180 5.30 27.69 41.76
CA ARG F 180 6.57 27.02 41.53
C ARG F 180 6.59 25.59 42.04
N ALA F 181 7.54 24.82 41.52
CA ALA F 181 7.74 23.45 41.94
C ALA F 181 9.20 23.10 42.03
N LYS F 182 9.53 22.15 42.89
CA LYS F 182 10.84 21.53 42.93
C LYS F 182 10.71 20.14 42.33
N GLN F 183 11.50 19.87 41.29
CA GLN F 183 11.46 18.58 40.62
C GLN F 183 12.82 17.89 40.64
N GLU F 184 12.80 16.59 40.90
CA GLU F 184 13.98 15.71 40.76
C GLU F 184 13.70 14.58 39.75
N LEU F 185 14.62 14.39 38.81
CA LEU F 185 14.51 13.32 37.81
C LEU F 185 15.67 12.34 37.91
N GLU F 186 15.36 11.06 37.75
CA GLU F 186 16.32 9.97 37.91
C GLU F 186 15.96 8.84 36.97
N PRO F 187 16.98 8.23 36.30
CA PRO F 187 16.66 7.12 35.42
C PRO F 187 16.52 5.82 36.22
N SER F 188 15.70 4.91 35.71
CA SER F 188 15.57 3.62 36.32
C SER F 188 15.06 2.58 35.33
N ALA F 189 14.77 1.39 35.86
CA ALA F 189 14.27 0.26 35.09
C ALA F 189 12.90 -0.10 35.67
N ALA F 190 11.93 -0.34 34.79
CA ALA F 190 10.57 -0.66 35.20
C ALA F 190 10.51 -1.94 36.02
N THR F 191 9.89 -1.86 37.20
CA THR F 191 9.57 -3.07 37.97
C THR F 191 8.52 -3.89 37.21
N THR F 192 8.38 -5.17 37.56
CA THR F 192 7.40 -6.05 36.93
C THR F 192 6.05 -5.36 36.82
N GLU F 193 5.51 -4.89 37.95
CA GLU F 193 4.15 -4.41 37.96
C GLU F 193 3.98 -3.00 37.39
N GLU F 194 5.06 -2.23 37.34
CA GLU F 194 5.06 -0.93 36.64
C GLU F 194 5.04 -1.13 35.12
N ALA F 195 5.80 -2.12 34.65
CA ALA F 195 5.87 -2.48 33.26
C ALA F 195 4.53 -2.98 32.77
N ASN F 196 3.93 -3.88 33.54
CA ASN F 196 2.63 -4.46 33.22
C ASN F 196 1.59 -3.38 32.99
N ILE F 197 1.54 -2.43 33.93
CA ILE F 197 0.57 -1.35 33.89
C ILE F 197 0.83 -0.40 32.71
N LEU F 198 2.09 -0.08 32.47
CA LEU F 198 2.44 0.88 31.42
C LEU F 198 2.48 0.24 30.04
N GLY F 199 2.45 -1.09 30.00
CA GLY F 199 2.46 -1.82 28.73
C GLY F 199 3.83 -1.79 28.08
N ILE F 200 4.86 -1.87 28.91
CA ILE F 200 6.24 -1.97 28.43
C ILE F 200 6.90 -3.23 29.01
N GLN F 201 8.08 -3.58 28.52
CA GLN F 201 8.80 -4.75 29.03
C GLN F 201 9.37 -4.51 30.43
N LYS F 202 9.35 -5.55 31.25
CA LYS F 202 10.03 -5.53 32.54
C LYS F 202 11.49 -5.08 32.36
N GLY F 203 11.93 -4.14 33.20
CA GLY F 203 13.29 -3.65 33.18
C GLY F 203 13.57 -2.56 32.17
N ALA F 204 12.52 -2.11 31.48
CA ALA F 204 12.65 -1.08 30.43
C ALA F 204 12.95 0.30 31.02
N PRO F 205 13.60 1.20 30.22
CA PRO F 205 14.02 2.50 30.73
C PRO F 205 12.83 3.35 31.12
N VAL F 206 13.00 4.07 32.22
CA VAL F 206 11.91 4.70 32.92
C VAL F 206 12.52 5.91 33.64
N LEU F 207 11.84 7.04 33.57
CA LEU F 207 12.21 8.22 34.33
C LEU F 207 11.40 8.31 35.61
N LEU F 208 12.12 8.35 36.73
CA LEU F 208 11.57 8.62 38.05
C LEU F 208 11.55 10.12 38.28
N ILE F 209 10.35 10.66 38.45
CA ILE F 209 10.14 12.08 38.69
C ILE F 209 9.48 12.30 40.05
N LYS F 210 10.18 13.01 40.92
CA LYS F 210 9.64 13.42 42.21
C LYS F 210 9.41 14.94 42.18
N ARG F 211 8.19 15.39 42.50
CA ARG F 211 7.85 16.83 42.44
C ARG F 211 7.06 17.35 43.66
N THR F 212 7.52 18.45 44.23
CA THR F 212 6.79 19.18 45.26
C THR F 212 6.35 20.53 44.70
N THR F 213 5.03 20.76 44.61
CA THR F 213 4.50 21.99 44.00
C THR F 213 3.86 22.91 45.02
N TYR F 214 3.98 24.23 44.80
CA TYR F 214 3.59 25.25 45.76
C TYR F 214 2.61 26.25 45.18
N LEU F 215 1.74 26.78 46.05
CA LEU F 215 0.90 27.92 45.72
C LEU F 215 1.68 29.22 45.91
N GLN F 216 1.08 30.34 45.50
CA GLN F 216 1.64 31.69 45.66
C GLN F 216 2.05 32.10 47.08
N ASN F 217 1.28 31.63 48.06
CA ASN F 217 1.47 31.91 49.47
C ASN F 217 2.55 31.00 50.11
N GLY F 218 3.36 30.37 49.26
CA GLY F 218 4.46 29.51 49.70
C GLY F 218 4.05 28.15 50.23
N THR F 219 2.75 27.88 50.33
CA THR F 219 2.26 26.60 50.84
C THR F 219 2.35 25.46 49.83
N ALA F 220 3.02 24.38 50.22
CA ALA F 220 3.10 23.17 49.39
C ALA F 220 1.75 22.46 49.41
N PHE F 221 1.25 22.10 48.22
CA PHE F 221 -0.06 21.45 48.11
C PHE F 221 0.02 20.03 47.57
N GLU F 222 1.11 19.72 46.88
CA GLU F 222 1.30 18.39 46.33
C GLU F 222 2.73 17.93 46.47
N HIS F 223 2.90 16.70 46.93
CA HIS F 223 4.14 15.93 46.74
C HIS F 223 3.80 14.74 45.85
N ALA F 224 4.49 14.62 44.72
CA ALA F 224 4.20 13.55 43.77
C ALA F 224 5.44 12.75 43.41
N LYS F 225 5.27 11.42 43.35
CA LYS F 225 6.27 10.48 42.84
C LYS F 225 5.69 9.79 41.60
N SER F 226 6.42 9.87 40.49
CA SER F 226 5.93 9.31 39.22
C SER F 226 6.95 8.39 38.56
N VAL F 227 6.46 7.54 37.66
CA VAL F 227 7.30 6.73 36.77
C VAL F 227 6.80 6.96 35.36
N TYR F 228 7.63 7.57 34.51
CA TYR F 228 7.28 7.82 33.09
C TYR F 228 8.01 6.83 32.18
N ARG F 229 7.36 6.43 31.08
CA ARG F 229 7.95 5.53 30.07
C ARG F 229 9.08 6.24 29.34
N GLY F 230 10.24 5.60 29.30
CA GLY F 230 11.41 6.12 28.61
C GLY F 230 11.32 6.07 27.10
N ASP F 231 10.33 5.35 26.56
CA ASP F 231 10.14 5.25 25.12
C ASP F 231 9.22 6.35 24.56
N ARG F 232 8.39 6.93 25.42
CA ARG F 232 7.44 7.96 24.99
C ARG F 232 7.70 9.35 25.57
N TYR F 233 8.50 9.44 26.62
CA TYR F 233 8.64 10.71 27.33
C TYR F 233 10.06 11.27 27.38
N THR F 234 10.16 12.54 27.01
CA THR F 234 11.39 13.31 27.13
C THR F 234 11.06 14.59 27.89
N PHE F 235 11.83 14.85 28.95
CA PHE F 235 11.75 16.12 29.66
C PHE F 235 12.60 17.15 28.93
N VAL F 236 11.96 18.26 28.57
CA VAL F 236 12.61 19.39 27.89
C VAL F 236 12.32 20.69 28.64
N HIS F 237 13.37 21.46 28.94
CA HIS F 237 13.23 22.71 29.66
C HIS F 237 14.42 23.62 29.45
N TYR F 238 14.18 24.93 29.48
CA TYR F 238 15.21 25.96 29.42
C TYR F 238 15.62 26.38 30.81
N MET F 239 16.94 26.54 31.01
CA MET F 239 17.51 27.02 32.27
CA MET F 239 17.47 27.04 32.27
C MET F 239 18.26 28.31 32.00
N ASP F 240 17.96 29.36 32.76
CA ASP F 240 18.62 30.65 32.59
C ASP F 240 19.65 30.89 33.70
N ARG F 241 20.83 31.35 33.31
CA ARG F 241 21.90 31.58 34.27
C ARG F 241 21.67 32.87 35.06
N LEU F 242 21.76 32.76 36.39
CA LEU F 242 21.56 33.87 37.30
C LEU F 242 22.77 34.80 37.32
N ASN G 2 25.88 -3.01 15.11
CA ASN G 2 26.99 -3.27 16.07
C ASN G 2 27.61 -1.96 16.56
N ILE G 3 26.93 -0.86 16.24
CA ILE G 3 27.40 0.49 16.54
C ILE G 3 26.22 1.39 16.91
N ASN G 4 26.39 2.15 17.99
CA ASN G 4 25.35 3.04 18.51
C ASN G 4 25.61 4.48 18.06
N LYS G 5 24.92 4.90 17.02
CA LYS G 5 25.13 6.22 16.42
C LYS G 5 24.79 7.37 17.37
N GLN G 6 23.84 7.13 18.28
CA GLN G 6 23.38 8.16 19.21
C GLN G 6 24.24 8.23 20.48
N SER G 7 25.26 7.38 20.57
CA SER G 7 26.15 7.33 21.73
C SER G 7 27.18 8.45 21.71
N PRO G 8 27.48 9.05 22.88
CA PRO G 8 28.52 10.09 22.99
C PRO G 8 29.89 9.66 22.45
N ILE G 9 30.17 8.36 22.49
CA ILE G 9 31.43 7.84 21.97
C ILE G 9 31.48 8.00 20.45
N PRO G 10 32.57 8.60 19.92
CA PRO G 10 32.73 8.67 18.47
C PRO G 10 32.63 7.29 17.80
N ILE G 11 32.13 7.28 16.57
CA ILE G 11 31.90 6.06 15.80
C ILE G 11 33.21 5.28 15.56
N TYR G 12 34.26 6.00 15.15
CA TYR G 12 35.56 5.40 14.80
C TYR G 12 36.17 4.74 16.04
N TYR G 13 35.86 5.33 17.19
CA TYR G 13 36.35 4.83 18.46
C TYR G 13 35.62 3.57 18.81
N GLN G 14 34.33 3.52 18.49
CA GLN G 14 33.53 2.32 18.73
C GLN G 14 34.08 1.20 17.88
N ILE G 15 34.31 1.48 16.60
CA ILE G 15 34.89 0.49 15.68
C ILE G 15 36.15 -0.11 16.30
N MET G 16 37.08 0.73 16.72
CA MET G 16 38.36 0.31 17.31
C MET G 16 38.17 -0.66 18.48
N GLU G 17 37.18 -0.37 19.32
CA GLU G 17 36.90 -1.18 20.50
C GLU G 17 36.42 -2.58 20.09
N GLN G 18 35.52 -2.63 19.12
CA GLN G 18 34.95 -3.90 18.67
C GLN G 18 35.99 -4.81 18.02
N LEU G 19 36.93 -4.20 17.31
CA LEU G 19 37.99 -4.94 16.62
C LEU G 19 39.05 -5.50 17.58
N LYS G 20 39.36 -4.74 18.62
CA LYS G 20 40.28 -5.21 19.68
C LYS G 20 39.66 -6.36 20.47
N THR G 21 38.33 -6.34 20.63
CA THR G 21 37.59 -7.42 21.26
C THR G 21 37.68 -8.64 20.35
N GLN G 22 37.46 -8.44 19.05
CA GLN G 22 37.60 -9.49 18.05
C GLN G 22 39.02 -10.07 17.97
N ILE G 23 40.03 -9.23 18.24
CA ILE G 23 41.43 -9.68 18.27
C ILE G 23 41.72 -10.54 19.50
N LYS G 24 41.31 -10.07 20.69
CA LYS G 24 41.53 -10.81 21.93
C LYS G 24 40.73 -12.12 22.00
N ASN G 25 39.51 -12.09 21.47
CA ASN G 25 38.63 -13.27 21.43
C ASN G 25 39.14 -14.38 20.50
N GLY G 26 40.08 -14.02 19.62
CA GLY G 26 40.55 -14.91 18.58
C GLY G 26 39.57 -14.94 17.42
N GLU G 27 38.66 -13.97 17.40
CA GLU G 27 37.64 -13.85 16.37
C GLU G 27 38.26 -13.33 15.07
N LEU G 28 39.34 -12.57 15.21
CA LEU G 28 40.18 -12.17 14.08
C LEU G 28 41.60 -12.66 14.35
N GLN G 29 42.04 -13.60 13.52
CA GLN G 29 43.33 -14.30 13.70
C GLN G 29 44.54 -13.44 13.26
N PRO G 30 45.73 -13.69 13.87
CA PRO G 30 46.95 -12.94 13.54
C PRO G 30 47.38 -13.05 12.08
N ASP G 31 47.97 -11.98 11.56
CA ASP G 31 48.46 -11.90 10.17
C ASP G 31 47.48 -12.42 9.10
N MET G 32 46.18 -12.25 9.36
CA MET G 32 45.15 -12.64 8.40
C MET G 32 44.25 -11.43 8.07
N PRO G 33 43.87 -11.26 6.79
CA PRO G 33 43.22 -10.04 6.31
C PRO G 33 41.89 -9.69 6.97
N LEU G 34 41.65 -8.39 7.10
CA LEU G 34 40.36 -7.87 7.56
C LEU G 34 39.45 -7.58 6.37
N PRO G 35 38.13 -7.44 6.61
CA PRO G 35 37.23 -6.84 5.62
C PRO G 35 37.71 -5.47 5.17
N SER G 36 37.42 -5.12 3.92
CA SER G 36 37.83 -3.83 3.35
C SER G 36 37.04 -2.68 3.99
N GLU G 37 37.39 -1.46 3.61
CA GLU G 37 36.70 -0.25 4.08
C GLU G 37 35.26 -0.19 3.57
N ARG G 38 35.06 -0.68 2.34
CA ARG G 38 33.72 -0.75 1.75
C ARG G 38 32.87 -1.80 2.46
N GLU G 39 33.52 -2.89 2.89
CA GLU G 39 32.83 -3.98 3.57
C GLU G 39 32.26 -3.56 4.92
N TYR G 40 33.11 -2.97 5.76
CA TYR G 40 32.68 -2.52 7.09
C TYR G 40 31.59 -1.46 7.01
N ALA G 41 31.76 -0.50 6.11
CA ALA G 41 30.79 0.57 5.89
C ALA G 41 29.38 0.05 5.61
N GLU G 42 29.28 -1.00 4.81
CA GLU G 42 27.99 -1.62 4.48
C GLU G 42 27.40 -2.36 5.69
N GLN G 43 28.29 -2.90 6.52
CA GLN G 43 27.91 -3.61 7.74
C GLN G 43 27.50 -2.65 8.84
N PHE G 44 27.77 -1.36 8.63
CA PHE G 44 27.57 -0.34 9.65
C PHE G 44 26.62 0.80 9.27
N GLY G 45 26.42 1.00 7.98
CA GLY G 45 25.65 2.15 7.49
C GLY G 45 26.39 3.43 7.80
N ILE G 46 27.61 3.52 7.27
CA ILE G 46 28.58 4.52 7.72
C ILE G 46 29.56 4.94 6.62
N SER G 47 30.24 6.06 6.86
CA SER G 47 31.22 6.60 5.91
C SER G 47 32.50 5.77 5.86
N ARG G 48 33.02 5.58 4.64
CA ARG G 48 34.29 4.89 4.41
C ARG G 48 35.43 5.54 5.19
N MET G 49 35.39 6.87 5.28
CA MET G 49 36.46 7.66 5.90
C MET G 49 36.53 7.45 7.40
N THR G 50 35.37 7.19 8.00
CA THR G 50 35.29 6.81 9.41
C THR G 50 35.99 5.47 9.62
N VAL G 51 35.68 4.51 8.75
CA VAL G 51 36.27 3.17 8.81
C VAL G 51 37.78 3.25 8.60
N ARG G 52 38.20 4.12 7.67
CA ARG G 52 39.62 4.40 7.40
C ARG G 52 40.32 4.94 8.66
N GLN G 53 39.69 5.92 9.30
CA GLN G 53 40.22 6.58 10.50
C GLN G 53 40.48 5.60 11.64
N ALA G 54 39.52 4.70 11.87
CA ALA G 54 39.62 3.65 12.88
C ALA G 54 40.78 2.70 12.61
N LEU G 55 40.88 2.24 11.36
CA LEU G 55 41.94 1.33 10.93
C LEU G 55 43.31 2.01 10.87
N SER G 56 43.33 3.27 10.44
CA SER G 56 44.55 4.08 10.45
C SER G 56 45.05 4.30 11.88
N ASN G 57 44.12 4.34 12.83
CA ASN G 57 44.45 4.51 14.23
C ASN G 57 45.02 3.25 14.89
N LEU G 58 44.55 2.09 14.42
CA LEU G 58 45.01 0.81 14.96
C LEU G 58 46.35 0.38 14.38
N VAL G 59 46.57 0.66 13.09
CA VAL G 59 47.84 0.39 12.44
C VAL G 59 48.94 1.28 13.05
N ASN G 60 48.66 2.58 13.19
CA ASN G 60 49.59 3.53 13.81
C ASN G 60 49.83 3.24 15.29
N GLU G 61 49.02 2.34 15.83
CA GLU G 61 49.08 1.93 17.22
C GLU G 61 49.80 0.59 17.35
N GLY G 62 50.01 -0.05 16.20
CA GLY G 62 50.77 -1.29 16.13
C GLY G 62 49.98 -2.57 16.38
N LEU G 63 48.66 -2.47 16.38
CA LEU G 63 47.80 -3.65 16.49
C LEU G 63 47.36 -4.16 15.11
N LEU G 64 47.65 -3.38 14.07
CA LEU G 64 47.42 -3.77 12.69
C LEU G 64 48.62 -3.44 11.80
N TYR G 65 48.69 -4.11 10.65
CA TYR G 65 49.74 -3.91 9.64
C TYR G 65 49.14 -3.94 8.24
N ARG G 66 49.74 -3.18 7.32
CA ARG G 66 49.36 -3.23 5.90
C ARG G 66 50.54 -3.04 4.95
N LEU G 67 50.38 -3.50 3.71
CA LEU G 67 51.42 -3.45 2.70
C LEU G 67 50.99 -2.65 1.47
N THR G 72 44.81 -4.45 5.17
CA THR G 72 44.90 -4.51 6.64
C THR G 72 44.91 -5.95 7.17
N PHE G 73 45.89 -6.26 8.02
CA PHE G 73 45.99 -7.58 8.66
C PHE G 73 46.25 -7.43 10.15
N VAL G 74 45.76 -8.37 10.95
CA VAL G 74 45.96 -8.38 12.41
C VAL G 74 47.43 -8.61 12.78
N SER G 75 48.01 -7.64 13.48
CA SER G 75 49.44 -7.67 13.81
C SER G 75 49.81 -8.76 14.80
N LYS G 76 50.92 -9.46 14.51
CA LYS G 76 51.47 -10.47 15.42
C LYS G 76 52.15 -9.77 16.59
N PRO G 77 51.75 -10.11 17.83
CA PRO G 77 52.24 -9.40 19.01
C PRO G 77 53.59 -9.90 19.52
N LYS G 78 54.57 -8.98 19.62
CA LYS G 78 55.90 -9.29 20.13
C LYS G 78 55.87 -9.44 21.66
N MET G 79 56.30 -10.61 22.14
CA MET G 79 56.17 -10.97 23.57
C MET G 79 57.52 -11.09 24.28
N GLU G 80 58.61 -10.90 23.54
CA GLU G 80 59.97 -11.08 24.07
C GLU G 80 60.27 -10.19 25.28
N GLN G 81 60.00 -8.89 25.14
CA GLN G 81 60.23 -7.92 26.22
C GLN G 81 59.25 -8.06 27.40
N ALA G 82 58.03 -8.53 27.12
CA ALA G 82 57.02 -8.70 28.18
C ALA G 82 57.30 -9.92 29.07
N LEU G 83 57.67 -11.04 28.45
CA LEU G 83 57.82 -12.30 29.16
C LEU G 83 59.25 -12.60 29.59
N GLN G 84 60.22 -12.02 28.91
CA GLN G 84 61.62 -12.29 29.22
C GLN G 84 62.44 -11.04 29.57
N GLY G 85 61.85 -9.86 29.35
CA GLY G 85 62.55 -8.59 29.61
C GLY G 85 61.96 -7.70 30.70
N LEU G 86 61.78 -6.44 30.36
CA LEU G 86 61.36 -5.42 31.30
C LEU G 86 60.56 -4.40 30.52
N THR G 87 59.28 -4.25 30.88
CA THR G 87 58.38 -3.35 30.20
C THR G 87 57.87 -2.27 31.13
N SER G 88 57.54 -1.12 30.56
CA SER G 88 56.73 -0.10 31.24
C SER G 88 55.28 -0.57 31.26
N PHE G 89 54.40 0.22 31.90
CA PHE G 89 52.96 -0.05 31.86
C PHE G 89 52.43 -0.04 30.43
N THR G 90 52.86 0.96 29.66
CA THR G 90 52.49 1.13 28.26
C THR G 90 52.81 -0.12 27.42
N GLU G 91 54.08 -0.53 27.41
CA GLU G 91 54.49 -1.73 26.69
C GLU G 91 53.82 -3.00 27.23
N ASP G 92 53.65 -3.09 28.54
CA ASP G 92 52.98 -4.24 29.15
C ASP G 92 51.59 -4.41 28.54
N MET G 93 50.80 -3.34 28.54
CA MET G 93 49.41 -3.38 28.10
C MET G 93 49.26 -3.61 26.61
N LYS G 94 50.26 -3.18 25.85
CA LYS G 94 50.25 -3.36 24.41
C LYS G 94 50.63 -4.79 24.04
N SER G 95 51.31 -5.48 24.94
CA SER G 95 51.65 -6.88 24.71
C SER G 95 50.41 -7.74 24.97
N ARG G 96 49.47 -7.17 25.71
CA ARG G 96 48.18 -7.81 26.01
C ARG G 96 47.08 -7.41 25.01
N GLY G 97 47.45 -6.64 23.98
CA GLY G 97 46.51 -6.15 22.99
C GLY G 97 45.58 -5.08 23.51
N MET G 98 45.99 -4.39 24.57
CA MET G 98 45.14 -3.39 25.22
C MET G 98 45.69 -1.99 25.01
N THR G 99 44.80 -1.00 25.05
CA THR G 99 45.18 0.41 24.90
C THR G 99 45.45 1.05 26.25
N PRO G 100 46.74 1.37 26.53
CA PRO G 100 47.05 1.98 27.82
C PRO G 100 46.81 3.48 27.82
N GLY G 101 46.58 4.02 29.01
CA GLY G 101 46.35 5.45 29.21
C GLY G 101 46.48 5.77 30.69
N SER G 102 46.31 7.05 31.01
CA SER G 102 46.50 7.53 32.39
C SER G 102 45.60 8.70 32.75
N ARG G 103 45.30 8.78 34.05
CA ARG G 103 44.68 9.94 34.66
C ARG G 103 45.42 10.31 35.96
N LEU G 104 45.92 11.53 36.04
CA LEU G 104 46.62 12.01 37.22
C LEU G 104 45.66 12.26 38.39
N ILE G 105 45.96 11.63 39.53
CA ILE G 105 45.26 11.91 40.78
C ILE G 105 45.97 13.10 41.43
N ASP G 106 47.29 13.00 41.55
CA ASP G 106 48.06 13.93 42.36
C ASP G 106 49.48 14.10 41.81
N TYR G 107 49.92 15.34 41.69
CA TYR G 107 51.34 15.64 41.46
C TYR G 107 51.90 16.57 42.53
N GLN G 108 53.08 16.24 43.03
CA GLN G 108 53.79 17.04 44.01
C GLN G 108 55.27 17.13 43.65
N LEU G 109 55.83 18.33 43.79
CA LEU G 109 57.27 18.49 43.82
C LEU G 109 57.67 18.47 45.30
N ILE G 110 58.50 17.50 45.64
CA ILE G 110 58.73 17.11 47.02
C ILE G 110 60.20 17.21 47.41
N ASP G 111 60.45 17.71 48.62
CA ASP G 111 61.80 17.76 49.17
C ASP G 111 62.28 16.36 49.55
N SER G 112 63.60 16.18 49.50
CA SER G 112 64.24 14.90 49.85
C SER G 112 63.96 14.44 51.28
N THR G 113 63.59 13.16 51.40
CA THR G 113 63.55 12.48 52.68
C THR G 113 64.78 11.58 52.77
N GLU G 114 65.18 11.25 54.00
CA GLU G 114 66.38 10.42 54.23
C GLU G 114 66.26 9.02 53.63
N GLU G 115 65.16 8.32 53.93
CA GLU G 115 64.93 6.95 53.47
C GLU G 115 64.67 6.91 51.97
N LEU G 116 64.05 7.97 51.46
CA LEU G 116 63.87 8.18 50.02
C LEU G 116 65.20 8.27 49.28
N ALA G 117 66.13 9.02 49.87
CA ALA G 117 67.48 9.18 49.33
C ALA G 117 68.25 7.86 49.33
N ALA G 118 68.03 7.03 50.36
CA ALA G 118 68.71 5.74 50.46
C ALA G 118 68.15 4.68 49.51
N ILE G 119 66.94 4.87 49.01
CA ILE G 119 66.37 3.97 48.00
C ILE G 119 66.83 4.38 46.60
N LEU G 120 66.71 5.67 46.29
CA LEU G 120 66.97 6.19 44.93
C LEU G 120 68.43 6.52 44.64
N GLY G 121 69.23 6.73 45.69
CA GLY G 121 70.64 7.04 45.53
C GLY G 121 70.92 8.50 45.24
N CYS G 122 69.86 9.31 45.15
CA CYS G 122 69.99 10.74 44.86
C CYS G 122 70.47 11.54 46.07
N GLY G 123 70.85 12.79 45.84
CA GLY G 123 71.34 13.68 46.90
C GLY G 123 70.30 14.11 47.90
N HIS G 124 70.76 14.62 49.04
CA HIS G 124 69.88 15.03 50.15
C HIS G 124 70.46 16.30 50.79
N PRO G 125 69.73 17.43 50.68
CA PRO G 125 68.39 17.57 50.10
C PRO G 125 68.35 17.82 48.58
N SER G 126 67.24 17.43 47.97
CA SER G 126 67.00 17.57 46.52
C SER G 126 65.50 17.43 46.22
N SER G 127 65.10 17.83 45.01
CA SER G 127 63.70 17.78 44.61
C SER G 127 63.34 16.46 43.93
N ILE G 128 62.28 15.82 44.41
CA ILE G 128 61.77 14.59 43.81
C ILE G 128 60.36 14.81 43.29
N HIS G 129 60.09 14.34 42.07
CA HIS G 129 58.72 14.26 41.56
C HIS G 129 57.96 13.19 42.31
N LYS G 130 56.73 13.50 42.75
CA LYS G 130 55.82 12.46 43.28
C LYS G 130 54.55 12.42 42.44
N ILE G 131 54.43 11.37 41.63
CA ILE G 131 53.37 11.28 40.62
C ILE G 131 52.40 10.14 40.93
N THR G 132 51.15 10.51 41.20
CA THR G 132 50.11 9.54 41.48
C THR G 132 49.09 9.53 40.33
N ARG G 133 49.10 8.44 39.57
CA ARG G 133 48.23 8.24 38.39
C ARG G 133 47.34 7.01 38.55
N VAL G 134 46.16 7.06 37.94
CA VAL G 134 45.39 5.85 37.62
C VAL G 134 45.92 5.35 36.28
N ARG G 135 46.32 4.08 36.24
CA ARG G 135 46.77 3.48 34.99
C ARG G 135 45.59 2.73 34.34
N LEU G 136 45.24 3.15 33.13
CA LEU G 136 44.04 2.67 32.46
C LEU G 136 44.39 1.77 31.28
N ALA G 137 43.54 0.77 31.06
CA ALA G 137 43.68 -0.12 29.91
C ALA G 137 42.31 -0.29 29.26
N ASN G 138 42.21 0.10 27.99
CA ASN G 138 40.93 0.20 27.28
C ASN G 138 39.91 1.03 28.07
N ASP G 139 40.35 2.17 28.56
CA ASP G 139 39.53 3.12 29.31
C ASP G 139 39.09 2.64 30.70
N ILE G 140 39.46 1.42 31.07
CA ILE G 140 39.07 0.87 32.37
C ILE G 140 40.27 0.92 33.32
N PRO G 141 40.09 1.43 34.56
CA PRO G 141 41.24 1.48 35.45
C PRO G 141 41.86 0.09 35.65
N MET G 142 43.18 0.02 35.63
CA MET G 142 43.92 -1.22 35.85
C MET G 142 44.75 -1.18 37.15
N ALA G 143 45.32 -0.02 37.48
CA ALA G 143 46.20 0.13 38.65
C ALA G 143 46.22 1.57 39.17
N ILE G 144 46.61 1.72 40.44
CA ILE G 144 46.96 3.03 41.00
C ILE G 144 48.45 3.04 41.27
N GLU G 145 49.15 3.96 40.61
CA GLU G 145 50.60 4.01 40.67
C GLU G 145 51.09 5.30 41.34
N SER G 146 51.96 5.13 42.34
CA SER G 146 52.62 6.24 42.99
C SER G 146 54.13 6.12 42.71
N SER G 147 54.69 7.12 42.01
CA SER G 147 56.11 7.07 41.61
C SER G 147 56.94 8.24 42.12
N HIS G 148 58.15 7.92 42.54
CA HIS G 148 59.13 8.93 42.92
C HIS G 148 60.28 8.99 41.92
N ILE G 149 60.50 10.16 41.35
CA ILE G 149 61.52 10.36 40.35
C ILE G 149 62.33 11.61 40.69
N PRO G 150 63.65 11.45 40.93
CA PRO G 150 64.49 12.65 41.16
C PRO G 150 64.28 13.66 40.04
N PHE G 151 64.07 14.92 40.40
CA PHE G 151 63.72 15.96 39.42
C PHE G 151 64.69 15.98 38.24
N GLU G 152 65.98 16.01 38.56
CA GLU G 152 67.03 16.20 37.56
C GLU G 152 67.10 15.08 36.53
N LEU G 153 66.43 13.97 36.81
CA LEU G 153 66.36 12.87 35.87
C LEU G 153 65.15 12.95 34.94
N ALA G 154 64.36 14.03 35.04
CA ALA G 154 63.19 14.23 34.17
C ALA G 154 62.89 15.69 33.78
N GLY G 155 63.41 16.64 34.57
CA GLY G 155 63.08 18.06 34.37
C GLY G 155 61.63 18.38 34.71
N GLU G 156 61.17 19.57 34.33
CA GLU G 156 59.78 19.98 34.56
C GLU G 156 58.83 19.09 33.77
N LEU G 157 57.85 18.51 34.46
CA LEU G 157 56.85 17.66 33.82
C LEU G 157 55.51 18.35 33.73
N ASN G 158 54.70 17.93 32.76
CA ASN G 158 53.36 18.44 32.60
C ASN G 158 52.41 17.34 32.16
N GLU G 159 51.21 17.76 31.74
CA GLU G 159 50.14 16.83 31.45
C GLU G 159 50.38 15.98 30.20
N SER G 160 51.22 16.45 29.29
CA SER G 160 51.63 15.63 28.14
C SER G 160 52.48 14.44 28.56
N HIS G 161 53.26 14.61 29.63
CA HIS G 161 54.10 13.53 30.16
C HIS G 161 53.27 12.54 30.97
N PHE G 162 52.44 13.07 31.85
CA PHE G 162 51.62 12.25 32.75
C PHE G 162 50.68 11.34 32.00
N GLN G 163 50.26 11.78 30.82
CA GLN G 163 49.28 11.06 30.00
C GLN G 163 49.88 10.03 29.06
N SER G 164 51.21 9.98 28.99
CA SER G 164 51.91 8.97 28.19
C SER G 164 52.93 8.20 29.02
N SER G 165 54.02 7.77 28.40
CA SER G 165 55.02 6.93 29.06
C SER G 165 56.15 7.72 29.71
N ILE G 166 56.22 7.61 31.04
CA ILE G 166 57.33 8.13 31.82
C ILE G 166 58.64 7.46 31.39
N TYR G 167 58.63 6.14 31.30
CA TYR G 167 59.81 5.36 30.86
C TYR G 167 60.38 5.91 29.56
N ASP G 168 59.49 6.37 28.69
CA ASP G 168 59.85 6.89 27.38
C ASP G 168 60.51 8.25 27.53
N HIS G 169 59.98 9.07 28.44
CA HIS G 169 60.52 10.38 28.71
C HIS G 169 61.89 10.36 29.39
N ILE G 170 62.10 9.38 30.27
CA ILE G 170 63.38 9.24 30.98
C ILE G 170 64.52 8.83 30.02
N GLU G 171 64.21 7.94 29.08
CA GLU G 171 65.14 7.57 28.02
C GLU G 171 65.46 8.76 27.11
N ARG G 172 64.43 9.51 26.72
CA ARG G 172 64.60 10.66 25.84
C ARG G 172 65.21 11.88 26.55
N TYR G 173 65.01 11.98 27.86
CA TYR G 173 65.59 13.10 28.63
C TYR G 173 67.06 12.88 28.97
N ASN G 174 67.46 11.61 29.05
CA ASN G 174 68.79 11.26 29.55
C ASN G 174 69.70 10.60 28.51
N SER G 175 69.16 10.35 27.32
CA SER G 175 69.87 9.67 26.22
C SER G 175 70.63 8.42 26.67
N ILE G 176 69.94 7.62 27.48
CA ILE G 176 70.50 6.40 28.06
C ILE G 176 69.33 5.45 28.33
N PRO G 177 69.48 4.16 27.96
CA PRO G 177 68.34 3.26 28.12
C PRO G 177 68.16 2.76 29.54
N ILE G 178 66.93 2.34 29.86
CA ILE G 178 66.67 1.61 31.09
C ILE G 178 67.37 0.25 30.98
N SER G 179 68.05 -0.14 32.05
CA SER G 179 68.75 -1.42 32.08
C SER G 179 68.02 -2.50 32.88
N ARG G 180 67.63 -2.17 34.11
CA ARG G 180 67.18 -3.16 35.08
C ARG G 180 66.13 -2.60 36.01
N ALA G 181 65.51 -3.49 36.79
CA ALA G 181 64.60 -3.14 37.86
C ALA G 181 64.55 -4.22 38.93
N LYS G 182 64.35 -3.80 40.18
CA LYS G 182 64.01 -4.71 41.26
C LYS G 182 62.51 -4.62 41.58
N GLN G 183 61.84 -5.77 41.57
CA GLN G 183 60.39 -5.81 41.76
C GLN G 183 59.94 -6.79 42.85
N GLU G 184 59.03 -6.31 43.72
CA GLU G 184 58.42 -7.13 44.78
C GLU G 184 56.91 -7.25 44.58
N LEU G 185 56.39 -8.46 44.75
CA LEU G 185 54.96 -8.67 44.57
C LEU G 185 54.37 -9.32 45.80
N GLU G 186 53.24 -8.79 46.26
CA GLU G 186 52.49 -9.39 47.33
C GLU G 186 50.97 -9.17 47.16
N PRO G 187 50.16 -10.16 47.61
CA PRO G 187 48.72 -10.05 47.46
C PRO G 187 48.11 -9.20 48.59
N SER G 188 46.99 -8.56 48.29
CA SER G 188 46.29 -7.76 49.29
C SER G 188 44.80 -7.60 48.96
N ALA G 189 44.11 -6.81 49.77
CA ALA G 189 42.70 -6.51 49.57
C ALA G 189 42.55 -5.01 49.38
N ALA G 190 41.80 -4.61 48.37
CA ALA G 190 41.58 -3.19 48.09
C ALA G 190 41.00 -2.44 49.30
N THR G 191 41.55 -1.26 49.58
CA THR G 191 40.99 -0.39 50.60
C THR G 191 39.80 0.33 49.98
N THR G 192 39.02 0.98 50.85
CA THR G 192 37.86 1.73 50.39
C THR G 192 38.20 2.65 49.23
N GLU G 193 39.22 3.49 49.42
CA GLU G 193 39.57 4.50 48.43
C GLU G 193 40.26 3.94 47.19
N GLU G 194 40.97 2.83 47.34
CA GLU G 194 41.57 2.14 46.20
C GLU G 194 40.49 1.51 45.33
N ALA G 195 39.52 0.89 46.00
CA ALA G 195 38.38 0.25 45.34
C ALA G 195 37.52 1.25 44.60
N ASN G 196 37.18 2.36 45.25
CA ASN G 196 36.43 3.44 44.60
C ASN G 196 37.11 3.86 43.28
N ILE G 197 38.40 4.13 43.35
CA ILE G 197 39.12 4.61 42.17
C ILE G 197 39.28 3.51 41.12
N LEU G 198 39.47 2.28 41.56
CA LEU G 198 39.67 1.17 40.63
C LEU G 198 38.39 0.62 40.02
N GLY G 199 37.24 0.90 40.65
CA GLY G 199 35.95 0.40 40.18
C GLY G 199 35.65 -1.03 40.58
N ILE G 200 36.22 -1.44 41.71
CA ILE G 200 36.04 -2.79 42.25
C ILE G 200 35.45 -2.68 43.64
N GLN G 201 35.14 -3.81 44.26
CA GLN G 201 34.59 -3.82 45.60
C GLN G 201 35.67 -3.69 46.67
N LYS G 202 35.32 -3.03 47.77
CA LYS G 202 36.15 -3.00 48.96
C LYS G 202 36.51 -4.43 49.36
N GLY G 203 37.79 -4.65 49.67
CA GLY G 203 38.27 -5.99 50.01
C GLY G 203 38.55 -6.95 48.85
N ALA G 204 38.32 -6.51 47.61
CA ALA G 204 38.66 -7.30 46.43
C ALA G 204 40.19 -7.57 46.34
N PRO G 205 40.57 -8.76 45.84
CA PRO G 205 41.98 -9.08 45.60
C PRO G 205 42.72 -8.02 44.76
N VAL G 206 43.92 -7.67 45.21
CA VAL G 206 44.82 -6.75 44.50
C VAL G 206 46.27 -7.21 44.59
N LEU G 207 47.06 -6.85 43.59
CA LEU G 207 48.49 -7.06 43.62
C LEU G 207 49.21 -5.79 44.03
N LEU G 208 49.99 -5.90 45.09
CA LEU G 208 50.87 -4.82 45.51
C LEU G 208 52.20 -5.04 44.80
N ILE G 209 52.57 -4.10 43.93
CA ILE G 209 53.84 -4.18 43.23
C ILE G 209 54.75 -3.03 43.61
N LYS G 210 55.97 -3.36 44.03
CA LYS G 210 56.97 -2.36 44.38
C LYS G 210 58.16 -2.46 43.42
N ARG G 211 58.39 -1.42 42.61
CA ARG G 211 59.46 -1.45 41.60
C ARG G 211 60.52 -0.34 41.78
N THR G 212 61.78 -0.72 41.64
CA THR G 212 62.86 0.27 41.56
C THR G 212 63.58 0.09 40.23
N THR G 213 63.54 1.11 39.39
CA THR G 213 64.06 1.01 38.03
C THR G 213 65.38 1.78 37.82
N TYR G 214 66.29 1.18 37.08
CA TYR G 214 67.66 1.67 36.95
C TYR G 214 68.01 1.95 35.50
N LEU G 215 68.81 2.98 35.28
CA LEU G 215 69.37 3.25 33.97
C LEU G 215 70.58 2.34 33.75
N GLN G 216 71.02 2.24 32.50
CA GLN G 216 72.25 1.52 32.13
C GLN G 216 73.42 2.15 32.88
N ASN G 217 73.20 3.41 33.26
CA ASN G 217 74.04 4.21 34.15
C ASN G 217 74.40 3.50 35.45
N GLY G 218 73.42 2.82 36.04
CA GLY G 218 73.53 2.22 37.36
C GLY G 218 72.68 3.00 38.35
N THR G 219 72.42 4.26 38.00
CA THR G 219 71.57 5.14 38.82
C THR G 219 70.10 4.77 38.69
N ALA G 220 69.40 4.83 39.82
CA ALA G 220 67.97 4.57 39.92
C ALA G 220 67.20 5.84 39.64
N PHE G 221 66.19 5.76 38.77
CA PHE G 221 65.43 6.93 38.36
C PHE G 221 63.97 6.90 38.81
N GLU G 222 63.54 5.77 39.35
CA GLU G 222 62.15 5.63 39.79
C GLU G 222 62.00 4.63 40.92
N HIS G 223 61.20 5.02 41.91
CA HIS G 223 60.66 4.09 42.88
C HIS G 223 59.15 4.15 42.88
N ALA G 224 58.52 3.01 42.57
CA ALA G 224 57.08 2.95 42.35
C ALA G 224 56.41 1.93 43.27
N LYS G 225 55.29 2.34 43.85
CA LYS G 225 54.39 1.47 44.63
C LYS G 225 53.04 1.50 43.94
N SER G 226 52.55 0.32 43.54
CA SER G 226 51.33 0.21 42.75
C SER G 226 50.36 -0.83 43.31
N VAL G 227 49.07 -0.56 43.11
CA VAL G 227 48.01 -1.53 43.39
C VAL G 227 47.32 -1.87 42.07
N TYR G 228 47.42 -3.14 41.66
CA TYR G 228 46.83 -3.63 40.42
C TYR G 228 45.56 -4.42 40.69
N ARG G 229 44.55 -4.31 39.83
CA ARG G 229 43.32 -5.10 39.93
C ARG G 229 43.59 -6.60 39.75
N GLY G 230 43.19 -7.39 40.74
CA GLY G 230 43.35 -8.84 40.69
C GLY G 230 42.49 -9.53 39.65
N ASP G 231 41.32 -8.97 39.37
CA ASP G 231 40.44 -9.53 38.36
C ASP G 231 40.93 -9.27 36.92
N ARG G 232 41.70 -8.21 36.73
CA ARG G 232 42.16 -7.87 35.37
C ARG G 232 43.63 -8.18 35.11
N TYR G 233 44.42 -8.29 36.17
CA TYR G 233 45.87 -8.41 36.01
C TYR G 233 46.50 -9.68 36.60
N THR G 234 47.32 -10.34 35.78
CA THR G 234 48.26 -11.36 36.27
C THR G 234 49.65 -11.02 35.78
N PHE G 235 50.63 -11.17 36.67
CA PHE G 235 52.03 -10.90 36.35
C PHE G 235 52.65 -12.14 35.71
N VAL G 236 53.22 -11.98 34.52
CA VAL G 236 53.82 -13.11 33.79
C VAL G 236 55.27 -12.86 33.40
N HIS G 237 56.17 -13.75 33.83
CA HIS G 237 57.60 -13.62 33.50
C HIS G 237 58.39 -14.93 33.57
N TYR G 238 59.45 -14.98 32.76
CA TYR G 238 60.36 -16.12 32.68
C TYR G 238 61.58 -15.92 33.58
N MET G 239 62.14 -17.04 34.05
CA MET G 239 63.33 -17.05 34.91
C MET G 239 64.31 -18.07 34.36
N ASP G 240 65.59 -17.70 34.31
CA ASP G 240 66.64 -18.62 33.90
C ASP G 240 67.56 -18.94 35.06
N ARG G 241 67.93 -20.21 35.19
CA ARG G 241 68.87 -20.66 36.20
C ARG G 241 70.26 -20.08 35.98
N LEU G 242 70.99 -19.90 37.07
CA LEU G 242 72.41 -19.55 37.00
C LEU G 242 73.24 -20.76 37.40
N MET H 1 -34.65 12.79 -54.54
CA MET H 1 -36.10 12.69 -54.20
C MET H 1 -36.93 13.77 -54.90
N ASN H 2 -38.19 13.45 -55.17
CA ASN H 2 -39.16 14.41 -55.71
C ASN H 2 -40.04 14.98 -54.59
N ILE H 3 -40.68 16.12 -54.85
CA ILE H 3 -41.55 16.77 -53.85
C ILE H 3 -42.77 15.92 -53.52
N ASN H 4 -42.74 15.28 -52.35
CA ASN H 4 -43.82 14.40 -51.90
C ASN H 4 -45.04 15.18 -51.39
N LYS H 5 -46.09 15.21 -52.22
CA LYS H 5 -47.33 15.92 -51.90
C LYS H 5 -48.10 15.29 -50.73
N GLN H 6 -47.98 13.98 -50.58
CA GLN H 6 -48.70 13.25 -49.52
C GLN H 6 -48.13 13.44 -48.10
N SER H 7 -46.89 13.94 -48.02
CA SER H 7 -46.18 14.11 -46.75
C SER H 7 -46.71 15.27 -45.89
N PRO H 8 -46.84 15.06 -44.55
CA PRO H 8 -47.22 16.14 -43.61
C PRO H 8 -46.25 17.33 -43.61
N ILE H 9 -45.03 17.11 -44.09
CA ILE H 9 -44.05 18.18 -44.30
C ILE H 9 -44.43 19.02 -45.52
N PRO H 10 -44.65 20.33 -45.34
CA PRO H 10 -45.16 21.23 -46.39
C PRO H 10 -44.29 21.21 -47.64
N ILE H 11 -44.93 21.41 -48.80
CA ILE H 11 -44.25 21.44 -50.09
C ILE H 11 -43.10 22.44 -50.09
N TYR H 12 -43.40 23.68 -49.70
CA TYR H 12 -42.40 24.75 -49.58
C TYR H 12 -41.20 24.35 -48.73
N TYR H 13 -41.46 23.67 -47.61
CA TYR H 13 -40.41 23.21 -46.71
C TYR H 13 -39.46 22.21 -47.38
N GLN H 14 -40.03 21.28 -48.14
CA GLN H 14 -39.26 20.31 -48.92
C GLN H 14 -38.42 20.97 -50.02
N ILE H 15 -39.00 22.00 -50.67
CA ILE H 15 -38.32 22.79 -51.71
C ILE H 15 -37.01 23.40 -51.18
N MET H 16 -37.10 24.00 -50.00
CA MET H 16 -35.96 24.70 -49.37
C MET H 16 -34.80 23.76 -49.05
N GLU H 17 -35.10 22.66 -48.37
CA GLU H 17 -34.10 21.73 -47.86
C GLU H 17 -33.35 20.99 -48.98
N GLN H 18 -34.09 20.64 -50.04
CA GLN H 18 -33.50 19.94 -51.19
C GLN H 18 -32.54 20.83 -51.99
N LEU H 19 -32.84 22.12 -52.04
CA LEU H 19 -31.97 23.11 -52.70
C LEU H 19 -30.86 23.56 -51.77
N LYS H 20 -31.09 23.45 -50.46
CA LYS H 20 -30.02 23.62 -49.45
C LYS H 20 -29.03 22.46 -49.52
N THR H 21 -29.56 21.27 -49.82
CA THR H 21 -28.73 20.06 -50.00
C THR H 21 -28.01 20.11 -51.35
N GLN H 22 -28.72 20.56 -52.39
CA GLN H 22 -28.17 20.69 -53.74
C GLN H 22 -27.01 21.69 -53.79
N ILE H 23 -27.15 22.79 -53.06
CA ILE H 23 -26.11 23.81 -52.96
C ILE H 23 -24.84 23.30 -52.27
N LYS H 24 -25.02 22.59 -51.16
CA LYS H 24 -23.92 22.07 -50.36
C LYS H 24 -23.15 20.94 -51.06
N ASN H 25 -23.86 20.17 -51.88
CA ASN H 25 -23.28 19.02 -52.59
C ASN H 25 -22.36 19.41 -53.75
N GLY H 26 -22.68 20.54 -54.39
CA GLY H 26 -21.93 20.99 -55.57
C GLY H 26 -22.72 20.84 -56.85
N GLU H 27 -24.00 20.46 -56.73
CA GLU H 27 -24.92 20.44 -57.85
C GLU H 27 -25.18 21.89 -58.28
N LEU H 28 -25.29 22.77 -57.28
CA LEU H 28 -25.45 24.21 -57.50
C LEU H 28 -24.15 24.93 -57.14
N GLN H 29 -23.67 25.77 -58.06
CA GLN H 29 -22.41 26.51 -57.87
C GLN H 29 -22.63 27.95 -57.40
N PRO H 30 -21.62 28.50 -56.74
CA PRO H 30 -21.67 29.85 -56.16
C PRO H 30 -21.75 30.97 -57.21
N ASP H 31 -22.44 32.05 -56.84
CA ASP H 31 -22.60 33.25 -57.68
C ASP H 31 -23.31 33.03 -59.03
N MET H 32 -23.55 31.76 -59.38
CA MET H 32 -24.16 31.40 -60.65
C MET H 32 -25.70 31.40 -60.61
N PRO H 33 -26.31 31.43 -61.79
CA PRO H 33 -27.77 31.51 -61.94
C PRO H 33 -28.50 30.28 -61.40
N LEU H 34 -29.77 30.47 -61.02
CA LEU H 34 -30.65 29.40 -60.57
C LEU H 34 -31.90 29.33 -61.44
N PRO H 35 -32.78 28.37 -61.15
CA PRO H 35 -34.03 28.18 -61.90
C PRO H 35 -35.04 29.30 -61.65
N SER H 36 -35.78 29.65 -62.70
CA SER H 36 -36.81 30.69 -62.64
C SER H 36 -38.00 30.31 -61.74
N GLU H 37 -38.73 31.31 -61.26
CA GLU H 37 -39.92 31.10 -60.43
C GLU H 37 -41.05 30.41 -61.20
N ARG H 38 -41.09 30.63 -62.51
CA ARG H 38 -42.02 29.92 -63.40
C ARG H 38 -41.52 28.51 -63.69
N GLU H 39 -40.21 28.38 -63.91
CA GLU H 39 -39.57 27.11 -64.24
C GLU H 39 -39.65 26.06 -63.12
N TYR H 40 -39.62 26.52 -61.87
CA TYR H 40 -39.71 25.63 -60.71
C TYR H 40 -41.14 25.27 -60.32
N ALA H 41 -42.06 26.23 -60.52
CA ALA H 41 -43.48 26.05 -60.18
C ALA H 41 -44.13 24.91 -60.96
N GLU H 42 -43.69 24.74 -62.22
CA GLU H 42 -44.17 23.67 -63.08
C GLU H 42 -43.28 22.43 -62.95
N GLN H 43 -42.03 22.54 -63.40
CA GLN H 43 -41.11 21.41 -63.40
C GLN H 43 -40.60 21.09 -61.99
N ARG H 52 -41.99 29.01 -54.66
CA ARG H 52 -41.95 30.47 -54.73
C ARG H 52 -41.65 31.10 -53.36
N GLN H 53 -42.44 30.75 -52.35
CA GLN H 53 -42.27 31.25 -50.98
C GLN H 53 -40.97 30.73 -50.37
N ALA H 54 -40.57 29.54 -50.80
CA ALA H 54 -39.30 28.94 -50.43
C ALA H 54 -38.11 29.85 -50.74
N LEU H 55 -38.07 30.37 -51.97
CA LEU H 55 -36.97 31.22 -52.45
C LEU H 55 -36.82 32.52 -51.66
N SER H 56 -37.94 33.11 -51.28
CA SER H 56 -37.95 34.36 -50.51
C SER H 56 -37.61 34.12 -49.03
N ASN H 57 -37.79 32.88 -48.57
CA ASN H 57 -37.36 32.46 -47.24
C ASN H 57 -35.89 32.06 -47.21
N LEU H 58 -35.28 32.00 -48.39
CA LEU H 58 -33.85 31.68 -48.54
C LEU H 58 -33.03 32.95 -48.69
N VAL H 59 -33.60 33.96 -49.35
CA VAL H 59 -33.02 35.29 -49.43
C VAL H 59 -32.93 35.89 -48.02
N ASN H 60 -34.07 35.86 -47.31
CA ASN H 60 -34.18 36.39 -45.95
C ASN H 60 -33.34 35.61 -44.93
N GLU H 61 -33.06 34.35 -45.21
CA GLU H 61 -32.16 33.55 -44.36
C GLU H 61 -30.70 33.95 -44.63
N GLY H 62 -30.42 34.32 -45.88
CA GLY H 62 -29.08 34.73 -46.29
C GLY H 62 -28.48 33.90 -47.43
N LEU H 63 -28.93 32.65 -47.56
CA LEU H 63 -28.38 31.72 -48.55
C LEU H 63 -28.61 32.18 -50.00
N LEU H 64 -29.67 32.95 -50.21
CA LEU H 64 -30.02 33.42 -51.54
C LEU H 64 -29.98 34.95 -51.63
N TYR H 65 -30.04 35.44 -52.87
CA TYR H 65 -30.25 36.85 -53.16
C TYR H 65 -31.08 36.94 -54.43
N ARG H 66 -32.11 37.80 -54.41
CA ARG H 66 -32.97 38.00 -55.58
C ARG H 66 -32.17 38.56 -56.75
N LEU H 67 -32.29 37.93 -57.91
CA LEU H 67 -31.52 38.33 -59.10
C LEU H 67 -32.38 38.31 -60.37
N THR H 72 -32.62 34.46 -59.78
CA THR H 72 -32.02 33.96 -58.55
C THR H 72 -30.56 33.53 -58.75
N PHE H 73 -29.71 33.88 -57.79
CA PHE H 73 -28.30 33.50 -57.80
C PHE H 73 -27.84 32.98 -56.43
N VAL H 74 -27.19 31.82 -56.43
CA VAL H 74 -26.73 31.18 -55.21
C VAL H 74 -25.52 31.89 -54.61
N SER H 75 -25.78 32.71 -53.58
CA SER H 75 -24.76 33.58 -52.98
C SER H 75 -23.63 32.78 -52.32
N LYS H 76 -22.46 33.42 -52.22
CA LYS H 76 -21.28 32.79 -51.63
C LYS H 76 -21.00 33.30 -50.20
N PRO H 77 -21.12 32.42 -49.19
CA PRO H 77 -20.89 32.75 -47.78
C PRO H 77 -19.47 33.28 -47.47
N LYS H 78 -19.37 34.06 -46.39
CA LYS H 78 -18.16 34.80 -46.04
C LYS H 78 -16.87 33.96 -46.02
N MET H 79 -16.89 32.87 -45.26
CA MET H 79 -15.79 31.90 -45.19
C MET H 79 -14.38 32.49 -44.99
N GLU H 80 -14.27 33.44 -44.07
CA GLU H 80 -12.95 33.93 -43.63
C GLU H 80 -12.87 34.14 -42.12
N GLN H 81 -14.01 34.46 -41.50
CA GLN H 81 -14.10 34.52 -40.04
C GLN H 81 -14.24 33.10 -39.46
N ALA H 82 -14.70 32.18 -40.29
CA ALA H 82 -14.82 30.78 -39.89
C ALA H 82 -13.50 30.04 -40.11
N LEU H 83 -12.71 30.52 -41.07
CA LEU H 83 -11.44 29.91 -41.43
C LEU H 83 -10.22 30.47 -40.69
N GLN H 84 -10.24 31.78 -40.42
CA GLN H 84 -9.06 32.45 -39.88
C GLN H 84 -9.25 33.11 -38.51
N GLY H 85 -10.50 33.29 -38.10
CA GLY H 85 -10.81 33.94 -36.84
C GLY H 85 -11.62 33.08 -35.88
N LEU H 86 -12.53 33.71 -35.18
CA LEU H 86 -13.31 32.98 -34.26
C LEU H 86 -14.76 33.23 -34.57
N THR H 87 -15.51 32.16 -34.61
CA THR H 87 -16.96 32.16 -34.78
C THR H 87 -17.67 31.61 -33.50
N SER H 88 -19.02 32.46 -33.34
CA SER H 88 -20.03 31.81 -32.49
C SER H 88 -20.66 30.69 -33.33
N PHE H 89 -21.54 29.89 -32.70
CA PHE H 89 -22.20 28.75 -33.39
C PHE H 89 -23.15 29.21 -34.53
N THR H 90 -23.49 30.49 -34.52
CA THR H 90 -24.38 31.09 -35.53
C THR H 90 -23.66 31.38 -36.85
N GLU H 91 -22.55 32.13 -36.80
CA GLU H 91 -21.76 32.44 -37.99
C GLU H 91 -21.01 31.21 -38.52
N ASP H 92 -20.77 30.24 -37.64
CA ASP H 92 -20.18 28.97 -38.01
C ASP H 92 -21.07 28.25 -39.03
N MET H 93 -22.37 28.19 -38.72
CA MET H 93 -23.34 27.49 -39.56
C MET H 93 -23.64 28.22 -40.86
N LYS H 94 -23.56 29.55 -40.83
CA LYS H 94 -23.76 30.38 -42.03
C LYS H 94 -22.56 30.34 -42.97
N SER H 95 -21.38 30.00 -42.44
CA SER H 95 -20.17 29.90 -43.25
C SER H 95 -20.17 28.62 -44.07
N ARG H 96 -21.11 27.74 -43.75
CA ARG H 96 -21.26 26.43 -44.40
C ARG H 96 -22.61 26.33 -45.13
N GLY H 97 -23.42 27.39 -45.00
CA GLY H 97 -24.73 27.48 -45.67
C GLY H 97 -25.87 26.79 -44.95
N MET H 98 -25.86 26.80 -43.60
CA MET H 98 -26.86 26.10 -42.80
C MET H 98 -27.55 27.03 -41.80
N THR H 99 -28.84 26.74 -41.56
CA THR H 99 -29.66 27.53 -40.64
C THR H 99 -29.49 27.07 -39.17
N PRO H 100 -29.01 28.07 -38.31
CA PRO H 100 -28.66 27.76 -36.92
C PRO H 100 -29.91 27.92 -36.01
N GLY H 101 -30.03 27.05 -35.00
CA GLY H 101 -31.14 27.13 -34.01
C GLY H 101 -30.62 26.54 -32.68
N SER H 102 -31.38 26.79 -31.61
CA SER H 102 -30.97 26.21 -30.30
C SER H 102 -32.23 25.93 -29.47
N ARG H 103 -32.36 24.68 -28.98
CA ARG H 103 -33.56 24.25 -28.19
C ARG H 103 -33.07 23.85 -26.74
N LEU H 104 -33.35 24.77 -25.75
CA LEU H 104 -32.92 24.58 -24.32
C LEU H 104 -33.60 23.37 -23.66
N ILE H 105 -32.71 22.36 -23.34
CA ILE H 105 -33.16 21.17 -22.62
C ILE H 105 -33.18 21.40 -21.10
N ASP H 106 -32.22 22.18 -20.60
CA ASP H 106 -32.07 22.39 -19.15
C ASP H 106 -31.43 23.72 -18.76
N TYR H 107 -32.13 24.45 -17.89
CA TYR H 107 -31.53 25.59 -17.19
C TYR H 107 -31.52 25.33 -15.68
N GLN H 108 -30.40 25.75 -15.05
CA GLN H 108 -30.26 25.63 -13.60
C GLN H 108 -29.34 26.72 -13.04
N LEU H 109 -29.82 27.32 -11.92
CA LEU H 109 -28.94 28.17 -11.11
C LEU H 109 -28.35 27.32 -9.99
N ILE H 110 -27.00 27.28 -9.97
CA ILE H 110 -26.27 26.46 -8.99
C ILE H 110 -25.05 27.22 -8.45
N ASP H 111 -24.55 26.71 -7.30
CA ASP H 111 -23.31 27.22 -6.71
C ASP H 111 -22.09 26.95 -7.62
N SER H 112 -21.09 27.82 -7.49
CA SER H 112 -19.85 27.69 -8.26
C SER H 112 -18.66 27.38 -7.36
N THR H 113 -17.95 26.30 -7.66
CA THR H 113 -16.76 25.89 -6.91
C THR H 113 -15.50 26.58 -7.47
N GLU H 114 -14.40 26.52 -6.72
CA GLU H 114 -13.11 27.09 -7.17
C GLU H 114 -12.53 26.36 -8.38
N GLU H 115 -12.93 25.11 -8.58
CA GLU H 115 -12.54 24.32 -9.74
C GLU H 115 -13.11 24.95 -11.02
N LEU H 116 -14.36 25.41 -10.93
CA LEU H 116 -15.03 26.12 -12.02
C LEU H 116 -14.67 27.61 -12.04
N ALA H 117 -14.31 28.15 -10.87
CA ALA H 117 -13.92 29.55 -10.75
C ALA H 117 -12.50 29.82 -11.26
N ALA H 118 -11.66 28.80 -11.22
CA ALA H 118 -10.27 28.89 -11.66
C ALA H 118 -10.17 29.02 -13.18
N ILE H 119 -11.02 28.28 -13.89
CA ILE H 119 -11.12 28.39 -15.34
C ILE H 119 -11.47 29.83 -15.73
N LEU H 120 -12.51 30.38 -15.12
CA LEU H 120 -12.86 31.79 -15.29
C LEU H 120 -11.91 32.67 -14.49
N SER H 127 -22.68 32.52 -7.89
CA SER H 127 -23.60 31.47 -8.35
C SER H 127 -23.56 31.22 -9.87
N ILE H 128 -22.98 30.10 -10.27
CA ILE H 128 -22.99 29.77 -11.69
C ILE H 128 -24.47 29.69 -12.26
N HIS H 129 -24.31 29.25 -13.79
CA HIS H 129 -25.58 29.00 -14.50
C HIS H 129 -25.29 27.96 -15.60
N LYS H 130 -26.11 26.87 -15.56
CA LYS H 130 -25.89 25.71 -16.43
C LYS H 130 -26.95 25.67 -17.55
N ILE H 131 -26.51 25.91 -18.79
CA ILE H 131 -27.44 25.99 -19.93
C ILE H 131 -27.16 24.93 -20.99
N THR H 132 -27.94 23.86 -20.94
CA THR H 132 -27.89 22.84 -21.97
C THR H 132 -28.73 23.32 -23.14
N ARG H 133 -27.96 23.61 -24.32
CA ARG H 133 -28.67 23.97 -25.54
C ARG H 133 -28.38 22.91 -26.60
N VAL H 134 -29.42 22.21 -27.03
CA VAL H 134 -29.31 21.34 -28.21
C VAL H 134 -29.17 22.26 -29.43
N ARG H 135 -27.98 22.21 -30.03
CA ARG H 135 -27.71 23.00 -31.23
C ARG H 135 -28.42 22.37 -32.41
N LEU H 136 -29.04 23.21 -33.22
CA LEU H 136 -29.74 22.74 -34.41
C LEU H 136 -29.14 23.37 -35.67
N ALA H 137 -29.09 22.57 -36.74
CA ALA H 137 -28.74 23.05 -38.07
C ALA H 137 -29.74 22.47 -39.07
N ASN H 138 -30.56 23.36 -39.64
CA ASN H 138 -31.67 23.00 -40.52
C ASN H 138 -32.67 22.06 -39.84
N ASP H 139 -32.96 22.37 -38.57
CA ASP H 139 -33.92 21.63 -37.73
C ASP H 139 -33.47 20.22 -37.33
N ILE H 140 -32.31 19.80 -37.83
CA ILE H 140 -31.69 18.57 -37.40
C ILE H 140 -30.67 18.92 -36.33
N PRO H 141 -30.71 18.22 -35.17
CA PRO H 141 -29.75 18.44 -34.10
C PRO H 141 -28.32 18.37 -34.63
N MET H 142 -27.44 19.23 -34.13
CA MET H 142 -26.06 19.27 -34.58
C MET H 142 -25.06 19.00 -33.47
N ALA H 143 -25.40 19.43 -32.25
CA ALA H 143 -24.50 19.34 -31.10
C ALA H 143 -25.24 19.62 -29.80
N ILE H 144 -24.72 19.08 -28.70
CA ILE H 144 -25.16 19.46 -27.36
C ILE H 144 -24.07 20.36 -26.81
N GLU H 145 -24.48 21.55 -26.35
CA GLU H 145 -23.56 22.53 -25.78
C GLU H 145 -23.92 22.83 -24.34
N SER H 146 -22.90 22.91 -23.48
CA SER H 146 -23.07 23.35 -22.09
C SER H 146 -22.22 24.61 -21.90
N SER H 147 -22.87 25.75 -21.61
CA SER H 147 -22.17 27.01 -21.28
C SER H 147 -22.38 27.40 -19.81
N HIS H 148 -21.29 27.33 -19.02
CA HIS H 148 -21.29 27.84 -17.67
C HIS H 148 -21.07 29.34 -17.70
N ILE H 149 -22.05 30.08 -17.15
CA ILE H 149 -22.01 31.53 -17.15
C ILE H 149 -22.48 32.07 -15.77
N PRO H 150 -21.45 32.51 -14.93
CA PRO H 150 -21.65 33.10 -13.57
C PRO H 150 -22.62 34.29 -13.58
N PHE H 151 -23.24 34.46 -12.25
CA PHE H 151 -24.42 35.33 -12.04
C PHE H 151 -24.39 36.70 -12.76
N GLU H 152 -23.44 37.58 -12.26
CA GLU H 152 -23.39 38.98 -12.75
C GLU H 152 -22.98 39.10 -14.24
N LEU H 153 -22.43 38.05 -14.80
CA LEU H 153 -22.09 38.05 -16.22
C LEU H 153 -23.34 37.91 -17.09
N ALA H 154 -24.41 37.32 -16.53
CA ALA H 154 -25.66 37.09 -17.25
C ALA H 154 -26.87 37.80 -16.60
N GLY H 155 -27.20 37.40 -15.38
CA GLY H 155 -28.36 37.91 -14.65
C GLY H 155 -29.53 36.94 -14.68
N GLU H 156 -30.74 37.46 -14.85
CA GLU H 156 -31.93 36.63 -15.01
C GLU H 156 -32.00 36.09 -16.44
N LEU H 157 -32.26 34.79 -16.56
CA LEU H 157 -32.30 34.14 -17.88
C LEU H 157 -33.65 33.46 -18.16
N ASN H 158 -34.19 33.73 -19.34
CA ASN H 158 -35.51 33.25 -19.76
C ASN H 158 -35.40 32.26 -20.95
N GLU H 159 -36.50 31.57 -21.23
CA GLU H 159 -36.57 30.64 -22.38
C GLU H 159 -36.41 31.35 -23.73
N SER H 160 -36.72 32.64 -23.76
CA SER H 160 -36.57 33.48 -24.95
C SER H 160 -35.10 33.78 -25.26
N HIS H 161 -34.28 33.83 -24.20
CA HIS H 161 -32.85 34.11 -24.31
C HIS H 161 -32.09 32.95 -24.97
N PHE H 162 -32.48 31.72 -24.62
CA PHE H 162 -31.84 30.52 -25.13
C PHE H 162 -32.17 30.24 -26.60
N GLN H 163 -33.23 30.89 -27.11
CA GLN H 163 -33.70 30.69 -28.48
C GLN H 163 -32.80 31.29 -29.56
N SER H 164 -31.97 32.27 -29.17
CA SER H 164 -31.02 32.89 -30.09
C SER H 164 -29.59 32.79 -29.56
N SER H 165 -28.71 33.69 -30.01
CA SER H 165 -27.30 33.66 -29.63
C SER H 165 -27.05 34.20 -28.22
N ILE H 166 -26.17 33.51 -27.48
CA ILE H 166 -25.74 33.95 -26.15
C ILE H 166 -24.55 34.91 -26.28
N TYR H 167 -23.69 34.64 -27.27
CA TYR H 167 -22.60 35.54 -27.66
C TYR H 167 -23.16 36.95 -27.88
N ASP H 168 -24.17 37.04 -28.73
CA ASP H 168 -24.87 38.29 -29.00
C ASP H 168 -25.42 38.95 -27.74
N HIS H 169 -26.01 38.14 -26.85
CA HIS H 169 -26.67 38.65 -25.63
C HIS H 169 -25.69 39.10 -24.54
N ILE H 170 -24.60 38.35 -24.37
CA ILE H 170 -23.51 38.71 -23.43
C ILE H 170 -22.88 40.04 -23.86
N GLU H 171 -22.63 40.16 -25.20
CA GLU H 171 -22.27 41.44 -25.83
C GLU H 171 -23.32 42.53 -25.56
N ARG H 172 -24.60 42.13 -25.54
CA ARG H 172 -25.70 43.09 -25.35
C ARG H 172 -25.87 43.52 -23.90
N TYR H 173 -25.56 42.61 -22.97
CA TYR H 173 -25.78 42.84 -21.53
C TYR H 173 -24.47 43.31 -20.84
N ASN H 174 -23.44 42.36 -20.81
CA ASN H 174 -22.13 42.79 -20.32
C ASN H 174 -21.57 44.01 -21.10
N SER H 175 -22.07 44.13 -22.29
CA SER H 175 -21.86 45.39 -23.10
C SER H 175 -20.44 45.49 -23.75
N ILE H 176 -19.78 44.35 -23.91
CA ILE H 176 -18.41 44.38 -24.41
C ILE H 176 -18.16 43.55 -25.66
N PRO H 177 -17.01 43.76 -26.30
CA PRO H 177 -16.61 42.95 -27.46
C PRO H 177 -15.97 41.61 -27.07
N ILE H 178 -15.75 40.73 -28.07
CA ILE H 178 -15.13 39.42 -27.90
C ILE H 178 -13.89 39.29 -28.81
N SER H 179 -12.85 38.64 -28.30
CA SER H 179 -11.48 38.73 -28.85
C SER H 179 -10.60 37.45 -28.98
N ARG H 180 -10.42 36.68 -27.90
CA ARG H 180 -9.77 35.33 -28.02
C ARG H 180 -10.60 34.17 -27.44
N ALA H 181 -10.20 32.95 -27.84
CA ALA H 181 -10.80 31.73 -27.28
C ALA H 181 -9.79 30.61 -27.24
N LYS H 182 -9.65 29.96 -26.09
CA LYS H 182 -8.93 28.69 -26.00
C LYS H 182 -9.92 27.57 -26.28
N GLN H 183 -9.50 26.63 -27.12
CA GLN H 183 -10.36 25.54 -27.54
C GLN H 183 -9.61 24.20 -27.59
N GLU H 184 -10.26 23.17 -27.09
CA GLU H 184 -9.67 21.85 -27.05
C GLU H 184 -10.62 20.84 -27.67
N LEU H 185 -10.09 20.14 -28.67
CA LEU H 185 -10.85 19.16 -29.42
C LEU H 185 -10.36 17.74 -29.08
N GLU H 186 -11.31 16.85 -28.86
CA GLU H 186 -11.04 15.47 -28.50
C GLU H 186 -12.10 14.57 -29.12
N PRO H 187 -11.72 13.38 -29.61
CA PRO H 187 -12.76 12.50 -30.14
C PRO H 187 -13.41 11.65 -29.05
N SER H 188 -14.63 11.20 -29.29
CA SER H 188 -15.30 10.29 -28.38
C SER H 188 -16.38 9.42 -29.02
N ALA H 189 -16.98 8.57 -28.18
CA ALA H 189 -18.15 7.81 -28.56
C ALA H 189 -19.34 8.31 -27.74
N ALA H 190 -20.41 8.67 -28.42
CA ALA H 190 -21.64 9.13 -27.80
C ALA H 190 -22.22 8.10 -26.84
N THR H 191 -22.72 8.59 -25.70
CA THR H 191 -23.49 7.74 -24.78
C THR H 191 -24.93 7.54 -25.25
N THR H 192 -25.68 6.73 -24.51
CA THR H 192 -27.08 6.44 -24.81
C THR H 192 -27.89 7.74 -25.00
N GLU H 193 -27.97 8.54 -23.95
CA GLU H 193 -28.80 9.75 -23.95
C GLU H 193 -28.25 10.88 -24.84
N GLU H 194 -26.94 10.87 -25.09
CA GLU H 194 -26.32 11.79 -26.03
C GLU H 194 -26.73 11.46 -27.47
N ALA H 195 -26.56 10.19 -27.86
CA ALA H 195 -26.95 9.74 -29.19
C ALA H 195 -28.45 9.85 -29.44
N ASN H 196 -29.26 9.64 -28.39
CA ASN H 196 -30.71 9.63 -28.49
C ASN H 196 -31.32 10.97 -28.89
N ILE H 197 -30.84 12.07 -28.32
CA ILE H 197 -31.28 13.39 -28.77
C ILE H 197 -30.60 13.84 -30.08
N LEU H 198 -29.32 13.52 -30.24
CA LEU H 198 -28.56 13.91 -31.43
C LEU H 198 -29.02 13.24 -32.73
N GLY H 199 -29.79 12.16 -32.60
CA GLY H 199 -30.34 11.44 -33.75
C GLY H 199 -29.38 10.44 -34.37
N ILE H 200 -28.42 9.99 -33.57
CA ILE H 200 -27.40 9.04 -34.03
C ILE H 200 -27.42 7.77 -33.17
N GLN H 201 -26.70 6.74 -33.61
CA GLN H 201 -26.66 5.47 -32.87
C GLN H 201 -25.75 5.60 -31.64
N LYS H 202 -26.06 4.86 -30.58
CA LYS H 202 -25.20 4.82 -29.40
C LYS H 202 -23.79 4.39 -29.80
N GLY H 203 -22.80 5.13 -29.33
CA GLY H 203 -21.38 4.82 -29.58
C GLY H 203 -20.81 5.41 -30.85
N ALA H 204 -21.62 6.20 -31.57
CA ALA H 204 -21.20 6.87 -32.80
C ALA H 204 -20.09 7.89 -32.53
N PRO H 205 -19.27 8.21 -33.54
CA PRO H 205 -18.19 9.18 -33.31
C PRO H 205 -18.71 10.59 -33.05
N VAL H 206 -18.21 11.21 -31.96
CA VAL H 206 -18.49 12.60 -31.66
C VAL H 206 -17.21 13.38 -31.37
N LEU H 207 -17.30 14.70 -31.51
CA LEU H 207 -16.17 15.57 -31.23
C LEU H 207 -16.45 16.39 -29.98
N LEU H 208 -15.68 16.11 -28.93
CA LEU H 208 -15.76 16.89 -27.70
C LEU H 208 -15.05 18.21 -27.90
N ILE H 209 -15.82 19.30 -27.80
CA ILE H 209 -15.26 20.63 -27.95
C ILE H 209 -15.37 21.38 -26.63
N LYS H 210 -14.22 21.73 -26.08
CA LYS H 210 -14.15 22.47 -24.84
C LYS H 210 -13.62 23.87 -25.15
N ARG H 211 -14.41 24.86 -24.75
CA ARG H 211 -14.16 26.25 -25.13
C ARG H 211 -14.24 27.21 -23.94
N THR H 212 -13.17 27.96 -23.70
CA THR H 212 -13.19 29.06 -22.75
C THR H 212 -13.11 30.38 -23.54
N THR H 213 -14.13 31.25 -23.33
CA THR H 213 -14.29 32.43 -24.20
C THR H 213 -14.08 33.76 -23.41
N TYR H 214 -13.37 34.70 -24.08
CA TYR H 214 -12.90 35.92 -23.41
C TYR H 214 -13.41 37.22 -24.05
N LEU H 215 -13.27 38.34 -23.29
CA LEU H 215 -13.56 39.67 -23.85
C LEU H 215 -12.26 40.44 -24.18
N GLN H 216 -12.53 41.81 -24.85
CA GLN H 216 -11.34 42.62 -25.15
C GLN H 216 -10.57 42.95 -23.86
N ASN H 217 -11.45 42.83 -22.62
CA ASN H 217 -10.88 43.06 -21.20
C ASN H 217 -10.02 41.96 -20.60
N GLY H 218 -9.96 40.76 -21.32
CA GLY H 218 -9.11 39.58 -20.85
C GLY H 218 -9.92 38.71 -19.84
N THR H 219 -11.10 39.22 -19.46
CA THR H 219 -12.05 38.47 -18.61
C THR H 219 -12.68 37.32 -19.40
N ALA H 220 -13.02 36.23 -18.71
CA ALA H 220 -13.70 35.08 -19.33
C ALA H 220 -15.19 35.10 -18.98
N PHE H 221 -16.04 34.95 -20.04
CA PHE H 221 -17.49 35.03 -19.84
C PHE H 221 -18.27 33.71 -19.99
N GLU H 222 -17.56 32.64 -20.40
CA GLU H 222 -18.20 31.33 -20.63
C GLU H 222 -17.21 30.17 -20.78
N HIS H 223 -17.56 29.05 -20.17
CA HIS H 223 -16.83 27.80 -20.34
C HIS H 223 -17.75 26.77 -20.96
N ALA H 224 -17.54 26.51 -22.28
CA ALA H 224 -18.43 25.61 -22.99
C ALA H 224 -17.82 24.22 -23.20
N LYS H 225 -18.58 23.20 -22.78
CA LYS H 225 -18.31 21.83 -23.17
C LYS H 225 -19.37 21.49 -24.22
N SER H 226 -18.87 21.06 -25.38
CA SER H 226 -19.72 20.79 -26.55
C SER H 226 -19.48 19.38 -27.09
N VAL H 227 -20.54 18.75 -27.58
CA VAL H 227 -20.43 17.42 -28.19
C VAL H 227 -21.03 17.47 -29.61
N TYR H 228 -20.14 17.42 -30.61
CA TYR H 228 -20.54 17.57 -32.01
C TYR H 228 -20.58 16.24 -32.71
N ARG H 229 -21.69 15.95 -33.38
CA ARG H 229 -21.84 14.69 -34.11
C ARG H 229 -20.84 14.59 -35.28
N GLY H 230 -20.21 13.43 -35.39
CA GLY H 230 -19.12 13.21 -36.34
C GLY H 230 -19.50 13.24 -37.81
N ASP H 231 -20.66 12.65 -38.13
CA ASP H 231 -21.16 12.60 -39.52
C ASP H 231 -21.48 13.96 -40.16
N ARG H 232 -21.79 14.95 -39.35
CA ARG H 232 -22.21 16.25 -39.88
C ARG H 232 -21.14 17.35 -39.71
N TYR H 233 -20.17 17.13 -38.81
CA TYR H 233 -19.27 18.20 -38.42
C TYR H 233 -17.78 17.84 -38.47
N THR H 234 -17.05 18.54 -39.33
CA THR H 234 -15.59 18.51 -39.29
C THR H 234 -15.12 19.93 -38.95
N PHE H 235 -14.21 20.03 -37.99
CA PHE H 235 -13.67 21.33 -37.60
C PHE H 235 -12.56 21.74 -38.56
N VAL H 236 -12.63 22.96 -39.07
CA VAL H 236 -11.67 23.50 -40.04
C VAL H 236 -11.11 24.83 -39.55
N HIS H 237 -9.79 24.99 -39.61
CA HIS H 237 -9.14 26.26 -39.30
C HIS H 237 -7.71 26.38 -39.83
N TYR H 238 -7.26 27.62 -39.97
CA TYR H 238 -5.89 27.93 -40.38
C TYR H 238 -4.97 28.18 -39.20
N MET H 239 -3.67 27.99 -39.45
CA MET H 239 -2.63 28.17 -38.44
C MET H 239 -1.41 28.76 -39.13
N ASP H 240 -0.96 29.92 -38.63
CA ASP H 240 0.21 30.61 -39.16
C ASP H 240 1.42 30.36 -38.28
N ARG H 241 2.57 30.11 -38.91
CA ARG H 241 3.84 29.96 -38.21
C ARG H 241 4.32 31.30 -37.62
N LEU H 242 4.98 31.21 -36.47
CA LEU H 242 5.50 32.39 -35.76
C LEU H 242 7.01 32.55 -35.95
N MET I 1 6.82 5.94 -6.89
CA MET I 1 7.60 5.67 -8.12
C MET I 1 8.11 4.23 -8.11
N ASN I 2 7.59 3.41 -9.02
CA ASN I 2 7.81 1.96 -8.99
C ASN I 2 8.81 1.44 -10.03
N ILE I 3 10.02 1.13 -9.58
CA ILE I 3 11.05 0.53 -10.42
C ILE I 3 11.04 -1.01 -10.34
N ASN I 4 11.13 -1.64 -11.52
CA ASN I 4 11.12 -3.10 -11.66
C ASN I 4 12.46 -3.57 -12.22
N LYS I 5 13.30 -4.10 -11.34
CA LYS I 5 14.68 -4.44 -11.69
C LYS I 5 14.81 -5.66 -12.61
N GLN I 6 13.82 -6.55 -12.59
CA GLN I 6 13.83 -7.76 -13.41
C GLN I 6 13.28 -7.55 -14.83
N SER I 7 12.84 -6.33 -15.13
CA SER I 7 12.29 -5.98 -16.43
C SER I 7 13.41 -5.84 -17.48
N PRO I 8 13.18 -6.33 -18.72
CA PRO I 8 14.12 -6.04 -19.80
C PRO I 8 14.38 -4.56 -20.05
N ILE I 9 13.45 -3.69 -19.64
CA ILE I 9 13.65 -2.23 -19.78
C ILE I 9 14.69 -1.70 -18.78
N PRO I 10 15.75 -1.04 -19.27
CA PRO I 10 16.81 -0.53 -18.39
C PRO I 10 16.27 0.35 -17.26
N ILE I 11 16.80 0.19 -16.06
CA ILE I 11 16.40 1.03 -14.92
C ILE I 11 16.35 2.52 -15.28
N TYR I 12 17.36 3.06 -15.96
CA TYR I 12 17.42 4.51 -16.20
C TYR I 12 16.20 4.96 -17.04
N TYR I 13 15.80 4.11 -17.97
CA TYR I 13 14.73 4.41 -18.89
C TYR I 13 13.43 4.41 -18.11
N GLN I 14 13.27 3.43 -17.22
CA GLN I 14 12.15 3.39 -16.30
C GLN I 14 12.03 4.67 -15.47
N ILE I 15 13.16 5.15 -14.92
CA ILE I 15 13.19 6.38 -14.12
C ILE I 15 12.77 7.59 -14.97
N MET I 16 13.33 7.71 -16.17
CA MET I 16 13.02 8.79 -17.08
C MET I 16 11.51 8.86 -17.33
N GLU I 17 10.89 7.73 -17.62
CA GLU I 17 9.47 7.69 -18.00
C GLU I 17 8.52 7.95 -16.83
N GLN I 18 8.88 7.49 -15.63
CA GLN I 18 8.07 7.77 -14.44
C GLN I 18 8.15 9.23 -14.01
N LEU I 19 9.35 9.80 -14.15
CA LEU I 19 9.56 11.22 -13.94
C LEU I 19 8.74 12.09 -14.90
N LYS I 20 8.75 11.73 -16.18
CA LYS I 20 7.94 12.41 -17.20
C LYS I 20 6.45 12.36 -16.85
N THR I 21 6.01 11.23 -16.30
CA THR I 21 4.64 11.05 -15.88
C THR I 21 4.32 11.98 -14.70
N GLN I 22 5.26 12.11 -13.78
CA GLN I 22 5.11 12.96 -12.60
C GLN I 22 5.03 14.43 -12.98
N ILE I 23 5.83 14.82 -13.96
CA ILE I 23 5.75 16.15 -14.54
C ILE I 23 4.38 16.34 -15.20
N LYS I 24 3.97 15.39 -16.02
CA LYS I 24 2.66 15.46 -16.71
C LYS I 24 1.50 15.67 -15.71
N ASN I 25 1.52 14.91 -14.61
CA ASN I 25 0.48 14.94 -13.59
C ASN I 25 0.55 16.11 -12.61
N GLY I 26 1.68 16.81 -12.59
CA GLY I 26 1.91 17.91 -11.65
C GLY I 26 2.39 17.44 -10.29
N GLU I 27 2.84 16.19 -10.22
CA GLU I 27 3.43 15.64 -8.99
C GLU I 27 4.84 16.21 -8.79
N LEU I 28 5.37 16.77 -9.87
CA LEU I 28 6.61 17.52 -9.90
C LEU I 28 6.29 18.88 -10.50
N GLN I 29 6.17 19.88 -9.64
CA GLN I 29 5.75 21.23 -10.03
C GLN I 29 6.87 21.93 -10.81
N PRO I 30 6.50 22.74 -11.84
CA PRO I 30 7.45 23.42 -12.72
C PRO I 30 8.33 24.43 -12.01
N ASP I 31 9.59 24.53 -12.43
CA ASP I 31 10.61 25.40 -11.83
C ASP I 31 10.82 25.13 -10.34
N MET I 32 10.57 23.88 -9.93
CA MET I 32 10.76 23.44 -8.54
C MET I 32 11.79 22.30 -8.50
N PRO I 33 12.66 22.29 -7.45
CA PRO I 33 13.83 21.39 -7.37
C PRO I 33 13.49 19.92 -7.16
N LEU I 34 14.26 19.05 -7.82
CA LEU I 34 14.10 17.60 -7.69
C LEU I 34 14.94 17.07 -6.53
N PRO I 35 14.59 15.87 -6.02
CA PRO I 35 15.45 15.17 -5.06
C PRO I 35 16.86 14.95 -5.62
N SER I 36 17.84 14.86 -4.73
CA SER I 36 19.22 14.65 -5.15
C SER I 36 19.42 13.27 -5.80
N GLU I 37 20.49 13.17 -6.57
CA GLU I 37 21.02 11.94 -7.11
C GLU I 37 21.11 10.85 -6.02
N ARG I 38 21.75 11.17 -4.89
CA ARG I 38 21.86 10.24 -3.75
C ARG I 38 20.51 9.84 -3.16
N GLU I 39 19.56 10.77 -3.16
CA GLU I 39 18.24 10.53 -2.58
C GLU I 39 17.49 9.47 -3.37
N TYR I 40 17.38 9.68 -4.69
CA TYR I 40 16.79 8.70 -5.61
C TYR I 40 17.48 7.34 -5.54
N ALA I 41 18.81 7.36 -5.49
CA ALA I 41 19.61 6.14 -5.44
C ALA I 41 19.20 5.26 -4.27
N GLU I 42 19.16 5.86 -3.07
CA GLU I 42 18.84 5.16 -1.83
C GLU I 42 17.38 4.72 -1.76
N GLN I 43 16.48 5.55 -2.29
CA GLN I 43 15.04 5.26 -2.28
C GLN I 43 14.78 4.00 -3.11
N PHE I 44 15.26 4.00 -4.35
CA PHE I 44 15.13 2.86 -5.25
C PHE I 44 16.09 1.70 -4.96
N GLY I 45 17.18 1.99 -4.26
CA GLY I 45 18.22 1.00 -3.99
C GLY I 45 19.01 0.65 -5.24
N ILE I 46 19.52 1.68 -5.91
CA ILE I 46 20.27 1.50 -7.16
C ILE I 46 21.52 2.38 -7.19
N SER I 47 22.33 2.20 -8.22
CA SER I 47 23.52 3.04 -8.38
C SER I 47 23.13 4.49 -8.65
N ARG I 48 23.87 5.41 -8.03
CA ARG I 48 23.71 6.84 -8.29
C ARG I 48 24.02 7.18 -9.75
N MET I 49 24.84 6.35 -10.39
CA MET I 49 25.23 6.53 -11.79
C MET I 49 24.09 6.25 -12.74
N THR I 50 23.18 5.36 -12.31
CA THR I 50 21.96 5.02 -13.05
C THR I 50 20.95 6.15 -12.97
N VAL I 51 20.80 6.72 -11.78
CA VAL I 51 19.98 7.92 -11.58
C VAL I 51 20.53 9.10 -12.38
N ARG I 52 21.85 9.25 -12.37
CA ARG I 52 22.53 10.34 -13.07
C ARG I 52 22.27 10.26 -14.58
N GLN I 53 22.56 9.11 -15.18
CA GLN I 53 22.23 8.82 -16.57
C GLN I 53 20.82 9.36 -16.89
N ALA I 54 19.83 8.99 -16.07
CA ALA I 54 18.44 9.42 -16.27
C ALA I 54 18.22 10.94 -16.19
N LEU I 55 18.68 11.54 -15.09
CA LEU I 55 18.51 12.98 -14.90
C LEU I 55 19.24 13.78 -15.99
N SER I 56 20.46 13.36 -16.28
CA SER I 56 21.28 13.98 -17.30
C SER I 56 20.69 13.87 -18.71
N ASN I 57 20.07 12.72 -19.03
CA ASN I 57 19.31 12.58 -20.30
C ASN I 57 18.11 13.53 -20.37
N LEU I 58 17.36 13.63 -19.27
CA LEU I 58 16.19 14.49 -19.20
C LEU I 58 16.53 15.99 -19.35
N VAL I 59 17.67 16.43 -18.81
CA VAL I 59 18.09 17.82 -19.03
C VAL I 59 18.49 18.03 -20.49
N ASN I 60 19.13 17.03 -21.10
CA ASN I 60 19.56 17.14 -22.49
C ASN I 60 18.39 17.05 -23.48
N GLU I 61 17.33 16.34 -23.07
CA GLU I 61 16.04 16.38 -23.75
C GLU I 61 15.40 17.77 -23.62
N GLY I 62 15.82 18.52 -22.60
CA GLY I 62 15.23 19.83 -22.32
C GLY I 62 14.08 19.78 -21.33
N LEU I 63 13.83 18.61 -20.74
CA LEU I 63 12.72 18.44 -19.78
C LEU I 63 13.12 18.84 -18.35
N LEU I 64 14.42 18.83 -18.09
CA LEU I 64 14.95 19.35 -16.83
C LEU I 64 16.01 20.40 -17.13
N TYR I 65 16.36 21.20 -16.14
CA TYR I 65 17.49 22.12 -16.25
C TYR I 65 18.26 22.21 -14.93
N ARG I 66 19.50 22.70 -15.00
CA ARG I 66 20.35 22.83 -13.81
C ARG I 66 20.61 24.29 -13.45
N LEU I 67 20.78 24.54 -12.15
CA LEU I 67 21.22 25.85 -11.63
C LEU I 67 22.33 25.63 -10.61
N LYS I 68 23.27 26.57 -10.55
CA LYS I 68 24.44 26.45 -9.68
C LYS I 68 24.11 26.24 -8.21
N GLY I 69 24.68 25.19 -7.63
CA GLY I 69 24.58 24.89 -6.19
C GLY I 69 23.18 24.77 -5.63
N ARG I 70 22.27 24.14 -6.37
CA ARG I 70 20.87 24.03 -5.97
C ARG I 70 20.22 22.73 -6.41
N GLY I 71 20.61 22.23 -7.59
CA GLY I 71 20.07 20.97 -8.11
C GLY I 71 19.33 21.10 -9.43
N THR I 72 18.58 20.06 -9.76
CA THR I 72 17.83 19.97 -11.02
C THR I 72 16.37 20.40 -10.84
N PHE I 73 15.83 21.09 -11.85
CA PHE I 73 14.50 21.69 -11.80
C PHE I 73 13.73 21.31 -13.07
N VAL I 74 12.40 21.33 -12.98
CA VAL I 74 11.55 21.00 -14.13
C VAL I 74 11.19 22.20 -15.03
N SER I 75 11.47 22.04 -16.33
CA SER I 75 11.27 23.08 -17.32
C SER I 75 9.79 23.36 -17.57
N LYS I 76 9.47 24.63 -17.79
CA LYS I 76 8.18 25.04 -18.33
C LYS I 76 8.39 25.25 -19.84
N PRO I 77 7.80 24.37 -20.68
CA PRO I 77 8.05 24.43 -22.13
C PRO I 77 7.48 25.68 -22.77
N LYS I 78 8.13 26.13 -23.83
CA LYS I 78 7.64 27.24 -24.64
C LYS I 78 6.36 26.82 -25.37
N MET I 79 5.27 27.55 -25.14
CA MET I 79 3.94 27.09 -25.57
C MET I 79 3.33 27.93 -26.70
N GLU I 80 3.89 29.11 -26.94
CA GLU I 80 3.33 30.09 -27.88
C GLU I 80 3.07 29.51 -29.29
N GLN I 81 4.10 28.97 -29.92
CA GLN I 81 3.97 28.33 -31.21
C GLN I 81 2.90 27.23 -31.21
N ALA I 82 2.92 26.37 -30.19
CA ALA I 82 1.98 25.25 -30.10
C ALA I 82 0.52 25.65 -29.99
N LEU I 83 0.23 26.69 -29.22
CA LEU I 83 -1.14 27.12 -28.93
C LEU I 83 -1.62 28.24 -29.85
N GLN I 84 -0.70 29.07 -30.32
CA GLN I 84 -1.05 30.26 -31.10
C GLN I 84 -0.45 30.27 -32.51
N GLY I 85 0.43 29.32 -32.81
CA GLY I 85 1.09 29.27 -34.10
C GLY I 85 0.90 27.94 -34.82
N LEU I 86 1.96 27.50 -35.52
CA LEU I 86 1.94 26.26 -36.27
C LEU I 86 3.19 25.43 -36.01
N THR I 87 3.00 24.19 -35.58
CA THR I 87 4.11 23.30 -35.27
C THR I 87 4.11 22.03 -36.12
N SER I 88 5.31 21.50 -36.38
CA SER I 88 5.43 20.11 -36.82
C SER I 88 5.07 19.17 -35.66
N PHE I 89 4.91 17.89 -35.97
CA PHE I 89 4.71 16.86 -34.95
C PHE I 89 5.86 16.82 -33.93
N THR I 90 7.08 16.90 -34.43
CA THR I 90 8.30 16.94 -33.62
C THR I 90 8.22 18.07 -32.56
N GLU I 91 7.93 19.28 -33.01
CA GLU I 91 7.79 20.44 -32.13
C GLU I 91 6.60 20.31 -31.20
N ASP I 92 5.54 19.70 -31.69
CA ASP I 92 4.30 19.52 -30.96
C ASP I 92 4.50 18.56 -29.78
N MET I 93 5.23 17.46 -30.00
CA MET I 93 5.50 16.52 -28.92
C MET I 93 6.45 17.13 -27.88
N LYS I 94 7.55 17.71 -28.37
CA LYS I 94 8.52 18.39 -27.51
C LYS I 94 7.87 19.44 -26.60
N SER I 95 6.87 20.15 -27.13
CA SER I 95 6.13 21.17 -26.35
C SER I 95 5.29 20.55 -25.22
N ARG I 96 4.87 19.31 -25.43
CA ARG I 96 4.08 18.55 -24.44
C ARG I 96 4.99 17.80 -23.45
N GLY I 97 6.30 17.95 -23.62
CA GLY I 97 7.29 17.24 -22.82
C GLY I 97 7.48 15.79 -23.23
N MET I 98 7.10 15.47 -24.47
CA MET I 98 7.18 14.11 -24.98
C MET I 98 8.33 14.01 -25.98
N THR I 99 8.89 12.81 -26.12
CA THR I 99 10.02 12.60 -27.03
C THR I 99 9.50 11.98 -28.33
N PRO I 100 9.55 12.73 -29.43
CA PRO I 100 9.03 12.27 -30.72
C PRO I 100 9.97 11.31 -31.45
N GLY I 101 9.39 10.49 -32.32
CA GLY I 101 10.14 9.58 -33.17
C GLY I 101 9.20 9.07 -34.24
N SER I 102 9.74 8.37 -35.22
CA SER I 102 8.94 7.84 -36.30
C SER I 102 9.38 6.41 -36.63
N ARG I 103 8.47 5.67 -37.24
CA ARG I 103 8.78 4.36 -37.75
C ARG I 103 8.15 4.28 -39.13
N LEU I 104 8.97 4.04 -40.15
CA LEU I 104 8.46 3.96 -41.50
C LEU I 104 7.65 2.69 -41.71
N ILE I 105 6.43 2.89 -42.20
CA ILE I 105 5.52 1.80 -42.56
C ILE I 105 5.61 1.54 -44.06
N ASP I 106 5.67 2.61 -44.85
CA ASP I 106 5.67 2.51 -46.31
C ASP I 106 6.21 3.79 -46.95
N TYR I 107 7.03 3.62 -47.99
CA TYR I 107 7.37 4.72 -48.86
C TYR I 107 7.08 4.36 -50.34
N GLN I 108 6.40 5.26 -51.04
CA GLN I 108 6.17 5.13 -52.47
C GLN I 108 6.41 6.47 -53.18
N LEU I 109 7.24 6.45 -54.22
CA LEU I 109 7.33 7.57 -55.13
C LEU I 109 6.29 7.36 -56.22
N ILE I 110 5.19 8.11 -56.13
CA ILE I 110 4.02 7.90 -57.00
C ILE I 110 3.95 8.93 -58.13
N ASP I 111 3.23 8.58 -59.20
CA ASP I 111 2.87 9.54 -60.25
C ASP I 111 1.69 10.38 -59.78
N SER I 112 1.61 11.60 -60.28
CA SER I 112 0.57 12.56 -59.89
C SER I 112 -0.80 12.26 -60.49
N THR I 113 -1.84 12.49 -59.69
CA THR I 113 -3.24 12.35 -60.13
C THR I 113 -3.88 13.73 -60.30
N GLU I 114 -5.08 13.79 -60.88
CA GLU I 114 -5.87 15.03 -61.02
C GLU I 114 -6.20 15.65 -59.65
N GLU I 115 -6.52 14.80 -58.68
CA GLU I 115 -6.96 15.25 -57.36
C GLU I 115 -5.82 15.84 -56.52
N LEU I 116 -4.71 15.09 -56.44
CA LEU I 116 -3.51 15.52 -55.72
C LEU I 116 -2.90 16.80 -56.27
N ALA I 117 -2.82 16.86 -57.61
CA ALA I 117 -2.25 18.02 -58.30
C ALA I 117 -3.03 19.30 -58.01
N ALA I 118 -4.35 19.16 -57.87
CA ALA I 118 -5.21 20.28 -57.49
C ALA I 118 -4.99 20.68 -56.02
N ILE I 119 -4.80 19.69 -55.15
CA ILE I 119 -4.52 19.94 -53.73
C ILE I 119 -3.13 20.59 -53.56
N LEU I 120 -2.10 19.94 -54.12
CA LEU I 120 -0.72 20.37 -53.93
C LEU I 120 -0.36 21.61 -54.76
N GLY I 121 -1.14 21.86 -55.81
CA GLY I 121 -0.88 22.96 -56.73
C GLY I 121 0.39 22.71 -57.52
N CYS I 122 0.79 21.45 -57.61
CA CYS I 122 2.01 21.07 -58.32
C CYS I 122 1.72 20.61 -59.75
N GLY I 123 2.77 20.18 -60.45
CA GLY I 123 2.66 19.80 -61.85
C GLY I 123 1.95 18.47 -62.11
N HIS I 124 1.45 18.31 -63.34
CA HIS I 124 0.90 17.04 -63.79
C HIS I 124 1.28 16.83 -65.26
N PRO I 125 2.03 15.76 -65.58
CA PRO I 125 2.54 14.71 -64.69
C PRO I 125 3.78 15.13 -63.88
N SER I 126 4.03 14.42 -62.79
CA SER I 126 5.19 14.63 -61.91
C SER I 126 5.30 13.49 -60.90
N SER I 127 6.34 13.53 -60.06
CA SER I 127 6.54 12.49 -59.05
C SER I 127 6.31 13.05 -57.64
N ILE I 128 5.47 12.35 -56.88
CA ILE I 128 5.15 12.75 -55.50
C ILE I 128 5.57 11.68 -54.53
N HIS I 129 6.29 12.08 -53.47
CA HIS I 129 6.59 11.21 -52.32
C HIS I 129 5.31 10.87 -51.57
N LYS I 130 5.09 9.57 -51.34
CA LYS I 130 4.04 9.14 -50.43
C LYS I 130 4.73 8.45 -49.28
N ILE I 131 4.76 9.14 -48.14
CA ILE I 131 5.46 8.68 -46.95
C ILE I 131 4.43 8.29 -45.88
N THR I 132 4.45 7.04 -45.44
CA THR I 132 3.55 6.59 -44.38
C THR I 132 4.36 6.14 -43.17
N ARG I 133 4.22 6.89 -42.07
CA ARG I 133 4.94 6.62 -40.84
C ARG I 133 4.00 6.49 -39.63
N VAL I 134 4.40 5.64 -38.68
CA VAL I 134 3.87 5.70 -37.34
C VAL I 134 4.67 6.78 -36.61
N ARG I 135 3.99 7.82 -36.13
CA ARG I 135 4.64 8.84 -35.33
C ARG I 135 4.56 8.39 -33.88
N LEU I 136 5.70 8.42 -33.20
CA LEU I 136 5.86 7.89 -31.86
C LEU I 136 6.09 9.04 -30.89
N ALA I 137 5.57 8.90 -29.67
CA ALA I 137 5.89 9.81 -28.57
C ALA I 137 6.27 8.96 -27.38
N ASN I 138 7.46 9.21 -26.84
CA ASN I 138 8.08 8.36 -25.84
C ASN I 138 8.10 6.87 -26.22
N ASP I 139 8.43 6.56 -27.48
CA ASP I 139 8.59 5.17 -27.95
C ASP I 139 7.27 4.42 -28.08
N ILE I 140 6.16 5.14 -27.98
CA ILE I 140 4.83 4.55 -28.02
C ILE I 140 4.04 5.20 -29.17
N PRO I 141 3.42 4.37 -30.02
CA PRO I 141 2.65 4.93 -31.15
C PRO I 141 1.64 6.00 -30.71
N MET I 142 1.62 7.10 -31.45
CA MET I 142 0.69 8.21 -31.21
C MET I 142 -0.24 8.46 -32.43
N ALA I 143 0.31 8.34 -33.64
CA ALA I 143 -0.43 8.63 -34.88
C ALA I 143 0.07 7.76 -36.03
N ILE I 144 -0.77 7.60 -37.04
CA ILE I 144 -0.36 7.10 -38.36
C ILE I 144 -0.54 8.28 -39.28
N GLU I 145 0.49 8.54 -40.08
CA GLU I 145 0.53 9.75 -40.87
C GLU I 145 0.86 9.32 -42.28
N SER I 146 0.13 9.90 -43.23
CA SER I 146 0.39 9.66 -44.63
C SER I 146 0.62 10.98 -45.30
N SER I 147 1.79 11.13 -45.89
CA SER I 147 2.20 12.41 -46.42
C SER I 147 2.54 12.36 -47.89
N HIS I 148 2.00 13.32 -48.65
CA HIS I 148 2.37 13.50 -50.04
C HIS I 148 3.23 14.75 -50.19
N ILE I 149 4.43 14.58 -50.73
CA ILE I 149 5.32 15.71 -50.98
C ILE I 149 5.88 15.61 -52.40
N PRO I 150 5.71 16.67 -53.22
CA PRO I 150 6.26 16.73 -54.57
C PRO I 150 7.77 16.52 -54.58
N PHE I 151 8.25 15.63 -55.44
CA PHE I 151 9.65 15.23 -55.46
C PHE I 151 10.61 16.41 -55.56
N GLU I 152 10.41 17.27 -56.56
CA GLU I 152 11.29 18.43 -56.79
C GLU I 152 11.36 19.42 -55.60
N LEU I 153 10.48 19.24 -54.61
CA LEU I 153 10.36 20.15 -53.47
C LEU I 153 10.97 19.56 -52.18
N ALA I 154 11.56 18.37 -52.32
CA ALA I 154 12.25 17.69 -51.21
C ALA I 154 13.53 16.99 -51.70
N GLY I 155 13.43 16.39 -52.90
CA GLY I 155 14.56 15.72 -53.53
C GLY I 155 14.63 14.25 -53.14
N GLU I 156 15.84 13.70 -53.11
CA GLU I 156 16.05 12.31 -52.72
C GLU I 156 15.91 12.16 -51.21
N LEU I 157 15.03 11.24 -50.83
CA LEU I 157 14.70 11.00 -49.43
C LEU I 157 15.01 9.56 -49.04
N ASN I 158 15.44 9.36 -47.79
CA ASN I 158 15.81 8.04 -47.29
C ASN I 158 15.49 7.88 -45.81
N GLU I 159 15.89 6.74 -45.24
CA GLU I 159 15.63 6.40 -43.84
C GLU I 159 16.06 7.49 -42.85
N SER I 160 17.21 8.12 -43.11
CA SER I 160 17.70 9.22 -42.28
C SER I 160 16.74 10.41 -42.24
N HIS I 161 16.07 10.68 -43.35
CA HIS I 161 15.05 11.73 -43.44
C HIS I 161 13.77 11.35 -42.71
N PHE I 162 13.30 10.11 -42.94
CA PHE I 162 12.05 9.61 -42.37
C PHE I 162 12.11 9.50 -40.85
N GLN I 163 13.34 9.45 -40.33
CA GLN I 163 13.56 9.23 -38.92
C GLN I 163 13.41 10.51 -38.11
N SER I 164 13.49 11.66 -38.78
CA SER I 164 13.43 12.96 -38.11
C SER I 164 12.37 13.89 -38.70
N SER I 165 12.59 15.19 -38.54
CA SER I 165 11.65 16.21 -38.98
C SER I 165 11.73 16.44 -40.49
N ILE I 166 10.61 16.20 -41.16
CA ILE I 166 10.46 16.51 -42.58
C ILE I 166 10.39 18.03 -42.77
N TYR I 167 9.57 18.67 -41.95
CA TYR I 167 9.47 20.13 -41.91
C TYR I 167 10.84 20.79 -41.94
N ASP I 168 11.76 20.31 -41.10
CA ASP I 168 13.11 20.87 -41.05
C ASP I 168 13.91 20.63 -42.32
N HIS I 169 13.72 19.46 -42.93
CA HIS I 169 14.35 19.19 -44.23
C HIS I 169 13.81 20.12 -45.31
N ILE I 170 12.50 20.32 -45.33
CA ILE I 170 11.83 21.20 -46.29
C ILE I 170 12.51 22.59 -46.34
N GLU I 171 12.66 23.20 -45.16
CA GLU I 171 13.32 24.50 -45.05
C GLU I 171 14.79 24.46 -45.45
N ARG I 172 15.51 23.43 -45.00
CA ARG I 172 16.93 23.25 -45.31
C ARG I 172 17.21 22.99 -46.79
N TYR I 173 16.28 22.29 -47.46
CA TYR I 173 16.43 21.96 -48.88
C TYR I 173 16.09 23.18 -49.76
N ASN I 174 14.88 23.72 -49.58
CA ASN I 174 14.40 24.82 -50.41
C ASN I 174 15.05 26.16 -50.10
N SER I 175 15.67 26.27 -48.92
CA SER I 175 16.20 27.53 -48.40
C SER I 175 15.09 28.59 -48.29
N ILE I 176 13.95 28.17 -47.75
CA ILE I 176 12.81 29.06 -47.50
C ILE I 176 11.97 28.50 -46.33
N PRO I 177 11.60 29.37 -45.38
CA PRO I 177 10.82 28.95 -44.21
C PRO I 177 9.41 28.43 -44.53
N ILE I 178 8.85 27.70 -43.56
CA ILE I 178 7.44 27.30 -43.60
C ILE I 178 6.61 28.43 -42.98
N SER I 179 5.36 28.57 -43.41
CA SER I 179 4.56 29.76 -43.09
C SER I 179 3.15 29.52 -42.55
N ARG I 180 2.42 28.58 -43.16
CA ARG I 180 0.98 28.51 -42.97
C ARG I 180 0.44 27.10 -43.22
N ALA I 181 -0.69 26.78 -42.60
CA ALA I 181 -1.35 25.50 -42.81
C ALA I 181 -2.87 25.60 -42.70
N LYS I 182 -3.55 24.77 -43.49
CA LYS I 182 -4.97 24.55 -43.35
C LYS I 182 -5.12 23.17 -42.74
N GLN I 183 -6.01 23.06 -41.75
CA GLN I 183 -6.15 21.83 -40.99
C GLN I 183 -7.63 21.50 -40.74
N GLU I 184 -8.01 20.26 -41.02
CA GLU I 184 -9.35 19.74 -40.75
C GLU I 184 -9.28 18.62 -39.71
N LEU I 185 -10.25 18.59 -38.81
CA LEU I 185 -10.30 17.59 -37.77
C LEU I 185 -11.66 16.93 -37.71
N GLU I 186 -11.67 15.62 -37.61
CA GLU I 186 -12.91 14.87 -37.63
C GLU I 186 -12.77 13.69 -36.67
N PRO I 187 -13.82 13.40 -35.90
CA PRO I 187 -13.76 12.24 -35.02
C PRO I 187 -14.02 10.98 -35.83
N SER I 188 -13.48 9.84 -35.37
CA SER I 188 -13.68 8.59 -36.06
C SER I 188 -13.42 7.38 -35.15
N ALA I 189 -13.74 6.19 -35.65
CA ALA I 189 -13.42 4.96 -34.93
C ALA I 189 -12.28 4.26 -35.64
N ALA I 190 -11.28 3.80 -34.88
CA ALA I 190 -10.13 3.12 -35.47
C ALA I 190 -10.54 1.86 -36.21
N THR I 191 -10.11 1.73 -37.46
CA THR I 191 -10.21 0.49 -38.20
C THR I 191 -9.31 -0.57 -37.54
N THR I 192 -9.47 -1.82 -37.96
CA THR I 192 -8.70 -2.93 -37.39
C THR I 192 -7.18 -2.70 -37.45
N GLU I 193 -6.67 -2.25 -38.59
CA GLU I 193 -5.24 -2.15 -38.76
C GLU I 193 -4.64 -0.85 -38.22
N GLU I 194 -5.47 0.19 -38.07
CA GLU I 194 -5.10 1.39 -37.32
C GLU I 194 -5.01 1.06 -35.85
N ALA I 195 -6.03 0.38 -35.33
CA ALA I 195 -6.04 -0.05 -33.94
C ALA I 195 -4.80 -0.91 -33.62
N ASN I 196 -4.51 -1.90 -34.46
CA ASN I 196 -3.40 -2.81 -34.18
C ASN I 196 -2.06 -2.10 -34.11
N ILE I 197 -1.80 -1.24 -35.08
CA ILE I 197 -0.54 -0.51 -35.17
C ILE I 197 -0.43 0.53 -34.05
N LEU I 198 -1.56 1.13 -33.68
CA LEU I 198 -1.59 2.20 -32.70
C LEU I 198 -1.65 1.66 -31.27
N GLY I 199 -1.99 0.39 -31.10
CA GLY I 199 -2.04 -0.22 -29.77
C GLY I 199 -3.29 0.12 -29.00
N ILE I 200 -4.39 0.25 -29.74
CA ILE I 200 -5.69 0.50 -29.14
C ILE I 200 -6.67 -0.56 -29.66
N GLN I 201 -7.88 -0.56 -29.11
CA GLN I 201 -8.90 -1.53 -29.48
C GLN I 201 -9.56 -1.07 -30.76
N LYS I 202 -9.91 -2.05 -31.59
CA LYS I 202 -10.67 -1.84 -32.79
C LYS I 202 -11.89 -1.02 -32.41
N GLY I 203 -12.15 0.05 -33.15
CA GLY I 203 -13.30 0.89 -32.88
C GLY I 203 -13.09 2.07 -31.94
N ALA I 204 -11.97 2.09 -31.21
CA ALA I 204 -11.67 3.18 -30.26
C ALA I 204 -11.61 4.55 -30.94
N PRO I 205 -11.93 5.63 -30.20
CA PRO I 205 -11.93 6.96 -30.82
C PRO I 205 -10.55 7.42 -31.33
N VAL I 206 -10.57 8.11 -32.47
CA VAL I 206 -9.37 8.70 -33.07
C VAL I 206 -9.75 10.02 -33.75
N LEU I 207 -8.80 10.95 -33.77
CA LEU I 207 -8.97 12.15 -34.56
C LEU I 207 -8.38 11.97 -35.94
N LEU I 208 -9.19 12.21 -36.95
CA LEU I 208 -8.74 12.38 -38.33
C LEU I 208 -8.23 13.80 -38.49
N ILE I 209 -6.98 13.94 -38.91
CA ILE I 209 -6.42 15.26 -39.13
C ILE I 209 -5.86 15.36 -40.54
N LYS I 210 -6.41 16.31 -41.28
CA LYS I 210 -6.04 16.55 -42.67
C LYS I 210 -5.34 17.89 -42.72
N ARG I 211 -4.04 17.89 -43.02
CA ARG I 211 -3.28 19.14 -43.11
C ARG I 211 -2.63 19.37 -44.48
N THR I 212 -2.81 20.58 -44.99
CA THR I 212 -2.07 21.07 -46.16
C THR I 212 -1.18 22.21 -45.68
N THR I 213 0.14 22.05 -45.82
CA THR I 213 1.10 23.03 -45.34
C THR I 213 1.75 23.83 -46.48
N TYR I 214 1.81 25.15 -46.33
CA TYR I 214 2.29 26.04 -47.37
C TYR I 214 3.59 26.70 -46.95
N LEU I 215 4.42 27.07 -47.94
CA LEU I 215 5.63 27.84 -47.68
C LEU I 215 5.32 29.34 -47.65
N GLN I 216 6.31 30.14 -47.29
CA GLN I 216 6.17 31.59 -47.16
C GLN I 216 5.69 32.31 -48.42
N ASN I 217 5.98 31.72 -49.59
CA ASN I 217 5.54 32.34 -50.88
C ASN I 217 4.12 31.90 -51.37
N GLY I 218 3.48 30.96 -50.64
CA GLY I 218 2.09 30.53 -50.94
C GLY I 218 1.92 29.11 -51.46
N THR I 219 3.00 28.35 -51.52
CA THR I 219 2.95 27.02 -52.14
C THR I 219 2.89 25.86 -51.15
N ALA I 220 1.86 25.02 -51.34
CA ALA I 220 1.70 23.82 -50.54
C ALA I 220 2.87 22.86 -50.83
N PHE I 221 3.56 22.38 -49.77
CA PHE I 221 4.65 21.42 -49.96
C PHE I 221 4.28 20.03 -49.47
N GLU I 222 3.10 19.94 -48.85
CA GLU I 222 2.67 18.69 -48.24
C GLU I 222 1.17 18.66 -48.00
N HIS I 223 0.55 17.58 -48.46
CA HIS I 223 -0.78 17.22 -47.99
C HIS I 223 -0.65 15.99 -47.11
N ALA I 224 -1.24 16.07 -45.91
CA ALA I 224 -1.09 14.98 -44.92
C ALA I 224 -2.41 14.50 -44.33
N LYS I 225 -2.53 13.18 -44.20
CA LYS I 225 -3.64 12.56 -43.51
C LYS I 225 -3.14 11.77 -42.34
N SER I 226 -3.72 12.04 -41.16
CA SER I 226 -3.33 11.33 -39.95
C SER I 226 -4.50 10.80 -39.15
N VAL I 227 -4.24 9.74 -38.40
CA VAL I 227 -5.16 9.18 -37.42
C VAL I 227 -4.41 9.18 -36.09
N TYR I 228 -4.87 10.02 -35.14
CA TYR I 228 -4.26 10.13 -33.81
C TYR I 228 -5.11 9.41 -32.77
N ARG I 229 -4.45 8.72 -31.85
CA ARG I 229 -5.06 8.09 -30.68
C ARG I 229 -5.85 9.10 -29.85
N GLY I 230 -7.13 8.81 -29.62
CA GLY I 230 -7.96 9.67 -28.78
C GLY I 230 -7.68 9.57 -27.29
N ASP I 231 -6.89 8.56 -26.88
CA ASP I 231 -6.60 8.36 -25.45
C ASP I 231 -5.34 9.08 -25.00
N ARG I 232 -4.54 9.56 -25.96
CA ARG I 232 -3.25 10.20 -25.69
C ARG I 232 -3.15 11.58 -26.31
N TYR I 233 -4.10 11.94 -27.18
CA TYR I 233 -3.99 13.21 -27.91
C TYR I 233 -5.23 14.11 -27.85
N THR I 234 -5.06 15.34 -27.41
CA THR I 234 -6.08 16.36 -27.61
C THR I 234 -5.46 17.49 -28.42
N PHE I 235 -6.23 18.00 -29.38
CA PHE I 235 -5.84 19.18 -30.13
C PHE I 235 -6.25 20.42 -29.31
N VAL I 236 -5.29 21.33 -29.13
CA VAL I 236 -5.50 22.60 -28.42
C VAL I 236 -5.04 23.78 -29.28
N HIS I 237 -5.82 24.86 -29.29
CA HIS I 237 -5.42 26.06 -30.03
C HIS I 237 -6.23 27.30 -29.65
N TYR I 238 -5.59 28.46 -29.76
CA TYR I 238 -6.25 29.76 -29.62
C TYR I 238 -6.65 30.30 -31.00
N MET I 239 -7.72 31.09 -31.03
CA MET I 239 -8.20 31.75 -32.24
C MET I 239 -8.46 33.21 -31.95
N ASP I 240 -8.34 34.08 -32.96
CA ASP I 240 -8.45 35.54 -32.78
C ASP I 240 -9.78 36.16 -33.25
N ARG I 241 -9.92 37.46 -33.04
CA ARG I 241 -11.18 38.19 -33.24
C ARG I 241 -11.64 38.30 -34.69
N LEU I 242 -10.75 38.31 -35.67
CA LEU I 242 -11.18 38.50 -37.05
C LEU I 242 -12.04 39.75 -37.10
N MET J 1 -25.67 1.45 -15.45
CA MET J 1 -26.47 2.72 -15.28
C MET J 1 -25.59 3.89 -14.86
N ASN J 2 -24.44 4.03 -15.51
CA ASN J 2 -23.46 5.07 -15.20
C ASN J 2 -23.87 6.46 -15.69
N ILE J 3 -23.62 7.47 -14.85
CA ILE J 3 -23.77 8.87 -15.24
C ILE J 3 -22.41 9.43 -15.68
N ASN J 4 -22.38 10.01 -16.87
CA ASN J 4 -21.16 10.64 -17.38
C ASN J 4 -21.04 12.09 -16.91
N LYS J 5 -20.18 12.29 -15.90
CA LYS J 5 -19.92 13.62 -15.36
C LYS J 5 -19.29 14.55 -16.39
N GLN J 6 -18.58 13.96 -17.35
CA GLN J 6 -17.92 14.72 -18.41
C GLN J 6 -18.90 15.24 -19.48
N SER J 7 -20.03 14.49 -19.64
CA SER J 7 -21.03 14.80 -20.67
C SER J 7 -21.70 16.16 -20.45
N PRO J 8 -21.88 16.94 -21.54
CA PRO J 8 -22.49 18.27 -21.50
C PRO J 8 -23.96 18.24 -21.06
N ILE J 9 -24.55 17.05 -21.04
CA ILE J 9 -25.85 16.84 -20.44
C ILE J 9 -25.73 16.92 -18.91
N PRO J 10 -26.68 17.61 -18.24
CA PRO J 10 -26.64 17.66 -16.78
C PRO J 10 -26.88 16.29 -16.15
N ILE J 11 -26.25 16.03 -15.01
CA ILE J 11 -26.31 14.71 -14.37
C ILE J 11 -27.72 14.32 -13.93
N TYR J 12 -28.54 15.31 -13.53
CA TYR J 12 -29.96 15.06 -13.23
C TYR J 12 -30.70 14.63 -14.51
N TYR J 13 -30.53 15.39 -15.59
CA TYR J 13 -31.18 15.08 -16.86
C TYR J 13 -30.86 13.64 -17.22
N GLN J 14 -29.61 13.23 -16.97
CA GLN J 14 -29.17 11.87 -17.19
C GLN J 14 -29.80 10.90 -16.19
N ILE J 15 -30.02 11.36 -14.95
CA ILE J 15 -30.72 10.57 -13.95
C ILE J 15 -32.18 10.35 -14.35
N MET J 16 -32.80 11.37 -14.95
CA MET J 16 -34.16 11.28 -15.47
C MET J 16 -34.25 10.26 -16.62
N GLU J 17 -33.39 10.45 -17.63
CA GLU J 17 -33.40 9.62 -18.85
C GLU J 17 -33.08 8.16 -18.57
N GLN J 18 -32.15 7.92 -17.64
CA GLN J 18 -31.79 6.57 -17.21
C GLN J 18 -32.89 5.89 -16.40
N LEU J 19 -33.70 6.68 -15.71
CA LEU J 19 -34.81 6.16 -14.90
C LEU J 19 -36.10 5.94 -15.70
N LYS J 20 -36.35 6.79 -16.70
CA LYS J 20 -37.50 6.63 -17.59
C LYS J 20 -37.49 5.29 -18.33
N THR J 21 -36.32 4.94 -18.86
CA THR J 21 -36.11 3.67 -19.55
C THR J 21 -36.01 2.51 -18.56
N GLN J 22 -35.58 2.81 -17.33
CA GLN J 22 -35.54 1.82 -16.25
C GLN J 22 -36.95 1.48 -15.76
N ILE J 23 -37.83 2.47 -15.79
CA ILE J 23 -39.26 2.27 -15.50
C ILE J 23 -39.96 1.62 -16.68
N LYS J 24 -39.51 1.93 -17.90
CA LYS J 24 -40.08 1.37 -19.12
C LYS J 24 -39.69 -0.10 -19.30
N ASN J 25 -38.41 -0.41 -19.11
CA ASN J 25 -37.90 -1.78 -19.27
C ASN J 25 -38.37 -2.72 -18.16
N GLY J 26 -38.65 -2.15 -16.98
CA GLY J 26 -39.22 -2.90 -15.87
C GLY J 26 -38.21 -3.37 -14.84
N GLU J 27 -37.46 -2.42 -14.28
CA GLU J 27 -36.53 -2.72 -13.19
C GLU J 27 -37.25 -2.76 -11.83
N LEU J 28 -38.45 -2.16 -11.77
CA LEU J 28 -39.29 -2.18 -10.58
C LEU J 28 -40.78 -2.10 -10.93
N GLN J 29 -41.54 -3.10 -10.49
CA GLN J 29 -42.99 -3.18 -10.70
C GLN J 29 -43.72 -2.06 -9.96
N PRO J 30 -44.85 -1.57 -10.51
CA PRO J 30 -45.61 -0.46 -9.92
C PRO J 30 -46.10 -0.73 -8.49
N ASP J 31 -46.53 0.33 -7.80
CA ASP J 31 -46.94 0.28 -6.39
C ASP J 31 -45.81 -0.19 -5.45
N MET J 32 -44.57 0.11 -5.84
CA MET J 32 -43.37 -0.24 -5.06
C MET J 32 -42.46 0.99 -4.92
N PRO J 33 -42.06 1.33 -3.68
CA PRO J 33 -41.18 2.48 -3.47
C PRO J 33 -39.78 2.28 -4.05
N LEU J 34 -39.25 3.31 -4.70
CA LEU J 34 -37.91 3.28 -5.27
C LEU J 34 -36.86 3.57 -4.18
N PRO J 35 -35.59 3.55 -4.57
CA PRO J 35 -34.47 3.78 -3.66
C PRO J 35 -34.52 5.16 -3.00
N SER J 36 -33.84 5.30 -1.85
CA SER J 36 -33.80 6.55 -1.09
C SER J 36 -33.00 7.63 -1.83
N GLU J 37 -33.31 8.90 -1.52
CA GLU J 37 -32.59 10.05 -2.08
C GLU J 37 -31.12 10.06 -1.62
N ARG J 38 -30.87 9.52 -0.43
CA ARG J 38 -29.52 9.38 0.12
C ARG J 38 -28.86 8.10 -0.40
N GLU J 39 -29.67 7.16 -0.85
CA GLU J 39 -29.18 5.89 -1.39
C GLU J 39 -28.61 6.06 -2.80
N TYR J 40 -29.34 6.78 -3.66
CA TYR J 40 -28.94 7.02 -5.04
C TYR J 40 -27.77 8.01 -5.14
N ALA J 41 -27.71 8.95 -4.20
CA ALA J 41 -26.60 9.90 -4.12
C ALA J 41 -25.28 9.19 -3.84
N GLU J 42 -25.33 8.17 -2.99
CA GLU J 42 -24.18 7.34 -2.67
C GLU J 42 -23.89 6.30 -3.75
N GLN J 43 -24.95 5.90 -4.47
CA GLN J 43 -24.84 4.85 -5.51
C GLN J 43 -24.16 5.32 -6.80
N PHE J 44 -24.47 6.54 -7.22
CA PHE J 44 -23.90 7.12 -8.43
C PHE J 44 -22.64 7.97 -8.15
N GLY J 45 -22.57 8.51 -6.94
CA GLY J 45 -21.47 9.39 -6.54
C GLY J 45 -21.78 10.85 -6.81
N ILE J 46 -23.04 11.23 -6.61
CA ILE J 46 -23.52 12.58 -6.89
C ILE J 46 -24.16 13.23 -5.66
N SER J 47 -24.44 14.53 -5.77
CA SER J 47 -25.07 15.30 -4.69
C SER J 47 -26.54 14.95 -4.51
N ARG J 48 -27.02 15.02 -3.26
CA ARG J 48 -28.42 14.78 -2.95
C ARG J 48 -29.34 15.80 -3.63
N MET J 49 -28.82 17.00 -3.85
CA MET J 49 -29.55 18.05 -4.57
C MET J 49 -29.82 17.69 -6.03
N THR J 50 -28.81 17.13 -6.69
CA THR J 50 -28.91 16.70 -8.10
C THR J 50 -29.97 15.60 -8.25
N VAL J 51 -29.98 14.66 -7.31
CA VAL J 51 -30.94 13.56 -7.27
C VAL J 51 -32.35 14.08 -6.97
N ARG J 52 -32.43 15.14 -6.18
CA ARG J 52 -33.70 15.77 -5.84
C ARG J 52 -34.24 16.55 -7.03
N GLN J 53 -33.35 17.25 -7.74
CA GLN J 53 -33.71 18.03 -8.93
C GLN J 53 -34.33 17.16 -10.02
N ALA J 54 -33.87 15.92 -10.12
CA ALA J 54 -34.39 14.96 -11.09
C ALA J 54 -35.68 14.29 -10.60
N LEU J 55 -35.64 13.74 -9.39
CA LEU J 55 -36.80 13.03 -8.83
C LEU J 55 -38.06 13.88 -8.74
N SER J 56 -37.91 15.15 -8.36
CA SER J 56 -39.04 16.07 -8.27
C SER J 56 -39.53 16.52 -9.66
N ASN J 57 -38.60 16.69 -10.60
CA ASN J 57 -38.93 17.00 -11.99
C ASN J 57 -39.82 15.94 -12.63
N LEU J 58 -39.60 14.67 -12.23
CA LEU J 58 -40.37 13.55 -12.76
C LEU J 58 -41.72 13.36 -12.05
N VAL J 59 -41.87 13.99 -10.89
CA VAL J 59 -43.17 14.05 -10.21
C VAL J 59 -44.09 15.03 -10.94
N ASN J 60 -43.61 16.27 -11.17
CA ASN J 60 -44.33 17.29 -11.93
C ASN J 60 -44.65 16.88 -13.37
N GLU J 61 -43.95 15.84 -13.85
CA GLU J 61 -44.15 15.30 -15.18
C GLU J 61 -45.21 14.19 -15.16
N GLY J 62 -45.62 13.77 -13.96
CA GLY J 62 -46.71 12.81 -13.77
C GLY J 62 -46.32 11.34 -13.68
N LEU J 63 -45.10 11.02 -14.10
CA LEU J 63 -44.65 9.62 -14.15
C LEU J 63 -44.40 9.02 -12.77
N LEU J 64 -44.08 9.87 -11.79
CA LEU J 64 -43.77 9.39 -10.45
C LEU J 64 -44.61 10.12 -9.39
N TYR J 65 -45.06 9.36 -8.39
CA TYR J 65 -45.82 9.94 -7.27
C TYR J 65 -45.17 9.63 -5.92
N ARG J 66 -45.54 10.40 -4.89
CA ARG J 66 -45.10 10.13 -3.53
C ARG J 66 -46.29 9.90 -2.58
N LEU J 67 -46.10 8.99 -1.64
CA LEU J 67 -47.11 8.70 -0.62
C LEU J 67 -46.68 9.29 0.72
N LYS J 68 -47.64 9.48 1.62
CA LYS J 68 -47.38 10.08 2.93
C LYS J 68 -46.40 9.25 3.76
N GLY J 69 -45.17 9.75 3.84
CA GLY J 69 -44.09 9.11 4.61
C GLY J 69 -43.73 7.71 4.17
N ARG J 70 -43.67 7.49 2.86
CA ARG J 70 -43.41 6.15 2.31
C ARG J 70 -42.45 6.14 1.10
N GLY J 71 -42.05 7.32 0.64
CA GLY J 71 -41.05 7.44 -0.43
C GLY J 71 -41.59 7.84 -1.79
N THR J 72 -40.82 7.53 -2.83
CA THR J 72 -41.20 7.83 -4.21
C THR J 72 -41.54 6.55 -4.97
N PHE J 73 -42.65 6.59 -5.71
CA PHE J 73 -43.23 5.42 -6.38
C PHE J 73 -43.41 5.67 -7.87
N VAL J 74 -43.33 4.60 -8.66
CA VAL J 74 -43.60 4.66 -10.09
C VAL J 74 -45.10 4.56 -10.35
N SER J 75 -45.67 5.59 -10.97
CA SER J 75 -47.11 5.67 -11.22
C SER J 75 -47.67 4.41 -11.88
N LYS J 76 -48.79 3.92 -11.36
CA LYS J 76 -49.49 2.78 -11.95
C LYS J 76 -50.16 3.17 -13.27
N PRO J 77 -50.47 2.18 -14.10
CA PRO J 77 -51.01 2.42 -15.45
C PRO J 77 -52.49 2.82 -15.46
N LYS J 78 -52.76 4.03 -15.96
CA LYS J 78 -54.13 4.50 -16.16
C LYS J 78 -54.50 4.44 -17.65
N MET J 79 -54.99 3.27 -18.06
CA MET J 79 -55.15 2.95 -19.49
C MET J 79 -56.60 3.00 -20.01
N GLU J 80 -57.43 3.83 -19.38
CA GLU J 80 -58.83 3.96 -19.79
C GLU J 80 -58.98 4.70 -21.12
N GLN J 81 -58.58 5.98 -21.15
CA GLN J 81 -58.71 6.83 -22.32
C GLN J 81 -57.83 6.37 -23.50
N ALA J 82 -56.64 5.85 -23.18
CA ALA J 82 -55.69 5.39 -24.19
C ALA J 82 -56.18 4.19 -25.01
N LEU J 83 -56.65 3.16 -24.32
CA LEU J 83 -56.98 1.88 -24.97
C LEU J 83 -58.48 1.64 -25.24
N GLN J 84 -59.34 2.40 -24.58
CA GLN J 84 -60.79 2.27 -24.79
C GLN J 84 -61.41 3.54 -25.37
N GLY J 85 -60.66 4.65 -25.31
CA GLY J 85 -61.19 5.95 -25.74
C GLY J 85 -60.34 6.72 -26.75
N LEU J 86 -60.29 8.03 -26.55
CA LEU J 86 -59.59 8.96 -27.46
C LEU J 86 -58.67 9.93 -26.70
N THR J 87 -57.42 9.96 -27.12
CA THR J 87 -56.41 10.86 -26.58
C THR J 87 -55.75 11.60 -27.74
N SER J 88 -55.08 12.72 -27.44
CA SER J 88 -54.11 13.25 -28.41
C SER J 88 -52.70 12.93 -27.91
N PHE J 89 -51.71 13.13 -28.79
CA PHE J 89 -50.32 12.85 -28.52
C PHE J 89 -49.95 13.05 -27.04
N THR J 90 -50.33 14.20 -26.50
CA THR J 90 -50.02 14.60 -25.12
C THR J 90 -50.39 13.54 -24.07
N GLU J 91 -51.61 13.00 -24.15
CA GLU J 91 -52.09 12.00 -23.19
C GLU J 91 -51.63 10.56 -23.52
N ASP J 92 -51.52 10.25 -24.80
CA ASP J 92 -51.02 8.96 -25.25
C ASP J 92 -49.60 8.69 -24.72
N MET J 93 -48.73 9.70 -24.80
CA MET J 93 -47.34 9.59 -24.35
C MET J 93 -47.24 9.42 -22.83
N LYS J 94 -48.07 10.16 -22.09
CA LYS J 94 -48.11 10.07 -20.63
C LYS J 94 -48.53 8.68 -20.17
N SER J 95 -49.40 8.04 -20.95
CA SER J 95 -49.86 6.68 -20.67
C SER J 95 -48.86 5.60 -21.12
N ARG J 96 -47.85 6.02 -21.88
CA ARG J 96 -46.73 5.17 -22.25
C ARG J 96 -45.54 5.41 -21.31
N GLY J 97 -45.65 6.46 -20.49
CA GLY J 97 -44.63 6.79 -19.48
C GLY J 97 -43.57 7.77 -19.95
N MET J 98 -43.94 8.63 -20.89
CA MET J 98 -42.99 9.53 -21.58
C MET J 98 -43.45 10.97 -21.56
N THR J 99 -42.51 11.91 -21.50
CA THR J 99 -42.82 13.33 -21.47
C THR J 99 -43.07 13.90 -22.87
N PRO J 100 -44.33 14.29 -23.15
CA PRO J 100 -44.65 14.86 -24.46
C PRO J 100 -44.07 16.26 -24.62
N GLY J 101 -44.09 16.77 -25.85
CA GLY J 101 -43.54 18.07 -26.16
C GLY J 101 -43.53 18.26 -27.66
N SER J 102 -43.34 19.48 -28.11
CA SER J 102 -43.43 19.81 -29.53
C SER J 102 -42.51 20.95 -29.93
N ARG J 103 -41.95 20.84 -31.13
CA ARG J 103 -41.31 21.97 -31.78
C ARG J 103 -42.28 22.48 -32.85
N LEU J 104 -41.83 23.45 -33.64
CA LEU J 104 -42.64 23.95 -34.75
C LEU J 104 -41.83 23.99 -36.04
N ILE J 105 -42.41 23.40 -37.09
CA ILE J 105 -41.80 23.43 -38.42
C ILE J 105 -42.38 24.56 -39.28
N ASP J 106 -43.69 24.58 -39.45
CA ASP J 106 -44.37 25.60 -40.26
C ASP J 106 -45.72 26.04 -39.68
N TYR J 107 -46.11 27.29 -39.98
CA TYR J 107 -47.38 27.85 -39.52
C TYR J 107 -47.97 28.85 -40.52
N GLN J 108 -48.51 28.33 -41.62
CA GLN J 108 -49.09 29.16 -42.67
C GLN J 108 -50.61 29.02 -42.74
N LEU J 109 -51.32 30.06 -42.28
CA LEU J 109 -52.78 30.11 -42.32
C LEU J 109 -53.29 30.13 -43.77
N ILE J 110 -53.84 29.00 -44.20
CA ILE J 110 -54.17 28.76 -45.60
C ILE J 110 -55.63 29.07 -45.95
N ASP J 111 -55.88 29.34 -47.23
CA ASP J 111 -57.24 29.48 -47.76
C ASP J 111 -57.94 28.12 -47.81
N SER J 112 -59.26 28.14 -47.90
CA SER J 112 -60.04 26.90 -47.89
C SER J 112 -60.26 26.33 -49.29
N THR J 113 -59.82 25.08 -49.47
CA THR J 113 -60.01 24.36 -50.73
C THR J 113 -61.22 23.43 -50.61
N GLU J 114 -61.75 22.99 -51.75
CA GLU J 114 -62.86 22.03 -51.81
C GLU J 114 -62.54 20.74 -51.03
N GLU J 115 -61.27 20.36 -51.02
CA GLU J 115 -60.79 19.21 -50.26
C GLU J 115 -60.79 19.49 -48.76
N LEU J 116 -60.63 20.76 -48.39
CA LEU J 116 -60.64 21.18 -46.99
C LEU J 116 -62.05 21.52 -46.50
N ALA J 117 -62.96 21.73 -47.44
CA ALA J 117 -64.37 22.00 -47.12
C ALA J 117 -65.08 20.74 -46.65
N ALA J 118 -65.19 19.76 -47.54
CA ALA J 118 -65.86 18.49 -47.25
C ALA J 118 -65.15 17.64 -46.18
N ILE J 119 -63.91 18.01 -45.85
CA ILE J 119 -63.15 17.28 -44.83
C ILE J 119 -63.61 17.64 -43.42
N LEU J 120 -63.76 18.95 -43.16
CA LEU J 120 -64.02 19.45 -41.81
C LEU J 120 -65.31 20.27 -41.66
N GLY J 121 -66.12 20.31 -42.74
CA GLY J 121 -67.37 21.07 -42.75
C GLY J 121 -67.14 22.58 -42.64
N CYS J 122 -66.05 23.04 -43.25
CA CYS J 122 -65.63 24.44 -43.19
C CYS J 122 -66.10 25.23 -44.41
N GLY J 123 -66.31 26.54 -44.22
CA GLY J 123 -66.79 27.42 -45.28
C GLY J 123 -65.76 27.75 -46.33
N HIS J 124 -66.23 28.03 -47.55
CA HIS J 124 -65.36 28.43 -48.65
C HIS J 124 -65.68 29.87 -49.08
N PRO J 125 -64.70 30.78 -48.99
CA PRO J 125 -63.35 30.48 -48.49
C PRO J 125 -63.20 30.80 -47.00
N SER J 126 -62.02 30.48 -46.44
CA SER J 126 -61.75 30.69 -45.01
C SER J 126 -60.27 30.97 -44.72
N SER J 127 -59.93 31.05 -43.42
CA SER J 127 -58.55 31.24 -42.98
C SER J 127 -58.11 30.09 -42.05
N ILE J 128 -58.19 28.86 -42.56
CA ILE J 128 -57.84 27.64 -41.81
C ILE J 128 -56.37 27.62 -41.36
N HIS J 129 -56.15 27.24 -40.11
CA HIS J 129 -54.80 27.03 -39.57
C HIS J 129 -54.12 25.84 -40.24
N LYS J 130 -52.82 25.97 -40.49
CA LYS J 130 -52.00 24.82 -40.89
C LYS J 130 -50.75 24.78 -40.02
N ILE J 131 -50.82 23.99 -38.94
CA ILE J 131 -49.73 23.86 -37.99
C ILE J 131 -48.96 22.55 -38.21
N THR J 132 -47.70 22.68 -38.63
CA THR J 132 -46.84 21.51 -38.80
C THR J 132 -45.82 21.44 -37.65
N ARG J 133 -45.96 20.41 -36.81
CA ARG J 133 -45.15 20.28 -35.60
C ARG J 133 -44.43 18.95 -35.41
N VAL J 134 -43.18 19.02 -34.97
CA VAL J 134 -42.46 17.84 -34.52
C VAL J 134 -43.00 17.49 -33.15
N ARG J 135 -43.56 16.29 -33.02
CA ARG J 135 -44.00 15.80 -31.71
C ARG J 135 -42.85 14.97 -31.14
N LEU J 136 -42.48 15.24 -29.87
CA LEU J 136 -41.41 14.49 -29.22
C LEU J 136 -41.87 13.75 -27.96
N ALA J 137 -41.32 12.55 -27.75
CA ALA J 137 -41.45 11.83 -26.48
C ALA J 137 -40.07 11.74 -25.82
N ASN J 138 -39.98 12.27 -24.60
CA ASN J 138 -38.69 12.46 -23.90
C ASN J 138 -37.67 13.25 -24.74
N ASP J 139 -38.07 14.45 -25.17
CA ASP J 139 -37.22 15.37 -25.97
C ASP J 139 -36.67 14.79 -27.28
N ILE J 140 -37.17 13.62 -27.69
CA ILE J 140 -36.72 12.98 -28.93
C ILE J 140 -37.88 12.79 -29.90
N PRO J 141 -37.71 13.26 -31.15
CA PRO J 141 -38.74 13.14 -32.18
C PRO J 141 -39.50 11.80 -32.14
N MET J 142 -40.83 11.90 -32.22
CA MET J 142 -41.71 10.74 -32.35
C MET J 142 -42.51 10.82 -33.64
N ALA J 143 -43.04 12.01 -33.94
CA ALA J 143 -43.83 12.19 -35.16
C ALA J 143 -43.63 13.56 -35.84
N ILE J 144 -44.12 13.66 -37.07
CA ILE J 144 -44.30 14.94 -37.76
C ILE J 144 -45.80 15.09 -38.05
N GLU J 145 -46.41 16.17 -37.55
CA GLU J 145 -47.84 16.37 -37.67
C GLU J 145 -48.22 17.62 -38.44
N SER J 146 -49.15 17.48 -39.39
CA SER J 146 -49.81 18.60 -40.05
C SER J 146 -51.29 18.65 -39.64
N SER J 147 -51.66 19.70 -38.90
CA SER J 147 -53.02 19.84 -38.38
C SER J 147 -53.78 20.97 -39.07
N HIS J 148 -54.94 20.63 -39.64
CA HIS J 148 -55.83 21.61 -40.24
C HIS J 148 -57.00 21.92 -39.33
N ILE J 149 -56.98 23.09 -38.73
CA ILE J 149 -58.04 23.55 -37.84
C ILE J 149 -58.65 24.86 -38.36
N PRO J 150 -60.00 24.92 -38.46
CA PRO J 150 -60.70 26.12 -38.92
C PRO J 150 -60.45 27.32 -38.02
N PHE J 151 -60.35 28.51 -38.62
CA PHE J 151 -59.99 29.73 -37.88
C PHE J 151 -60.90 30.04 -36.69
N GLU J 152 -62.18 29.72 -36.81
CA GLU J 152 -63.14 29.93 -35.73
C GLU J 152 -63.47 28.62 -35.02
N ASN J 158 -50.39 33.09 -31.05
CA ASN J 158 -49.31 32.97 -30.07
C ASN J 158 -48.73 31.55 -30.03
N GLU J 159 -47.52 31.43 -29.49
CA GLU J 159 -46.83 30.14 -29.36
C GLU J 159 -47.19 29.40 -28.06
N SER J 160 -48.10 29.98 -27.29
CA SER J 160 -48.62 29.36 -26.06
C SER J 160 -49.55 28.19 -26.39
N HIS J 161 -50.26 28.31 -27.50
CA HIS J 161 -51.14 27.25 -27.99
C HIS J 161 -50.40 26.24 -28.90
N PHE J 162 -49.13 26.53 -29.17
CA PHE J 162 -48.26 25.63 -29.96
C PHE J 162 -47.39 24.74 -29.07
N GLN J 163 -46.69 25.33 -28.12
CA GLN J 163 -45.75 24.60 -27.26
C GLN J 163 -46.44 23.78 -26.16
N SER J 164 -47.73 23.51 -26.34
CA SER J 164 -48.53 22.71 -25.42
C SER J 164 -49.53 21.84 -26.19
N SER J 165 -50.60 21.41 -25.52
CA SER J 165 -51.61 20.56 -26.15
C SER J 165 -52.63 21.37 -26.94
N ILE J 166 -52.86 20.96 -28.18
CA ILE J 166 -53.84 21.59 -29.06
C ILE J 166 -55.28 21.24 -28.64
N TYR J 167 -55.44 20.05 -28.06
CA TYR J 167 -56.75 19.54 -27.64
C TYR J 167 -57.36 20.31 -26.46
N ASP J 168 -56.55 20.58 -25.45
CA ASP J 168 -56.99 21.35 -24.29
C ASP J 168 -57.42 22.77 -24.67
N HIS J 169 -56.69 23.39 -25.58
CA HIS J 169 -56.95 24.78 -25.99
C HIS J 169 -58.31 24.96 -26.67
N ILE J 170 -58.60 24.12 -27.66
CA ILE J 170 -59.85 24.17 -28.42
C ILE J 170 -61.06 23.80 -27.54
N GLU J 171 -60.80 22.99 -26.52
CA GLU J 171 -61.80 22.65 -25.51
C GLU J 171 -62.06 23.84 -24.57
N ARG J 172 -61.00 24.61 -24.30
CA ARG J 172 -61.09 25.81 -23.47
C ARG J 172 -61.49 27.07 -24.25
N TYR J 173 -61.38 27.00 -25.58
CA TYR J 173 -61.77 28.13 -26.44
C TYR J 173 -63.22 28.03 -26.93
N ASN J 174 -63.60 26.88 -27.48
CA ASN J 174 -64.95 26.66 -28.00
C ASN J 174 -65.97 26.33 -26.89
N SER J 175 -65.45 25.90 -25.73
CA SER J 175 -66.25 25.56 -24.53
C SER J 175 -67.03 24.24 -24.62
N ILE J 176 -66.77 23.46 -25.66
CA ILE J 176 -67.42 22.15 -25.86
C ILE J 176 -66.39 21.01 -25.81
N PRO J 177 -66.66 19.97 -24.98
CA PRO J 177 -65.76 18.83 -24.85
C PRO J 177 -65.62 18.01 -26.14
N ILE J 178 -64.39 17.61 -26.44
CA ILE J 178 -64.07 16.75 -27.58
C ILE J 178 -64.72 15.37 -27.36
N SER J 179 -65.16 14.75 -28.44
CA SER J 179 -65.97 13.54 -28.35
C SER J 179 -65.49 12.38 -29.23
N ARG J 180 -65.24 12.66 -30.50
CA ARG J 180 -65.04 11.60 -31.49
C ARG J 180 -63.88 11.87 -32.45
N ALA J 181 -63.32 10.80 -33.00
CA ALA J 181 -62.33 10.88 -34.07
C ALA J 181 -62.39 9.68 -35.03
N LYS J 182 -62.22 9.95 -36.33
CA LYS J 182 -62.12 8.88 -37.33
C LYS J 182 -60.67 8.69 -37.78
N GLN J 183 -59.99 7.70 -37.20
CA GLN J 183 -58.57 7.43 -37.46
C GLN J 183 -58.33 6.44 -38.60
N GLU J 184 -57.26 6.71 -39.37
CA GLU J 184 -56.87 5.93 -40.52
C GLU J 184 -55.35 5.84 -40.56
N LEU J 185 -54.83 4.62 -40.74
CA LEU J 185 -53.37 4.42 -40.82
C LEU J 185 -52.89 3.31 -41.76
N GLU J 186 -51.71 3.53 -42.34
CA GLU J 186 -51.06 2.56 -43.21
C GLU J 186 -49.54 2.61 -43.02
N PRO J 187 -48.82 1.58 -43.50
CA PRO J 187 -47.36 1.63 -43.35
C PRO J 187 -46.70 2.31 -44.56
N SER J 188 -45.53 2.91 -44.31
CA SER J 188 -44.74 3.55 -45.37
C SER J 188 -43.24 3.50 -45.09
N ALA J 189 -42.48 4.11 -45.99
CA ALA J 189 -41.05 4.23 -45.85
C ALA J 189 -40.73 5.71 -45.70
N ALA J 190 -39.91 6.04 -44.71
CA ALA J 190 -39.60 7.43 -44.43
C ALA J 190 -39.01 8.10 -45.66
N THR J 191 -39.49 9.29 -45.99
CA THR J 191 -38.83 10.09 -47.01
C THR J 191 -37.55 10.59 -46.38
N THR J 192 -36.59 11.01 -47.20
CA THR J 192 -35.34 11.57 -46.70
C THR J 192 -35.59 12.71 -45.71
N GLU J 193 -36.43 13.66 -46.12
CA GLU J 193 -36.73 14.84 -45.33
C GLU J 193 -37.29 14.41 -43.97
N GLU J 194 -38.33 13.56 -44.00
CA GLU J 194 -38.91 12.96 -42.79
C GLU J 194 -37.88 12.22 -41.96
N ALA J 195 -36.98 11.50 -42.64
CA ALA J 195 -35.93 10.72 -41.98
C ALA J 195 -34.99 11.58 -41.18
N ASN J 196 -34.39 12.58 -41.83
CA ASN J 196 -33.47 13.50 -41.17
C ASN J 196 -34.12 14.08 -39.91
N ILE J 197 -35.32 14.62 -40.08
CA ILE J 197 -36.07 15.26 -39.01
C ILE J 197 -36.36 14.30 -37.84
N LEU J 198 -36.81 13.09 -38.14
CA LEU J 198 -37.21 12.16 -37.08
C LEU J 198 -36.02 11.53 -36.36
N GLY J 199 -34.88 11.46 -37.05
CA GLY J 199 -33.67 10.84 -36.50
C GLY J 199 -33.51 9.40 -36.89
N ILE J 200 -33.97 9.05 -38.08
CA ILE J 200 -33.89 7.69 -38.59
C ILE J 200 -33.27 7.68 -39.99
N GLN J 201 -33.27 6.52 -40.64
CA GLN J 201 -32.70 6.41 -41.96
C GLN J 201 -33.76 6.66 -43.02
N LYS J 202 -33.34 7.20 -44.17
CA LYS J 202 -34.21 7.33 -45.33
C LYS J 202 -34.68 5.94 -45.73
N GLY J 203 -35.99 5.73 -45.69
CA GLY J 203 -36.56 4.44 -46.08
C GLY J 203 -37.05 3.57 -44.95
N ALA J 204 -36.75 3.98 -43.70
CA ALA J 204 -37.22 3.25 -42.51
C ALA J 204 -38.76 3.17 -42.35
N PRO J 205 -39.26 2.05 -41.76
CA PRO J 205 -40.67 1.88 -41.41
C PRO J 205 -41.26 3.07 -40.65
N VAL J 206 -42.41 3.53 -41.13
CA VAL J 206 -43.08 4.73 -40.64
C VAL J 206 -44.60 4.51 -40.70
N LEU J 207 -45.34 5.02 -39.71
CA LEU J 207 -46.80 4.90 -39.69
C LEU J 207 -47.51 6.20 -40.12
N LEU J 208 -48.33 6.10 -41.16
CA LEU J 208 -49.07 7.24 -41.67
C LEU J 208 -50.44 7.35 -40.99
N ILE J 209 -50.59 8.36 -40.13
CA ILE J 209 -51.81 8.49 -39.32
C ILE J 209 -52.69 9.67 -39.77
N LYS J 210 -53.84 9.34 -40.34
CA LYS J 210 -54.86 10.33 -40.73
C LYS J 210 -56.02 10.31 -39.73
N ARG J 211 -56.13 11.37 -38.93
CA ARG J 211 -57.20 11.48 -37.94
C ARG J 211 -58.10 12.70 -38.16
N THR J 212 -59.41 12.47 -38.09
CA THR J 212 -60.40 13.56 -38.05
C THR J 212 -61.08 13.60 -36.67
N THR J 213 -60.86 14.69 -35.94
CA THR J 213 -61.44 14.90 -34.61
C THR J 213 -62.69 15.79 -34.64
N TYR J 214 -63.64 15.48 -33.74
CA TYR J 214 -64.97 16.15 -33.67
C TYR J 214 -65.32 16.61 -32.25
N LEU J 215 -66.05 17.71 -32.14
CA LEU J 215 -66.53 18.20 -30.83
C LEU J 215 -67.74 17.41 -30.31
N GLN J 216 -68.33 17.88 -29.22
CA GLN J 216 -69.61 17.34 -28.73
C GLN J 216 -70.73 17.60 -29.75
N ASN J 217 -70.61 18.72 -30.45
CA ASN J 217 -71.55 19.13 -31.49
C ASN J 217 -71.60 18.18 -32.68
N GLY J 218 -70.46 17.55 -32.97
CA GLY J 218 -70.31 16.77 -34.20
C GLY J 218 -69.71 17.64 -35.30
N THR J 219 -69.30 18.85 -34.92
CA THR J 219 -68.71 19.82 -35.85
C THR J 219 -67.37 19.34 -36.41
N GLU J 222 -58.24 19.07 -35.75
CA GLU J 222 -59.51 18.58 -36.27
C GLU J 222 -59.32 17.66 -37.49
N HIS J 223 -58.45 18.07 -38.40
CA HIS J 223 -58.05 17.21 -39.52
C HIS J 223 -56.52 17.19 -39.60
N ALA J 224 -55.94 16.05 -39.25
CA ALA J 224 -54.49 15.95 -39.16
C ALA J 224 -53.89 14.70 -39.79
N LYS J 225 -52.78 14.90 -40.51
CA LYS J 225 -51.98 13.83 -41.09
C LYS J 225 -50.62 13.79 -40.39
N SER J 226 -50.20 12.60 -39.99
CA SER J 226 -48.96 12.43 -39.21
C SER J 226 -48.07 11.32 -39.75
N VAL J 227 -46.80 11.39 -39.38
CA VAL J 227 -45.82 10.35 -39.70
C VAL J 227 -45.16 9.91 -38.41
N TYR J 228 -45.36 8.65 -38.02
CA TYR J 228 -44.83 8.13 -36.75
C TYR J 228 -43.71 7.09 -36.96
N ARG J 229 -42.57 7.29 -36.30
CA ARG J 229 -41.43 6.38 -36.40
C ARG J 229 -41.83 4.95 -36.04
N GLY J 230 -41.41 3.99 -36.86
CA GLY J 230 -41.77 2.59 -36.67
C GLY J 230 -41.01 1.91 -35.53
N ASP J 231 -39.76 2.32 -35.32
CA ASP J 231 -38.90 1.76 -34.28
C ASP J 231 -39.32 2.17 -32.87
N ARG J 232 -40.26 3.11 -32.78
CA ARG J 232 -40.55 3.79 -31.51
C ARG J 232 -42.04 3.84 -31.15
N TYR J 233 -42.92 3.51 -32.10
CA TYR J 233 -44.36 3.66 -31.93
C TYR J 233 -45.20 2.47 -32.42
N THR J 234 -46.09 2.02 -31.54
CA THR J 234 -47.05 0.96 -31.84
C THR J 234 -48.45 1.44 -31.42
N PHE J 235 -49.40 1.36 -32.34
CA PHE J 235 -50.78 1.81 -32.09
C PHE J 235 -51.57 0.73 -31.34
N VAL J 236 -52.20 1.14 -30.22
CA VAL J 236 -53.02 0.24 -29.39
C VAL J 236 -54.43 0.81 -29.14
N HIS J 237 -55.47 0.00 -29.41
CA HIS J 237 -56.85 0.39 -29.14
C HIS J 237 -57.83 -0.78 -29.23
N TYR J 238 -58.81 -0.78 -28.33
CA TYR J 238 -59.84 -1.82 -28.24
C TYR J 238 -60.98 -1.64 -29.25
N MET J 239 -61.61 -2.76 -29.62
CA MET J 239 -62.80 -2.76 -30.48
C MET J 239 -63.95 -3.57 -29.87
N ASP J 240 -65.14 -2.98 -29.88
CA ASP J 240 -66.34 -3.63 -29.35
C ASP J 240 -67.30 -4.06 -30.47
N ARG J 241 -67.69 -5.33 -30.45
CA ARG J 241 -68.77 -5.83 -31.32
C ARG J 241 -70.06 -5.03 -31.12
N LEU J 242 -70.50 -4.36 -32.18
CA LEU J 242 -71.70 -3.53 -32.14
C LEU J 242 -72.95 -4.32 -32.52
#